data_4A16
#
_entry.id   4A16
#
_cell.length_a   137.940
_cell.length_b   171.930
_cell.length_c   225.320
_cell.angle_alpha   90.00
_cell.angle_beta   90.00
_cell.angle_gamma   90.00
#
_symmetry.space_group_name_H-M   'P 21 21 21'
#
loop_
_entity.id
_entity.type
_entity.pdbx_description
1 polymer ACETYLCHOLINESTERASE
2 non-polymer (1-{4-[(7S,11S)-12-AMINO-3-CHLORO-6,7,10,11-TETRAHYDRO-7,11-METHANOCYCLOOCTA[B]QUINOLIN-9-YL]BUTYL}-1H-1,2,3-TRIAZOL-4-YL)METHANOL
3 non-polymer 'SULFATE ION'
4 non-polymer 'CHLORIDE ION'
5 non-polymer 2-acetamido-2-deoxy-beta-D-glucopyranose
6 water water
#
_entity_poly.entity_id   1
_entity_poly.type   'polypeptide(L)'
_entity_poly.pdbx_seq_one_letter_code
;EDPQLLVRVRGGQLRGIRLKAPGGPVSAFLGIPFAEPPVGSRRFMPPEPKRPWSGVLDATTFQNVCYQYVDTLYPGFEGT
EMWNPNRELSEDCLYLNVWTPYPRPASPTPVLIWIYGGGFYSGAASLDVYDGRFLAQVEGAVLVSMNYRVGTFGFLALPG
SREAPGNVGLLDQRLALQWVQENIAAFGGDPMSVTLFGESAGAASVGMHILSLPSRSLFHRAVLQSGTPNGPWATVSAGE
ARRRATLLARLVGCPPGGAGGNDTELIACLRTRPAQDLVDHEWHVLPQESIFRFSFVPVVDGDFLSDTPEALINTGDFQD
LQVLVGVVKDEGSYFLVYGVPGFSKDNESLISRAQFLAGVRIGVPQASDLAAEAVVLHYTDWLHPEDPTHLRDAMSAVVG
DHNVVCPVAQLAGRLAAQGARVYAYIFEHRASTLTWPLWMGVPHGYEIEFIFGLPLDPSLNYTTEERIFAQRLMKYWTNF
ARTGDPNDPRDSKSPQWPPYTTAAQQYVSLNLKPLEVRRGLRAQTCAFWNRFLPKLLSATATEAP
;
_entity_poly.pdbx_strand_id   A,B,C,D
#
# COMPACT_ATOMS: atom_id res chain seq x y z
N GLU A 1 8.19 -9.04 -76.70
CA GLU A 1 8.26 -7.64 -76.10
C GLU A 1 6.95 -6.94 -76.29
N ASP A 2 6.03 -7.28 -75.38
CA ASP A 2 4.78 -6.57 -75.37
C ASP A 2 5.16 -5.19 -74.98
N PRO A 3 4.68 -4.22 -75.75
CA PRO A 3 4.62 -2.87 -75.18
C PRO A 3 3.88 -2.86 -73.81
N GLN A 4 3.16 -3.95 -73.47
CA GLN A 4 2.49 -4.06 -72.16
C GLN A 4 3.43 -4.55 -71.02
N LEU A 5 4.57 -5.17 -71.37
CA LEU A 5 5.45 -5.77 -70.40
C LEU A 5 6.71 -4.98 -70.19
N LEU A 6 6.90 -3.96 -70.98
CA LEU A 6 8.12 -3.20 -70.94
C LEU A 6 7.71 -1.85 -70.36
N VAL A 7 8.49 -1.33 -69.41
CA VAL A 7 8.16 -0.05 -68.72
C VAL A 7 9.45 0.70 -68.44
N ARG A 8 9.41 2.03 -68.59
CA ARG A 8 10.50 2.91 -68.11
C ARG A 8 10.02 3.62 -66.86
N VAL A 9 10.84 3.53 -65.81
CA VAL A 9 10.60 4.25 -64.57
C VAL A 9 11.80 5.17 -64.34
N ARG A 10 11.74 6.05 -63.33
CA ARG A 10 12.83 7.02 -63.19
C ARG A 10 14.22 6.43 -63.26
N GLY A 11 14.42 5.26 -62.69
CA GLY A 11 15.73 4.64 -62.63
C GLY A 11 16.17 3.94 -63.89
N GLY A 12 15.25 3.64 -64.79
CA GLY A 12 15.56 2.90 -66.02
C GLY A 12 14.42 2.01 -66.49
N GLN A 13 14.75 1.08 -67.36
CA GLN A 13 13.76 0.25 -67.96
C GLN A 13 13.66 -1.12 -67.32
N LEU A 14 12.47 -1.71 -67.41
CA LEU A 14 12.16 -2.98 -66.77
C LEU A 14 11.26 -3.81 -67.72
N ARG A 15 11.36 -5.13 -67.62
CA ARG A 15 10.49 -6.03 -68.34
C ARG A 15 9.78 -6.91 -67.34
N GLY A 16 8.45 -6.93 -67.31
CA GLY A 16 7.69 -7.82 -66.45
C GLY A 16 7.20 -9.06 -67.17
N ILE A 17 6.13 -9.66 -66.69
CA ILE A 17 5.72 -10.93 -67.21
C ILE A 17 4.20 -11.06 -67.33
N ARG A 18 3.74 -11.76 -68.36
CA ARG A 18 2.32 -12.01 -68.43
C ARG A 18 1.91 -13.25 -67.63
N LEU A 19 1.02 -13.12 -66.65
CA LEU A 19 0.66 -14.26 -65.81
C LEU A 19 -0.77 -14.65 -66.06
N LYS A 20 -1.14 -15.95 -65.88
CA LYS A 20 -2.57 -16.33 -65.97
C LYS A 20 -3.27 -16.21 -64.64
N ALA A 21 -4.26 -15.35 -64.54
CA ALA A 21 -5.14 -15.48 -63.41
C ALA A 21 -6.22 -16.42 -63.96
N PRO A 22 -7.13 -16.91 -63.10
CA PRO A 22 -8.25 -17.75 -63.55
C PRO A 22 -9.10 -17.13 -64.66
N GLY A 23 -9.47 -15.84 -64.53
CA GLY A 23 -10.37 -15.17 -65.45
C GLY A 23 -9.70 -14.48 -66.64
N GLY A 24 -8.39 -14.66 -66.84
CA GLY A 24 -7.67 -13.93 -67.89
C GLY A 24 -6.27 -13.47 -67.45
N PRO A 25 -5.45 -12.97 -68.39
CA PRO A 25 -4.04 -12.60 -68.03
C PRO A 25 -3.88 -11.35 -67.15
N VAL A 26 -2.76 -11.29 -66.42
CA VAL A 26 -2.39 -10.06 -65.72
C VAL A 26 -0.91 -9.81 -66.03
N SER A 27 -0.46 -8.56 -65.84
CA SER A 27 0.96 -8.19 -65.98
C SER A 27 1.60 -8.12 -64.60
N ALA A 28 2.78 -8.70 -64.43
CA ALA A 28 3.42 -8.66 -63.11
C ALA A 28 4.83 -8.17 -63.30
N PHE A 29 5.26 -7.26 -62.45
CA PHE A 29 6.63 -6.76 -62.53
C PHE A 29 7.13 -6.99 -61.13
N LEU A 30 7.92 -8.06 -60.97
CA LEU A 30 8.38 -8.56 -59.68
C LEU A 30 9.87 -8.29 -59.50
N GLY A 31 10.30 -7.97 -58.27
CA GLY A 31 11.71 -7.75 -57.99
C GLY A 31 12.27 -6.43 -58.47
N ILE A 32 11.53 -5.35 -58.30
CA ILE A 32 12.05 -4.08 -58.74
C ILE A 32 12.83 -3.47 -57.59
N PRO A 33 14.08 -3.07 -57.84
CA PRO A 33 14.84 -2.52 -56.74
C PRO A 33 14.37 -1.12 -56.45
N PHE A 34 14.08 -0.81 -55.19
CA PHE A 34 13.69 0.56 -54.85
C PHE A 34 14.72 1.22 -53.95
N ALA A 35 15.73 0.48 -53.54
CA ALA A 35 16.78 1.08 -52.73
C ALA A 35 18.11 0.42 -53.06
N GLU A 36 19.19 1.09 -52.69
CA GLU A 36 20.52 0.52 -52.81
C GLU A 36 20.55 -0.59 -51.77
N PRO A 37 21.10 -1.78 -52.09
CA PRO A 37 21.14 -2.88 -51.11
C PRO A 37 21.63 -2.45 -49.71
N PRO A 38 20.86 -2.68 -48.63
CA PRO A 38 21.38 -2.07 -47.40
C PRO A 38 22.39 -2.98 -46.72
N VAL A 39 23.51 -3.29 -47.39
CA VAL A 39 24.48 -4.27 -46.87
C VAL A 39 25.77 -3.59 -46.40
N GLY A 40 26.67 -4.35 -45.77
CA GLY A 40 27.98 -3.85 -45.48
C GLY A 40 27.85 -2.70 -44.56
N SER A 41 28.34 -1.52 -44.94
CA SER A 41 28.35 -0.41 -44.00
C SER A 41 27.01 0.27 -43.90
N ARG A 42 26.09 -0.24 -44.70
CA ARG A 42 24.74 0.30 -44.76
C ARG A 42 23.75 -0.51 -43.87
N ARG A 43 24.24 -1.57 -43.23
CA ARG A 43 23.43 -2.28 -42.26
C ARG A 43 23.02 -1.34 -41.13
N PHE A 44 21.71 -1.36 -40.80
CA PHE A 44 21.09 -0.56 -39.73
C PHE A 44 20.86 0.85 -40.17
N MET A 45 21.39 1.22 -41.31
CA MET A 45 21.20 2.63 -41.80
C MET A 45 19.93 2.86 -42.56
N PRO A 46 19.44 4.09 -42.58
CA PRO A 46 18.25 4.42 -43.43
C PRO A 46 18.43 3.98 -44.88
N PRO A 47 17.36 3.63 -45.62
CA PRO A 47 17.74 3.17 -46.98
C PRO A 47 18.14 4.35 -47.92
N GLU A 48 18.95 4.10 -48.93
CA GLU A 48 19.25 5.12 -49.93
C GLU A 48 18.48 4.76 -51.20
N PRO A 49 17.95 5.76 -51.89
CA PRO A 49 17.23 5.54 -53.16
C PRO A 49 18.11 4.75 -54.12
N LYS A 50 17.50 3.80 -54.85
CA LYS A 50 18.21 2.98 -55.77
C LYS A 50 18.83 3.83 -56.87
N ARG A 51 20.09 3.56 -57.20
CA ARG A 51 20.79 4.33 -58.24
C ARG A 51 20.27 3.94 -59.65
N PRO A 52 20.18 4.91 -60.62
CA PRO A 52 19.66 4.55 -61.98
C PRO A 52 20.47 3.44 -62.64
N TRP A 53 19.83 2.61 -63.45
CA TRP A 53 20.54 1.51 -64.10
C TRP A 53 20.40 1.65 -65.59
N SER A 54 21.16 0.87 -66.33
CA SER A 54 21.02 0.93 -67.75
C SER A 54 20.70 -0.49 -68.22
N GLY A 55 20.15 -0.60 -69.43
CA GLY A 55 19.65 -1.89 -69.93
C GLY A 55 18.23 -2.12 -69.44
N VAL A 56 17.68 -3.26 -69.76
CA VAL A 56 16.32 -3.52 -69.32
C VAL A 56 16.46 -4.43 -68.14
N LEU A 57 16.04 -4.00 -66.97
CA LEU A 57 16.10 -4.86 -65.82
C LEU A 57 15.05 -5.95 -65.96
N ASP A 58 15.43 -7.19 -65.66
CA ASP A 58 14.52 -8.30 -65.72
C ASP A 58 13.64 -8.28 -64.45
N ALA A 59 12.37 -7.92 -64.60
CA ALA A 59 11.46 -7.91 -63.45
C ALA A 59 10.41 -9.01 -63.55
N THR A 60 10.88 -10.22 -63.78
CA THR A 60 9.92 -11.29 -64.02
C THR A 60 9.82 -12.27 -62.87
N THR A 61 10.65 -12.19 -61.83
CA THR A 61 10.54 -13.13 -60.68
C THR A 61 10.79 -12.48 -59.29
N PHE A 62 10.34 -13.08 -58.21
CA PHE A 62 10.43 -12.47 -56.88
C PHE A 62 11.88 -12.43 -56.45
N GLN A 63 12.24 -11.40 -55.71
CA GLN A 63 13.61 -11.25 -55.25
C GLN A 63 13.86 -11.90 -53.86
N ASN A 64 15.07 -11.77 -53.29
CA ASN A 64 15.35 -12.43 -52.00
C ASN A 64 14.48 -11.85 -50.87
N VAL A 65 14.17 -12.69 -49.89
CA VAL A 65 13.50 -12.34 -48.66
C VAL A 65 14.51 -11.73 -47.65
N CYS A 66 14.10 -10.68 -46.93
CA CYS A 66 14.95 -10.04 -45.95
C CYS A 66 15.33 -11.05 -44.90
N TYR A 67 16.53 -10.97 -44.35
CA TYR A 67 16.99 -11.92 -43.34
C TYR A 67 16.08 -11.98 -42.17
N GLN A 68 15.77 -13.19 -41.71
CA GLN A 68 14.81 -13.29 -40.64
C GLN A 68 14.83 -14.64 -40.01
N TYR A 69 14.27 -14.67 -38.80
CA TYR A 69 14.13 -15.84 -38.01
C TYR A 69 13.09 -16.71 -38.70
N VAL A 70 13.37 -17.99 -38.86
CA VAL A 70 12.37 -18.91 -39.41
C VAL A 70 11.79 -19.74 -38.31
N ASP A 71 10.50 -19.67 -38.25
CA ASP A 71 9.75 -20.33 -37.25
C ASP A 71 9.81 -21.86 -37.47
N THR A 72 9.82 -22.60 -36.36
CA THR A 72 9.94 -24.07 -36.43
C THR A 72 8.93 -24.80 -35.53
N LEU A 73 7.88 -24.08 -35.16
CA LEU A 73 6.89 -24.65 -34.30
C LEU A 73 6.42 -26.08 -34.68
N TYR A 74 5.96 -26.27 -35.90
CA TYR A 74 5.60 -27.62 -36.30
C TYR A 74 6.25 -28.01 -37.61
N PRO A 75 7.49 -28.46 -37.54
CA PRO A 75 8.26 -28.71 -38.77
C PRO A 75 7.51 -29.65 -39.72
N GLY A 76 7.41 -29.29 -41.00
CA GLY A 76 6.61 -30.05 -41.96
C GLY A 76 5.10 -29.78 -42.01
N PHE A 77 4.57 -28.98 -41.09
CA PHE A 77 3.13 -28.75 -41.05
C PHE A 77 2.73 -27.67 -42.07
N GLU A 78 1.73 -27.95 -42.91
CA GLU A 78 1.30 -26.95 -43.92
CA GLU A 78 1.22 -26.99 -43.90
C GLU A 78 0.83 -25.66 -43.28
N GLY A 79 0.11 -25.77 -42.16
CA GLY A 79 -0.44 -24.62 -41.53
C GLY A 79 0.59 -23.64 -41.06
N THR A 80 1.79 -24.08 -40.77
CA THR A 80 2.77 -23.13 -40.27
C THR A 80 3.64 -22.74 -41.45
N GLU A 81 3.68 -23.58 -42.48
CA GLU A 81 4.74 -23.43 -43.46
C GLU A 81 4.39 -22.51 -44.63
N MET A 82 3.09 -22.30 -44.82
CA MET A 82 2.68 -21.36 -45.81
C MET A 82 3.15 -19.95 -45.41
N TRP A 83 3.60 -19.73 -44.19
CA TRP A 83 3.98 -18.41 -43.81
C TRP A 83 5.44 -18.17 -43.94
N ASN A 84 6.24 -19.20 -44.16
CA ASN A 84 7.72 -19.06 -44.17
C ASN A 84 8.29 -18.55 -45.45
N PRO A 85 9.42 -17.90 -45.36
CA PRO A 85 10.15 -17.48 -46.56
C PRO A 85 10.17 -18.53 -47.68
N ASN A 86 9.91 -18.08 -48.91
CA ASN A 86 9.88 -18.95 -50.06
C ASN A 86 10.93 -18.56 -51.11
N ARG A 87 11.88 -17.68 -50.77
CA ARG A 87 13.09 -17.40 -51.59
C ARG A 87 14.26 -17.33 -50.65
N GLU A 88 15.49 -17.32 -51.14
CA GLU A 88 16.69 -17.20 -50.25
C GLU A 88 16.66 -15.95 -49.37
N LEU A 89 17.16 -16.12 -48.15
CA LEU A 89 17.38 -15.02 -47.24
C LEU A 89 18.59 -14.24 -47.74
N SER A 90 18.54 -12.92 -47.66
CA SER A 90 19.61 -12.07 -48.03
C SER A 90 19.37 -10.67 -47.47
N GLU A 91 20.46 -9.98 -47.13
CA GLU A 91 20.33 -8.61 -46.74
C GLU A 91 20.00 -7.80 -47.98
N ASP A 92 20.33 -8.30 -49.19
CA ASP A 92 20.02 -7.54 -50.36
C ASP A 92 18.59 -7.93 -50.70
N CYS A 93 17.64 -7.12 -50.24
CA CYS A 93 16.28 -7.56 -50.23
C CYS A 93 15.23 -6.45 -50.46
N LEU A 94 15.64 -5.20 -50.73
CA LEU A 94 14.71 -4.08 -50.84
C LEU A 94 14.17 -4.00 -52.28
N TYR A 95 13.12 -4.77 -52.53
CA TYR A 95 12.57 -4.91 -53.84
C TYR A 95 11.04 -4.79 -53.74
N LEU A 96 10.37 -4.31 -54.80
CA LEU A 96 8.91 -4.29 -54.75
C LEU A 96 8.28 -5.02 -55.92
N ASN A 97 6.96 -5.23 -55.87
CA ASN A 97 6.26 -5.99 -56.88
C ASN A 97 4.99 -5.24 -57.32
N VAL A 98 4.70 -5.16 -58.63
CA VAL A 98 3.52 -4.48 -59.07
C VAL A 98 2.73 -5.48 -59.91
N TRP A 99 1.40 -5.49 -59.76
CA TRP A 99 0.54 -6.31 -60.58
C TRP A 99 -0.50 -5.36 -61.17
N THR A 100 -0.72 -5.42 -62.49
CA THR A 100 -1.79 -4.64 -63.08
C THR A 100 -2.52 -5.56 -64.00
N PRO A 101 -3.77 -5.15 -64.38
CA PRO A 101 -4.52 -5.74 -65.52
C PRO A 101 -3.59 -5.85 -66.73
N TYR A 102 -3.83 -6.83 -67.58
CA TYR A 102 -3.16 -6.96 -68.88
C TYR A 102 -4.23 -6.90 -69.94
N PRO A 103 -4.13 -5.99 -70.89
CA PRO A 103 -3.21 -4.91 -71.09
C PRO A 103 -3.26 -3.93 -69.92
N ARG A 104 -2.20 -3.17 -69.74
CA ARG A 104 -2.15 -2.16 -68.69
C ARG A 104 -3.43 -1.31 -68.80
N PRO A 105 -4.01 -0.85 -67.67
CA PRO A 105 -5.33 -0.19 -67.74
C PRO A 105 -5.29 1.16 -68.48
N ALA A 106 -6.42 1.53 -69.13
CA ALA A 106 -6.50 2.77 -69.92
C ALA A 106 -6.65 4.02 -69.05
N SER A 107 -7.44 3.97 -67.94
CA SER A 107 -7.51 5.11 -66.99
C SER A 107 -6.63 4.85 -65.81
N PRO A 108 -6.13 5.93 -65.20
CA PRO A 108 -5.51 5.86 -63.90
C PRO A 108 -6.34 5.02 -62.95
N THR A 109 -5.72 3.96 -62.45
CA THR A 109 -6.36 3.00 -61.53
C THR A 109 -6.00 3.19 -60.05
N PRO A 110 -6.97 3.15 -59.13
CA PRO A 110 -6.54 3.24 -57.74
C PRO A 110 -5.53 2.16 -57.35
N VAL A 111 -4.49 2.61 -56.62
CA VAL A 111 -3.39 1.78 -56.22
C VAL A 111 -3.61 1.24 -54.80
N LEU A 112 -3.36 -0.06 -54.66
CA LEU A 112 -3.38 -0.69 -53.34
C LEU A 112 -1.98 -1.09 -52.99
N ILE A 113 -1.51 -0.66 -51.82
CA ILE A 113 -0.13 -1.00 -51.38
C ILE A 113 -0.22 -1.91 -50.16
N TRP A 114 0.28 -3.12 -50.30
CA TRP A 114 0.25 -4.07 -49.21
C TRP A 114 1.57 -4.11 -48.44
N ILE A 115 1.45 -4.05 -47.11
CA ILE A 115 2.58 -4.20 -46.17
C ILE A 115 2.38 -5.47 -45.32
N TYR A 116 3.14 -6.51 -45.58
CA TYR A 116 2.96 -7.72 -44.77
C TYR A 116 3.30 -7.54 -43.27
N GLY A 117 2.71 -8.43 -42.47
CA GLY A 117 3.11 -8.47 -41.09
C GLY A 117 3.99 -9.66 -40.77
N GLY A 118 4.10 -9.95 -39.48
CA GLY A 118 5.07 -10.89 -39.00
C GLY A 118 5.77 -10.36 -37.77
N GLY A 119 5.10 -9.62 -36.87
CA GLY A 119 5.74 -9.23 -35.61
C GLY A 119 7.01 -8.39 -35.74
N PHE A 120 7.21 -7.74 -36.87
CA PHE A 120 8.41 -6.97 -37.16
C PHE A 120 9.67 -7.84 -37.21
N TYR A 121 9.51 -9.16 -37.15
CA TYR A 121 10.64 -10.04 -37.32
C TYR A 121 10.52 -11.06 -38.48
N SER A 122 9.41 -11.08 -39.23
CA SER A 122 9.34 -12.02 -40.34
C SER A 122 8.40 -11.52 -41.38
N GLY A 123 8.28 -12.24 -42.48
CA GLY A 123 7.34 -11.84 -43.57
C GLY A 123 8.04 -11.64 -44.91
N ALA A 124 7.31 -11.79 -46.00
CA ALA A 124 7.89 -11.49 -47.33
C ALA A 124 6.72 -11.10 -48.24
N ALA A 125 6.95 -10.24 -49.23
CA ALA A 125 5.84 -9.85 -50.15
C ALA A 125 5.57 -10.97 -51.14
N SER A 126 6.46 -11.94 -51.20
CA SER A 126 6.35 -13.05 -52.13
C SER A 126 5.54 -14.24 -51.67
N LEU A 127 5.00 -14.25 -50.45
CA LEU A 127 4.21 -15.41 -50.04
C LEU A 127 3.01 -15.54 -50.97
N ASP A 128 2.62 -16.80 -51.19
CA ASP A 128 1.47 -17.11 -52.00
C ASP A 128 0.23 -16.40 -51.53
N VAL A 129 0.08 -16.17 -50.22
CA VAL A 129 -1.17 -15.55 -49.79
C VAL A 129 -1.22 -14.07 -50.11
N TYR A 130 -0.06 -13.49 -50.50
CA TYR A 130 -0.01 -12.06 -50.82
C TYR A 130 -0.01 -11.82 -52.30
N ASP A 131 -0.38 -12.82 -53.12
CA ASP A 131 -0.39 -12.73 -54.59
C ASP A 131 -1.45 -11.73 -55.14
N GLY A 132 -0.99 -10.72 -55.88
CA GLY A 132 -1.86 -9.64 -56.27
C GLY A 132 -2.60 -9.96 -57.57
N ARG A 133 -2.42 -11.14 -58.16
CA ARG A 133 -2.99 -11.34 -59.47
C ARG A 133 -4.55 -11.38 -59.46
N PHE A 134 -5.18 -11.78 -58.35
CA PHE A 134 -6.62 -11.87 -58.35
C PHE A 134 -7.20 -10.50 -58.27
N LEU A 135 -6.69 -9.63 -57.44
CA LEU A 135 -7.26 -8.31 -57.31
C LEU A 135 -7.04 -7.54 -58.60
N ALA A 136 -5.97 -7.91 -59.30
CA ALA A 136 -5.58 -7.17 -60.48
C ALA A 136 -6.58 -7.57 -61.62
N GLN A 137 -6.74 -8.88 -61.80
CA GLN A 137 -7.54 -9.40 -62.86
C GLN A 137 -9.00 -9.18 -62.62
N VAL A 138 -9.46 -9.51 -61.43
CA VAL A 138 -10.89 -9.39 -61.18
C VAL A 138 -11.38 -7.96 -60.94
N GLU A 139 -10.63 -7.12 -60.22
CA GLU A 139 -11.11 -5.78 -59.88
C GLU A 139 -10.35 -4.72 -60.59
N GLY A 140 -9.50 -5.14 -61.48
CA GLY A 140 -8.77 -4.19 -62.27
C GLY A 140 -7.74 -3.40 -61.48
N ALA A 141 -7.39 -3.89 -60.27
CA ALA A 141 -6.52 -3.16 -59.32
C ALA A 141 -5.04 -3.05 -59.75
N VAL A 142 -4.38 -1.95 -59.42
CA VAL A 142 -2.91 -1.95 -59.40
C VAL A 142 -2.50 -2.20 -57.94
N LEU A 143 -1.87 -3.34 -57.75
CA LEU A 143 -1.40 -3.79 -56.45
C LEU A 143 0.11 -3.76 -56.41
N VAL A 144 0.65 -3.16 -55.34
CA VAL A 144 2.09 -3.10 -55.07
C VAL A 144 2.41 -3.74 -53.72
N SER A 145 3.52 -4.46 -53.60
CA SER A 145 3.93 -4.86 -52.29
C SER A 145 5.46 -4.79 -52.20
N MET A 146 6.01 -4.39 -51.06
CA MET A 146 7.49 -4.31 -50.89
C MET A 146 7.99 -5.23 -49.83
N ASN A 147 9.25 -5.63 -49.96
CA ASN A 147 9.98 -6.19 -48.85
C ASN A 147 10.51 -5.02 -48.03
N TYR A 148 10.52 -5.18 -46.71
CA TYR A 148 11.16 -4.16 -45.84
C TYR A 148 11.98 -4.93 -44.78
N ARG A 149 13.05 -4.34 -44.29
CA ARG A 149 13.94 -5.06 -43.35
C ARG A 149 13.22 -5.37 -42.04
N VAL A 150 13.40 -6.58 -41.55
CA VAL A 150 12.75 -6.97 -40.31
C VAL A 150 13.82 -7.37 -39.26
N GLY A 151 13.38 -7.66 -38.03
CA GLY A 151 14.30 -7.97 -36.95
C GLY A 151 15.39 -6.93 -36.69
N THR A 152 16.56 -7.37 -36.30
CA THR A 152 17.62 -6.42 -36.02
C THR A 152 17.85 -5.53 -37.23
N PHE A 153 17.94 -6.09 -38.42
CA PHE A 153 18.23 -5.34 -39.65
C PHE A 153 17.33 -4.17 -39.84
N GLY A 154 16.09 -4.30 -39.41
CA GLY A 154 15.09 -3.28 -39.67
C GLY A 154 14.85 -2.40 -38.47
N PHE A 155 15.09 -2.90 -37.24
CA PHE A 155 14.67 -2.18 -36.01
C PHE A 155 15.66 -2.11 -34.85
N LEU A 156 16.84 -2.69 -34.99
CA LEU A 156 17.87 -2.48 -33.96
C LEU A 156 18.21 -1.00 -33.90
N ALA A 157 18.13 -0.41 -32.71
CA ALA A 157 18.38 1.01 -32.56
C ALA A 157 19.32 1.38 -31.39
N LEU A 158 20.20 2.33 -31.65
CA LEU A 158 20.81 3.07 -30.55
C LEU A 158 20.28 4.43 -30.67
N PRO A 159 19.16 4.70 -30.00
CA PRO A 159 18.47 5.98 -30.35
C PRO A 159 19.38 7.16 -30.15
N GLY A 160 19.35 8.11 -31.08
CA GLY A 160 20.22 9.30 -31.04
C GLY A 160 21.48 9.12 -31.87
N SER A 161 21.89 7.89 -32.12
CA SER A 161 23.09 7.66 -32.87
C SER A 161 22.84 7.87 -34.35
N ARG A 162 23.94 8.05 -35.07
CA ARG A 162 23.85 8.27 -36.51
C ARG A 162 23.82 6.95 -37.21
N GLU A 163 24.59 5.98 -36.66
CA GLU A 163 24.87 4.70 -37.28
CA GLU A 163 24.77 4.75 -37.41
C GLU A 163 23.84 3.59 -37.10
N ALA A 164 22.80 3.87 -36.31
CA ALA A 164 21.70 2.94 -36.03
C ALA A 164 20.60 3.75 -35.39
N PRO A 165 19.90 4.54 -36.22
CA PRO A 165 18.92 5.45 -35.66
C PRO A 165 17.62 4.76 -35.30
N GLY A 166 17.31 3.60 -35.85
CA GLY A 166 16.04 2.99 -35.58
C GLY A 166 14.93 3.29 -36.62
N ASN A 167 13.90 2.45 -36.62
CA ASN A 167 12.82 2.57 -37.55
C ASN A 167 13.24 2.41 -39.01
N VAL A 168 14.42 1.87 -39.30
CA VAL A 168 14.83 1.82 -40.71
C VAL A 168 13.98 0.92 -41.57
N GLY A 169 13.33 -0.08 -40.98
CA GLY A 169 12.31 -0.83 -41.74
C GLY A 169 11.08 0.02 -42.13
N LEU A 170 10.64 0.91 -41.25
CA LEU A 170 9.61 1.88 -41.59
C LEU A 170 10.03 2.79 -42.74
N LEU A 171 11.30 3.18 -42.73
CA LEU A 171 11.89 3.98 -43.78
C LEU A 171 11.96 3.17 -45.08
N ASP A 172 12.30 1.86 -45.02
CA ASP A 172 12.21 1.04 -46.20
C ASP A 172 10.78 1.18 -46.79
N GLN A 173 9.76 1.01 -45.96
CA GLN A 173 8.41 1.08 -46.45
C GLN A 173 8.16 2.46 -47.05
N ARG A 174 8.66 3.52 -46.39
CA ARG A 174 8.34 4.84 -46.83
C ARG A 174 8.99 5.08 -48.16
N LEU A 175 10.13 4.48 -48.44
CA LEU A 175 10.81 4.77 -49.69
C LEU A 175 10.03 4.10 -50.85
N ALA A 176 9.50 2.90 -50.60
CA ALA A 176 8.60 2.20 -51.52
C ALA A 176 7.38 3.09 -51.71
N LEU A 177 6.86 3.72 -50.66
CA LEU A 177 5.70 4.60 -50.88
C LEU A 177 6.04 5.75 -51.81
N GLN A 178 7.26 6.29 -51.72
CA GLN A 178 7.72 7.38 -52.58
C GLN A 178 7.81 6.88 -53.99
N TRP A 179 8.48 5.74 -54.16
CA TRP A 179 8.60 5.09 -55.45
C TRP A 179 7.24 4.93 -56.13
N VAL A 180 6.20 4.51 -55.41
CA VAL A 180 4.85 4.56 -55.92
C VAL A 180 4.40 5.92 -56.44
N GLN A 181 4.48 7.02 -55.68
CA GLN A 181 4.24 8.36 -56.27
C GLN A 181 4.98 8.62 -57.52
N GLU A 182 6.30 8.45 -57.49
CA GLU A 182 7.12 8.78 -58.61
C GLU A 182 6.85 7.92 -59.83
N ASN A 183 6.42 6.65 -59.67
CA ASN A 183 6.49 5.75 -60.79
C ASN A 183 5.22 5.02 -61.18
N ILE A 184 4.19 5.01 -60.32
CA ILE A 184 3.07 4.12 -60.60
C ILE A 184 2.28 4.49 -61.88
N ALA A 185 2.26 5.79 -62.21
CA ALA A 185 1.58 6.26 -63.45
C ALA A 185 2.09 5.45 -64.65
N ALA A 186 3.36 5.05 -64.62
CA ALA A 186 3.95 4.38 -65.74
C ALA A 186 3.37 3.02 -65.88
N PHE A 187 2.61 2.54 -64.89
CA PHE A 187 2.06 1.17 -64.96
C PHE A 187 0.60 1.28 -65.07
N GLY A 188 0.06 2.49 -65.18
CA GLY A 188 -1.41 2.62 -65.22
C GLY A 188 -2.10 2.95 -63.89
N GLY A 189 -1.35 3.02 -62.79
CA GLY A 189 -1.98 3.38 -61.52
C GLY A 189 -2.06 4.88 -61.32
N ASP A 190 -3.03 5.29 -60.52
CA ASP A 190 -3.25 6.66 -60.15
C ASP A 190 -2.55 7.15 -58.85
N PRO A 191 -1.45 7.91 -58.94
CA PRO A 191 -0.87 8.34 -57.67
C PRO A 191 -1.77 9.27 -56.86
N MET A 192 -2.83 9.80 -57.45
CA MET A 192 -3.75 10.63 -56.65
C MET A 192 -4.70 9.78 -55.79
N SER A 193 -4.68 8.45 -55.98
CA SER A 193 -5.47 7.54 -55.12
C SER A 193 -4.69 6.27 -54.66
N VAL A 194 -4.01 6.37 -53.52
CA VAL A 194 -3.20 5.31 -52.98
C VAL A 194 -3.73 4.85 -51.65
N THR A 195 -4.07 3.58 -51.54
CA THR A 195 -4.60 3.05 -50.29
C THR A 195 -3.58 2.05 -49.72
N LEU A 196 -3.15 2.22 -48.46
CA LEU A 196 -2.26 1.22 -47.83
C LEU A 196 -3.05 0.15 -47.14
N PHE A 197 -2.62 -1.12 -47.21
CA PHE A 197 -3.28 -2.07 -46.37
C PHE A 197 -2.32 -3.06 -45.82
N GLY A 198 -2.55 -3.54 -44.60
CA GLY A 198 -1.66 -4.48 -44.09
C GLY A 198 -2.31 -5.23 -42.96
N GLU A 199 -1.62 -6.30 -42.54
CA GLU A 199 -2.13 -7.19 -41.53
C GLU A 199 -1.11 -7.28 -40.41
N SER A 200 -1.61 -7.42 -39.16
CA SER A 200 -0.69 -7.65 -38.05
C SER A 200 0.39 -6.47 -37.92
N ALA A 201 1.72 -6.75 -37.91
CA ALA A 201 2.73 -5.69 -37.90
C ALA A 201 2.62 -4.78 -39.16
N GLY A 202 2.14 -5.38 -40.26
CA GLY A 202 1.77 -4.67 -41.50
C GLY A 202 0.74 -3.60 -41.15
N ALA A 203 -0.24 -3.98 -40.32
CA ALA A 203 -1.28 -3.01 -39.97
C ALA A 203 -0.68 -1.95 -39.05
N ALA A 204 0.17 -2.36 -38.11
CA ALA A 204 0.81 -1.40 -37.20
C ALA A 204 1.62 -0.40 -38.00
N SER A 205 2.25 -0.88 -39.08
CA SER A 205 3.08 0.00 -39.89
C SER A 205 2.17 0.95 -40.61
N VAL A 206 1.12 0.44 -41.25
CA VAL A 206 0.16 1.36 -41.83
C VAL A 206 -0.23 2.48 -40.82
N GLY A 207 -0.53 2.15 -39.56
CA GLY A 207 -0.94 3.19 -38.63
C GLY A 207 0.22 4.17 -38.36
N MET A 208 1.44 3.66 -38.38
CA MET A 208 2.57 4.54 -38.16
C MET A 208 2.83 5.55 -39.25
N HIS A 209 2.57 5.15 -40.50
CA HIS A 209 2.45 6.07 -41.63
C HIS A 209 1.36 7.11 -41.50
N ILE A 210 0.17 6.74 -41.02
CA ILE A 210 -0.84 7.73 -40.80
C ILE A 210 -0.32 8.77 -39.82
N LEU A 211 0.48 8.33 -38.85
CA LEU A 211 0.93 9.23 -37.76
C LEU A 211 2.23 9.95 -37.99
N SER A 212 2.89 9.77 -39.13
CA SER A 212 4.20 10.37 -39.37
C SER A 212 4.12 11.22 -40.65
N LEU A 213 4.24 12.56 -40.52
CA LEU A 213 3.91 13.46 -41.61
C LEU A 213 4.54 13.15 -42.94
N PRO A 214 5.86 12.85 -42.94
CA PRO A 214 6.44 12.60 -44.29
C PRO A 214 5.83 11.39 -44.98
N SER A 215 5.19 10.49 -44.23
CA SER A 215 4.49 9.37 -44.82
C SER A 215 3.07 9.79 -45.32
N ARG A 216 2.34 10.57 -44.52
CA ARG A 216 1.00 10.98 -44.83
C ARG A 216 0.76 11.56 -46.20
N SER A 217 1.69 12.38 -46.69
CA SER A 217 1.58 13.00 -48.00
C SER A 217 1.63 12.03 -49.19
N LEU A 218 1.97 10.78 -48.96
CA LEU A 218 2.15 9.81 -50.02
C LEU A 218 0.93 8.91 -50.18
N PHE A 219 -0.13 9.08 -49.39
CA PHE A 219 -1.25 8.16 -49.56
C PHE A 219 -2.56 8.77 -49.09
N HIS A 220 -3.68 8.13 -49.39
CA HIS A 220 -4.98 8.76 -49.09
C HIS A 220 -5.88 8.06 -48.10
N ARG A 221 -5.78 6.74 -48.01
CA ARG A 221 -6.68 5.96 -47.24
C ARG A 221 -5.85 4.81 -46.73
N ALA A 222 -6.27 4.17 -45.65
CA ALA A 222 -5.54 3.10 -45.04
C ALA A 222 -6.49 2.01 -44.60
N VAL A 223 -6.02 0.79 -44.61
CA VAL A 223 -6.77 -0.31 -44.07
C VAL A 223 -5.90 -1.04 -43.05
N LEU A 224 -6.37 -1.21 -41.81
CA LEU A 224 -5.63 -1.96 -40.79
C LEU A 224 -6.28 -3.27 -40.36
N GLN A 225 -5.65 -4.39 -40.69
CA GLN A 225 -6.22 -5.69 -40.41
C GLN A 225 -5.50 -6.25 -39.22
N SER A 226 -6.17 -6.41 -38.08
CA SER A 226 -5.56 -7.08 -36.92
C SER A 226 -4.19 -6.54 -36.43
N GLY A 227 -4.00 -5.24 -36.35
CA GLY A 227 -2.82 -4.67 -35.82
C GLY A 227 -2.99 -3.17 -35.76
N THR A 228 -2.22 -2.50 -34.92
CA THR A 228 -2.40 -1.07 -34.74
C THR A 228 -1.12 -0.50 -34.26
N PRO A 229 -0.94 0.82 -34.44
CA PRO A 229 0.34 1.38 -33.99
C PRO A 229 0.33 1.57 -32.50
N ASN A 230 -0.84 1.74 -31.89
CA ASN A 230 -0.91 1.85 -30.44
C ASN A 230 -0.96 0.43 -29.86
N GLY A 231 -0.98 0.25 -28.55
CA GLY A 231 -1.06 -1.11 -28.04
C GLY A 231 0.25 -1.64 -27.48
N PRO A 232 0.22 -2.86 -26.96
CA PRO A 232 1.36 -3.21 -26.09
C PRO A 232 2.62 -3.75 -26.78
N TRP A 233 2.60 -4.01 -28.09
CA TRP A 233 3.73 -4.66 -28.71
C TRP A 233 4.29 -3.97 -29.92
N ALA A 234 3.53 -3.09 -30.54
CA ALA A 234 4.01 -2.49 -31.79
C ALA A 234 5.21 -1.49 -31.60
N THR A 235 5.42 -0.91 -30.42
CA THR A 235 6.53 0.04 -30.25
C THR A 235 7.31 -0.26 -28.98
N VAL A 236 8.54 0.26 -28.87
CA VAL A 236 9.27 0.27 -27.58
C VAL A 236 9.79 1.68 -27.33
N SER A 237 10.12 1.97 -26.06
CA SER A 237 10.73 3.29 -25.74
C SER A 237 12.17 3.27 -26.22
N ALA A 238 12.79 4.46 -26.22
CA ALA A 238 14.17 4.65 -26.65
C ALA A 238 15.06 3.93 -25.64
N GLY A 239 14.75 4.08 -24.34
CA GLY A 239 15.45 3.35 -23.34
C GLY A 239 15.54 1.84 -23.55
N GLU A 240 14.38 1.22 -23.80
CA GLU A 240 14.30 -0.22 -23.88
C GLU A 240 14.96 -0.67 -25.21
N ALA A 241 14.88 0.13 -26.27
CA ALA A 241 15.58 -0.23 -27.50
C ALA A 241 17.09 -0.23 -27.25
N ARG A 242 17.55 0.73 -26.48
CA ARG A 242 18.93 0.85 -26.30
C ARG A 242 19.43 -0.34 -25.42
N ARG A 243 18.66 -0.68 -24.40
CA ARG A 243 19.05 -1.76 -23.56
C ARG A 243 19.06 -3.06 -24.40
N ARG A 244 18.04 -3.29 -25.25
CA ARG A 244 18.05 -4.51 -26.07
C ARG A 244 19.17 -4.57 -27.13
N ALA A 245 19.36 -3.48 -27.87
CA ALA A 245 20.47 -3.36 -28.78
C ALA A 245 21.83 -3.63 -28.10
N THR A 246 22.06 -3.07 -26.92
CA THR A 246 23.33 -3.20 -26.23
C THR A 246 23.54 -4.63 -25.74
N LEU A 247 22.49 -5.22 -25.16
CA LEU A 247 22.49 -6.64 -24.81
C LEU A 247 22.80 -7.50 -26.03
N LEU A 248 22.11 -7.29 -27.15
CA LEU A 248 22.39 -8.12 -28.30
C LEU A 248 23.88 -8.07 -28.66
N ALA A 249 24.43 -6.87 -28.74
CA ALA A 249 25.85 -6.66 -28.98
C ALA A 249 26.66 -7.50 -28.01
N ARG A 250 26.47 -7.32 -26.70
CA ARG A 250 27.22 -8.10 -25.74
CA ARG A 250 27.19 -8.11 -25.73
C ARG A 250 27.15 -9.60 -26.08
N LEU A 251 25.96 -10.13 -26.35
CA LEU A 251 25.79 -11.58 -26.63
C LEU A 251 26.55 -12.05 -27.83
N VAL A 252 26.85 -11.20 -28.76
CA VAL A 252 27.55 -11.65 -29.97
C VAL A 252 29.02 -11.26 -29.91
N GLY A 253 29.50 -10.85 -28.74
CA GLY A 253 30.88 -10.49 -28.61
C GLY A 253 31.19 -9.05 -28.89
N CYS A 254 30.16 -8.21 -29.06
CA CYS A 254 30.42 -6.78 -29.30
C CYS A 254 30.44 -5.86 -28.11
N PRO A 255 31.55 -5.87 -27.37
CA PRO A 255 32.04 -4.53 -27.08
C PRO A 255 32.91 -3.92 -28.25
N PRO A 256 34.10 -4.57 -28.66
CA PRO A 256 34.63 -6.03 -28.61
C PRO A 256 35.35 -6.59 -27.33
N GLY A 257 34.78 -7.66 -26.73
CA GLY A 257 35.32 -8.34 -25.52
C GLY A 257 35.38 -7.58 -24.18
N GLY A 258 35.60 -6.24 -24.19
CA GLY A 258 35.84 -5.36 -23.00
C GLY A 258 34.70 -4.62 -22.26
N ALA A 259 34.29 -3.42 -22.74
CA ALA A 259 33.30 -2.54 -22.02
C ALA A 259 31.90 -2.30 -22.72
N GLY A 260 31.58 -1.03 -23.02
CA GLY A 260 30.30 -0.62 -23.64
C GLY A 260 30.40 0.39 -24.81
N GLY A 261 31.59 0.99 -24.96
CA GLY A 261 32.00 1.91 -26.10
C GLY A 261 31.15 3.15 -26.51
N ASN A 262 31.64 3.90 -27.53
CA ASN A 262 30.79 4.78 -28.37
C ASN A 262 29.70 3.90 -28.99
N ASP A 263 28.56 4.52 -29.32
CA ASP A 263 27.62 3.89 -30.24
C ASP A 263 28.34 3.44 -31.52
N THR A 264 29.22 4.31 -32.03
CA THR A 264 29.90 4.07 -33.30
C THR A 264 30.68 2.80 -33.31
N GLU A 265 31.35 2.55 -32.20
CA GLU A 265 32.20 1.40 -32.08
C GLU A 265 31.44 0.09 -31.93
N LEU A 266 30.37 0.14 -31.15
CA LEU A 266 29.49 -0.99 -30.99
C LEU A 266 28.79 -1.37 -32.33
N ILE A 267 28.33 -0.35 -33.06
CA ILE A 267 27.69 -0.61 -34.29
C ILE A 267 28.68 -1.13 -35.29
N ALA A 268 29.84 -0.52 -35.36
CA ALA A 268 30.81 -1.07 -36.30
C ALA A 268 31.19 -2.53 -35.93
N CYS A 269 31.23 -2.86 -34.65
CA CYS A 269 31.46 -4.23 -34.35
C CYS A 269 30.29 -5.16 -34.86
N LEU A 270 29.05 -4.78 -34.55
CA LEU A 270 27.88 -5.46 -35.05
C LEU A 270 27.88 -5.60 -36.57
N ARG A 271 28.34 -4.58 -37.29
CA ARG A 271 28.32 -4.67 -38.75
C ARG A 271 29.27 -5.78 -39.27
N THR A 272 30.24 -6.19 -38.43
CA THR A 272 31.19 -7.18 -38.88
C THR A 272 30.65 -8.55 -38.65
N ARG A 273 29.51 -8.68 -38.01
CA ARG A 273 28.98 -10.01 -37.70
C ARG A 273 28.15 -10.60 -38.82
N PRO A 274 28.34 -11.90 -39.08
CA PRO A 274 27.48 -12.47 -40.14
C PRO A 274 26.01 -12.31 -39.80
N ALA A 275 25.16 -12.13 -40.82
CA ALA A 275 23.67 -11.98 -40.65
C ALA A 275 23.03 -13.06 -39.79
N GLN A 276 23.29 -14.33 -40.08
CA GLN A 276 22.73 -15.40 -39.29
C GLN A 276 23.08 -15.31 -37.78
N ASP A 277 24.25 -14.79 -37.38
CA ASP A 277 24.55 -14.64 -35.96
C ASP A 277 23.53 -13.71 -35.32
N LEU A 278 23.24 -12.58 -35.99
CA LEU A 278 22.25 -11.65 -35.46
C LEU A 278 20.87 -12.31 -35.35
N VAL A 279 20.35 -12.92 -36.42
CA VAL A 279 19.10 -13.62 -36.35
C VAL A 279 19.09 -14.61 -35.16
N ASP A 280 20.14 -15.41 -35.05
CA ASP A 280 20.30 -16.39 -33.98
C ASP A 280 20.20 -15.83 -32.57
N HIS A 281 20.37 -14.53 -32.39
CA HIS A 281 20.38 -14.02 -31.03
C HIS A 281 19.23 -13.12 -30.75
N GLU A 282 18.30 -12.99 -31.67
CA GLU A 282 17.43 -11.91 -31.48
C GLU A 282 16.35 -12.13 -30.40
N TRP A 283 15.95 -13.36 -30.16
CA TRP A 283 15.05 -13.62 -29.05
C TRP A 283 15.71 -13.54 -27.68
N HIS A 284 17.04 -13.56 -27.65
CA HIS A 284 17.75 -13.57 -26.36
C HIS A 284 17.47 -12.32 -25.51
N VAL A 285 16.97 -11.24 -26.11
CA VAL A 285 17.03 -9.97 -25.40
C VAL A 285 15.70 -9.59 -24.74
N LEU A 286 14.68 -10.43 -24.90
CA LEU A 286 13.37 -10.06 -24.37
C LEU A 286 13.45 -10.09 -22.88
N PRO A 287 12.79 -9.13 -22.25
CA PRO A 287 12.97 -9.02 -20.80
C PRO A 287 12.17 -10.05 -19.99
N GLN A 288 11.03 -10.55 -20.47
CA GLN A 288 10.21 -11.38 -19.61
C GLN A 288 9.67 -12.56 -20.32
N GLU A 289 9.17 -13.47 -19.51
CA GLU A 289 8.56 -14.63 -20.10
C GLU A 289 7.24 -14.12 -20.72
N SER A 290 7.11 -14.12 -22.04
CA SER A 290 5.96 -13.47 -22.70
C SER A 290 5.47 -14.18 -23.96
N ILE A 291 4.25 -13.91 -24.38
CA ILE A 291 3.89 -14.05 -25.79
C ILE A 291 3.48 -12.67 -26.32
N PHE A 292 3.37 -12.58 -27.66
CA PHE A 292 3.01 -11.39 -28.36
C PHE A 292 3.92 -10.17 -28.01
N ARG A 293 5.21 -10.47 -27.80
CA ARG A 293 6.21 -9.45 -27.58
C ARG A 293 7.40 -9.79 -28.45
N PHE A 294 7.90 -8.78 -29.15
CA PHE A 294 8.96 -8.95 -30.15
C PHE A 294 10.13 -8.07 -29.81
N SER A 295 11.31 -8.56 -30.17
CA SER A 295 12.54 -7.97 -29.70
C SER A 295 12.81 -6.64 -30.31
N PHE A 296 12.74 -6.55 -31.64
CA PHE A 296 13.13 -5.36 -32.38
C PHE A 296 11.94 -4.80 -33.19
N VAL A 297 11.38 -3.71 -32.71
CA VAL A 297 10.18 -3.17 -33.29
C VAL A 297 10.37 -1.65 -33.40
N PRO A 298 9.41 -0.95 -34.04
CA PRO A 298 9.53 0.51 -34.10
C PRO A 298 9.76 1.12 -32.74
N VAL A 299 10.72 2.04 -32.71
CA VAL A 299 11.04 2.76 -31.48
C VAL A 299 10.42 4.18 -31.46
N VAL A 300 9.95 4.64 -30.29
CA VAL A 300 9.50 6.02 -30.16
C VAL A 300 10.77 6.93 -30.05
N ASP A 301 11.23 7.45 -31.18
CA ASP A 301 12.52 8.12 -31.32
C ASP A 301 12.37 9.65 -31.31
N GLY A 302 11.14 10.18 -31.25
CA GLY A 302 10.94 11.60 -31.48
C GLY A 302 11.28 12.04 -32.91
N ASP A 303 11.64 11.13 -33.81
CA ASP A 303 11.80 11.55 -35.19
C ASP A 303 10.67 10.97 -36.07
N PHE A 304 10.73 9.68 -36.44
CA PHE A 304 9.69 9.09 -37.23
C PHE A 304 8.39 9.14 -36.47
N LEU A 305 8.50 8.80 -35.19
CA LEU A 305 7.40 8.92 -34.24
C LEU A 305 7.73 10.05 -33.28
N SER A 306 7.12 11.21 -33.49
CA SER A 306 7.44 12.39 -32.71
C SER A 306 6.99 12.26 -31.24
N ASP A 307 6.12 11.30 -30.97
CA ASP A 307 5.62 10.98 -29.62
C ASP A 307 5.03 9.54 -29.64
N THR A 308 4.56 9.01 -28.53
CA THR A 308 3.91 7.70 -28.56
C THR A 308 2.68 7.63 -29.47
N PRO A 309 2.46 6.48 -30.13
CA PRO A 309 1.23 6.35 -30.94
C PRO A 309 -0.02 6.66 -30.13
N GLU A 310 -0.04 6.26 -28.87
CA GLU A 310 -1.13 6.62 -27.99
CA GLU A 310 -1.14 6.64 -27.99
C GLU A 310 -1.28 8.17 -27.98
N ALA A 311 -0.21 8.92 -27.69
CA ALA A 311 -0.35 10.37 -27.71
C ALA A 311 -0.84 10.87 -29.06
N LEU A 312 -0.19 10.41 -30.15
CA LEU A 312 -0.52 10.88 -31.52
C LEU A 312 -1.96 10.64 -31.95
N ILE A 313 -2.56 9.53 -31.52
CA ILE A 313 -3.96 9.32 -31.86
C ILE A 313 -4.93 10.18 -31.04
N ASN A 314 -4.55 10.52 -29.79
CA ASN A 314 -5.41 11.34 -28.95
C ASN A 314 -5.43 12.75 -29.48
N THR A 315 -4.38 13.17 -30.19
CA THR A 315 -4.37 14.57 -30.53
C THR A 315 -4.27 15.03 -31.98
N GLY A 316 -4.23 14.12 -32.93
CA GLY A 316 -4.17 14.52 -34.32
C GLY A 316 -5.49 15.06 -34.87
N ASP A 317 -5.40 15.77 -35.98
CA ASP A 317 -6.54 16.08 -36.77
C ASP A 317 -6.58 15.05 -37.89
N PHE A 318 -7.65 14.26 -37.95
CA PHE A 318 -7.73 13.24 -38.97
C PHE A 318 -8.88 13.41 -39.89
N GLN A 319 -9.20 14.65 -40.22
CA GLN A 319 -10.38 14.99 -40.97
C GLN A 319 -10.34 14.49 -42.39
N ASP A 320 -9.15 14.46 -42.95
CA ASP A 320 -9.10 14.12 -44.36
C ASP A 320 -8.93 12.62 -44.59
N LEU A 321 -9.10 11.81 -43.54
CA LEU A 321 -8.72 10.41 -43.59
C LEU A 321 -9.87 9.44 -43.55
N GLN A 322 -9.81 8.40 -44.38
CA GLN A 322 -10.76 7.27 -44.30
C GLN A 322 -9.94 6.06 -43.98
N VAL A 323 -10.46 5.23 -43.08
CA VAL A 323 -9.73 4.10 -42.53
C VAL A 323 -10.68 2.95 -42.46
N LEU A 324 -10.23 1.76 -42.81
CA LEU A 324 -11.07 0.61 -42.56
C LEU A 324 -10.27 -0.29 -41.61
N VAL A 325 -10.81 -0.71 -40.46
CA VAL A 325 -10.08 -1.57 -39.53
C VAL A 325 -10.90 -2.74 -39.13
N GLY A 326 -10.27 -3.82 -38.69
CA GLY A 326 -11.07 -4.87 -38.08
C GLY A 326 -10.22 -5.99 -37.58
N VAL A 327 -10.85 -7.08 -37.15
CA VAL A 327 -10.17 -8.20 -36.50
C VAL A 327 -10.77 -9.52 -36.96
N VAL A 328 -10.08 -10.63 -36.71
CA VAL A 328 -10.68 -11.95 -36.96
C VAL A 328 -11.32 -12.49 -35.69
N LYS A 329 -12.15 -13.53 -35.79
CA LYS A 329 -12.86 -14.07 -34.62
C LYS A 329 -11.96 -14.54 -33.49
N ASP A 330 -10.79 -15.10 -33.79
CA ASP A 330 -9.97 -15.69 -32.72
C ASP A 330 -8.52 -15.27 -32.78
N GLU A 331 -8.26 -14.00 -32.50
CA GLU A 331 -6.96 -13.42 -32.63
C GLU A 331 -5.95 -14.12 -31.79
N GLY A 332 -6.28 -14.57 -30.59
CA GLY A 332 -5.22 -15.06 -29.70
C GLY A 332 -4.88 -16.54 -29.85
N SER A 333 -5.68 -17.32 -30.56
CA SER A 333 -5.52 -18.74 -30.44
C SER A 333 -4.11 -19.20 -30.84
N TYR A 334 -3.59 -18.68 -31.94
CA TYR A 334 -2.28 -19.16 -32.37
C TYR A 334 -1.19 -18.85 -31.34
N PHE A 335 -1.32 -17.68 -30.71
CA PHE A 335 -0.30 -17.31 -29.76
C PHE A 335 -0.27 -18.24 -28.59
N LEU A 336 -1.44 -18.81 -28.23
CA LEU A 336 -1.51 -19.77 -27.15
C LEU A 336 -0.67 -20.97 -27.53
N VAL A 337 -0.84 -21.51 -28.75
CA VAL A 337 -0.01 -22.64 -29.08
C VAL A 337 1.48 -22.30 -29.20
N TYR A 338 1.80 -21.06 -29.54
CA TYR A 338 3.18 -20.72 -29.76
C TYR A 338 3.88 -20.71 -28.42
N GLY A 339 3.21 -20.23 -27.37
CA GLY A 339 3.96 -19.87 -26.16
C GLY A 339 3.33 -20.07 -24.82
N VAL A 340 2.11 -20.59 -24.75
CA VAL A 340 1.49 -20.75 -23.44
C VAL A 340 1.34 -22.21 -23.06
N PRO A 341 1.84 -22.62 -21.87
CA PRO A 341 1.75 -24.07 -21.58
C PRO A 341 0.29 -24.50 -21.51
N GLY A 342 0.00 -25.69 -22.03
CA GLY A 342 -1.36 -26.21 -21.99
C GLY A 342 -2.04 -26.25 -23.34
N PHE A 343 -1.48 -25.52 -24.32
CA PHE A 343 -2.16 -25.38 -25.63
C PHE A 343 -1.37 -26.04 -26.75
N SER A 344 -2.10 -26.70 -27.66
CA SER A 344 -1.43 -27.49 -28.70
C SER A 344 -2.38 -27.63 -29.90
N LYS A 345 -1.86 -27.77 -31.11
CA LYS A 345 -2.74 -28.01 -32.25
C LYS A 345 -3.23 -29.46 -32.30
N ASP A 346 -2.59 -30.35 -31.50
CA ASP A 346 -2.86 -31.76 -31.64
C ASP A 346 -3.94 -32.28 -30.71
N ASN A 347 -4.41 -31.49 -29.79
CA ASN A 347 -5.60 -31.87 -29.05
C ASN A 347 -6.49 -30.67 -28.76
N GLU A 348 -7.67 -30.90 -28.19
CA GLU A 348 -8.61 -29.85 -27.83
C GLU A 348 -8.14 -28.77 -26.82
N SER A 349 -6.96 -28.96 -26.24
CA SER A 349 -6.36 -28.00 -25.32
C SER A 349 -7.26 -27.50 -24.15
N LEU A 350 -7.90 -28.42 -23.43
CA LEU A 350 -8.70 -28.11 -22.23
C LEU A 350 -7.73 -27.83 -21.09
N ILE A 351 -7.88 -26.74 -20.37
CA ILE A 351 -6.82 -26.40 -19.43
C ILE A 351 -7.38 -26.24 -18.03
N SER A 352 -6.49 -26.38 -17.07
CA SER A 352 -6.85 -26.27 -15.69
C SER A 352 -6.82 -24.82 -15.27
N ARG A 353 -7.49 -24.50 -14.17
CA ARG A 353 -7.39 -23.19 -13.61
C ARG A 353 -5.93 -22.73 -13.38
N ALA A 354 -5.06 -23.59 -12.89
CA ALA A 354 -3.67 -23.11 -12.62
C ALA A 354 -3.03 -22.63 -13.91
N GLN A 355 -3.39 -23.31 -15.02
CA GLN A 355 -2.82 -23.02 -16.36
C GLN A 355 -3.32 -21.70 -16.89
N PHE A 356 -4.58 -21.36 -16.59
CA PHE A 356 -5.16 -20.12 -17.02
C PHE A 356 -4.47 -18.97 -16.29
N LEU A 357 -4.26 -19.13 -15.00
CA LEU A 357 -3.53 -18.13 -14.20
C LEU A 357 -2.07 -18.00 -14.66
N ALA A 358 -1.39 -19.10 -14.96
CA ALA A 358 -0.02 -18.95 -15.46
C ALA A 358 -0.07 -18.24 -16.81
N GLY A 359 -1.05 -18.61 -17.63
CA GLY A 359 -1.19 -18.01 -18.95
C GLY A 359 -1.39 -16.52 -18.92
N VAL A 360 -2.23 -16.02 -18.00
CA VAL A 360 -2.41 -14.59 -17.85
C VAL A 360 -1.08 -13.90 -17.61
N ARG A 361 -0.16 -14.48 -16.83
CA ARG A 361 1.08 -13.76 -16.56
C ARG A 361 1.94 -13.71 -17.80
N ILE A 362 1.93 -14.76 -18.59
CA ILE A 362 2.65 -14.73 -19.85
C ILE A 362 2.01 -13.73 -20.86
N GLY A 363 0.67 -13.74 -20.96
CA GLY A 363 -0.06 -12.91 -21.90
C GLY A 363 -0.06 -11.43 -21.53
N VAL A 364 0.10 -11.12 -20.24
CA VAL A 364 0.17 -9.75 -19.78
C VAL A 364 1.40 -9.61 -18.89
N PRO A 365 2.60 -9.76 -19.50
CA PRO A 365 3.89 -9.77 -18.79
C PRO A 365 4.18 -8.54 -17.92
N GLN A 366 3.59 -7.41 -18.23
CA GLN A 366 3.87 -6.22 -17.47
C GLN A 366 2.99 -6.21 -16.25
N ALA A 367 2.00 -7.08 -16.17
CA ALA A 367 1.06 -6.96 -15.07
C ALA A 367 1.67 -7.27 -13.70
N SER A 368 1.49 -6.38 -12.73
CA SER A 368 1.72 -6.72 -11.30
C SER A 368 0.78 -7.83 -10.84
N ASP A 369 1.08 -8.42 -9.68
CA ASP A 369 0.10 -9.35 -9.12
C ASP A 369 -1.37 -8.84 -9.17
N LEU A 370 -1.63 -7.62 -8.71
CA LEU A 370 -3.00 -7.11 -8.63
C LEU A 370 -3.63 -6.83 -10.01
N ALA A 371 -2.89 -6.22 -10.92
CA ALA A 371 -3.32 -6.10 -12.29
C ALA A 371 -3.67 -7.48 -12.88
N ALA A 372 -2.84 -8.51 -12.68
CA ALA A 372 -3.18 -9.84 -13.21
C ALA A 372 -4.46 -10.30 -12.57
N GLU A 373 -4.62 -10.04 -11.27
CA GLU A 373 -5.86 -10.43 -10.65
C GLU A 373 -7.05 -9.76 -11.28
N ALA A 374 -6.94 -8.51 -11.71
CA ALA A 374 -8.05 -7.87 -12.40
C ALA A 374 -8.44 -8.60 -13.72
N VAL A 375 -7.43 -9.04 -14.49
CA VAL A 375 -7.66 -9.75 -15.71
C VAL A 375 -8.40 -11.03 -15.37
N VAL A 376 -7.90 -11.75 -14.37
CA VAL A 376 -8.52 -13.01 -14.00
C VAL A 376 -9.96 -12.80 -13.52
N LEU A 377 -10.18 -11.71 -12.79
CA LEU A 377 -11.53 -11.35 -12.33
C LEU A 377 -12.48 -11.15 -13.48
N HIS A 378 -12.01 -10.41 -14.48
CA HIS A 378 -12.81 -10.09 -15.65
C HIS A 378 -13.28 -11.34 -16.49
N TYR A 379 -12.37 -12.30 -16.68
CA TYR A 379 -12.55 -13.40 -17.63
C TYR A 379 -12.98 -14.71 -17.01
N THR A 380 -12.76 -14.94 -15.71
CA THR A 380 -13.35 -16.09 -15.05
C THR A 380 -14.91 -16.05 -15.12
N ASP A 381 -15.52 -17.21 -15.38
CA ASP A 381 -16.90 -17.42 -15.06
C ASP A 381 -16.98 -17.84 -13.58
N TRP A 382 -17.49 -16.93 -12.73
CA TRP A 382 -17.52 -17.20 -11.31
C TRP A 382 -18.49 -18.32 -10.85
N LEU A 383 -19.46 -18.65 -11.70
CA LEU A 383 -20.34 -19.80 -11.52
C LEU A 383 -19.68 -21.15 -11.86
N HIS A 384 -18.75 -21.13 -12.83
CA HIS A 384 -18.00 -22.34 -13.28
C HIS A 384 -16.55 -22.02 -13.47
N PRO A 385 -15.85 -21.65 -12.40
CA PRO A 385 -14.46 -21.20 -12.50
C PRO A 385 -13.41 -22.20 -12.94
N GLU A 386 -13.75 -23.48 -13.01
CA GLU A 386 -12.77 -24.50 -13.40
C GLU A 386 -13.18 -25.17 -14.73
N ASP A 387 -14.31 -24.78 -15.30
CA ASP A 387 -14.68 -25.29 -16.59
C ASP A 387 -13.53 -25.18 -17.60
N PRO A 388 -12.99 -26.34 -18.05
CA PRO A 388 -11.81 -26.26 -18.92
C PRO A 388 -12.09 -25.71 -20.31
N THR A 389 -13.29 -25.90 -20.86
CA THR A 389 -13.56 -25.35 -22.18
C THR A 389 -13.64 -23.84 -22.08
N HIS A 390 -14.31 -23.34 -21.04
CA HIS A 390 -14.35 -21.92 -20.79
C HIS A 390 -12.97 -21.32 -20.57
N LEU A 391 -12.09 -22.01 -19.82
CA LEU A 391 -10.79 -21.44 -19.50
C LEU A 391 -9.94 -21.29 -20.73
N ARG A 392 -9.98 -22.29 -21.60
CA ARG A 392 -9.26 -22.31 -22.86
C ARG A 392 -9.75 -21.17 -23.74
N ASP A 393 -11.05 -20.99 -23.85
CA ASP A 393 -11.48 -19.86 -24.64
C ASP A 393 -11.13 -18.51 -23.99
N ALA A 394 -11.02 -18.48 -22.67
CA ALA A 394 -10.80 -17.23 -21.98
C ALA A 394 -9.39 -16.87 -22.20
N MET A 395 -8.54 -17.86 -22.15
CA MET A 395 -7.12 -17.61 -22.23
C MET A 395 -6.89 -17.04 -23.63
N SER A 396 -7.60 -17.55 -24.63
CA SER A 396 -7.47 -17.04 -25.97
C SER A 396 -7.97 -15.59 -26.04
N ALA A 397 -9.13 -15.34 -25.48
CA ALA A 397 -9.65 -13.98 -25.51
C ALA A 397 -8.75 -12.94 -24.77
N VAL A 398 -8.11 -13.32 -23.68
CA VAL A 398 -7.24 -12.40 -22.98
C VAL A 398 -6.18 -11.93 -23.98
N VAL A 399 -5.52 -12.87 -24.63
CA VAL A 399 -4.42 -12.52 -25.49
C VAL A 399 -4.90 -11.75 -26.73
N GLY A 400 -5.99 -12.20 -27.34
CA GLY A 400 -6.59 -11.50 -28.50
C GLY A 400 -7.05 -10.08 -28.16
N ASP A 401 -7.71 -9.95 -27.02
CA ASP A 401 -8.26 -8.68 -26.64
C ASP A 401 -7.15 -7.70 -26.29
N HIS A 402 -6.17 -8.16 -25.52
CA HIS A 402 -5.13 -7.27 -25.02
C HIS A 402 -4.28 -6.76 -26.18
N ASN A 403 -3.94 -7.62 -27.13
CA ASN A 403 -3.01 -7.24 -28.17
C ASN A 403 -3.63 -6.73 -29.44
N VAL A 404 -4.86 -7.11 -29.73
CA VAL A 404 -5.40 -6.75 -31.03
C VAL A 404 -6.79 -6.10 -31.00
N VAL A 405 -7.78 -6.83 -30.45
CA VAL A 405 -9.16 -6.32 -30.50
C VAL A 405 -9.30 -4.99 -29.83
N CYS A 406 -8.76 -4.88 -28.63
CA CYS A 406 -8.99 -3.68 -27.88
C CYS A 406 -8.14 -2.53 -28.37
N PRO A 407 -6.87 -2.80 -28.68
CA PRO A 407 -6.19 -1.69 -29.35
C PRO A 407 -6.89 -1.27 -30.66
N VAL A 408 -7.43 -2.21 -31.44
CA VAL A 408 -8.25 -1.82 -32.61
C VAL A 408 -9.41 -0.91 -32.18
N ALA A 409 -10.21 -1.30 -31.18
CA ALA A 409 -11.32 -0.50 -30.70
C ALA A 409 -10.86 0.90 -30.29
N GLN A 410 -9.69 0.99 -29.66
CA GLN A 410 -9.23 2.29 -29.25
C GLN A 410 -8.89 3.16 -30.42
N LEU A 411 -8.23 2.60 -31.42
CA LEU A 411 -7.91 3.38 -32.61
C LEU A 411 -9.22 3.82 -33.36
N ALA A 412 -10.18 2.92 -33.51
CA ALA A 412 -11.37 3.26 -34.22
C ALA A 412 -12.03 4.43 -33.51
N GLY A 413 -12.04 4.42 -32.18
CA GLY A 413 -12.77 5.45 -31.46
C GLY A 413 -12.00 6.75 -31.45
N ARG A 414 -10.69 6.71 -31.24
CA ARG A 414 -9.93 7.94 -31.25
C ARG A 414 -10.01 8.56 -32.68
N LEU A 415 -9.84 7.75 -33.73
CA LEU A 415 -9.85 8.30 -35.08
C LEU A 415 -11.18 8.91 -35.41
N ALA A 416 -12.28 8.21 -35.14
CA ALA A 416 -13.63 8.77 -35.33
C ALA A 416 -13.77 10.04 -34.47
N ALA A 417 -13.31 10.04 -33.21
CA ALA A 417 -13.46 11.28 -32.41
C ALA A 417 -12.75 12.48 -33.00
N GLN A 418 -11.66 12.26 -33.71
CA GLN A 418 -10.81 13.30 -34.19
C GLN A 418 -11.10 13.53 -35.66
N GLY A 419 -12.23 13.02 -36.14
CA GLY A 419 -12.77 13.33 -37.48
C GLY A 419 -12.39 12.47 -38.71
N ALA A 420 -12.20 11.17 -38.55
CA ALA A 420 -11.88 10.33 -39.64
C ALA A 420 -13.16 9.58 -40.01
N ARG A 421 -13.31 9.18 -41.27
CA ARG A 421 -14.38 8.27 -41.55
C ARG A 421 -13.80 6.87 -41.30
N VAL A 422 -14.46 6.09 -40.46
CA VAL A 422 -13.95 4.81 -40.05
C VAL A 422 -14.98 3.73 -40.39
N TYR A 423 -14.56 2.59 -40.93
CA TYR A 423 -15.41 1.41 -41.03
C TYR A 423 -14.76 0.28 -40.27
N ALA A 424 -15.50 -0.52 -39.51
CA ALA A 424 -14.87 -1.57 -38.72
C ALA A 424 -15.55 -2.91 -38.96
N TYR A 425 -14.84 -4.01 -38.87
CA TYR A 425 -15.43 -5.31 -39.18
C TYR A 425 -14.91 -6.37 -38.25
N ILE A 426 -15.64 -7.48 -38.18
CA ILE A 426 -15.06 -8.70 -37.61
C ILE A 426 -15.20 -9.83 -38.59
N PHE A 427 -14.07 -10.44 -38.92
CA PHE A 427 -14.01 -11.47 -39.92
C PHE A 427 -14.29 -12.80 -39.21
N GLU A 428 -15.40 -13.46 -39.53
CA GLU A 428 -15.81 -14.69 -38.79
C GLU A 428 -15.84 -15.98 -39.62
N HIS A 429 -15.24 -16.01 -40.78
CA HIS A 429 -15.33 -17.23 -41.53
C HIS A 429 -14.08 -18.07 -41.42
N ARG A 430 -14.28 -19.35 -41.19
CA ARG A 430 -13.19 -20.29 -41.04
C ARG A 430 -12.96 -21.05 -42.32
N ALA A 431 -11.79 -20.87 -42.92
CA ALA A 431 -11.51 -21.47 -44.26
C ALA A 431 -11.89 -22.92 -44.26
N SER A 432 -12.66 -23.33 -45.26
CA SER A 432 -12.95 -24.76 -45.43
C SER A 432 -11.68 -25.60 -45.49
N THR A 433 -10.53 -25.00 -45.84
CA THR A 433 -9.32 -25.77 -46.13
C THR A 433 -8.32 -25.65 -44.99
N LEU A 434 -8.76 -25.04 -43.89
CA LEU A 434 -7.87 -24.75 -42.77
C LEU A 434 -7.39 -26.02 -42.05
N THR A 435 -6.13 -26.10 -41.70
CA THR A 435 -5.65 -27.34 -41.10
C THR A 435 -5.37 -27.21 -39.60
N TRP A 436 -5.59 -26.03 -39.05
CA TRP A 436 -5.43 -25.88 -37.63
C TRP A 436 -6.71 -26.47 -37.01
N PRO A 437 -6.62 -26.97 -35.76
CA PRO A 437 -7.82 -27.61 -35.15
C PRO A 437 -9.00 -26.67 -34.95
N LEU A 438 -10.19 -27.25 -34.80
CA LEU A 438 -11.42 -26.51 -34.60
C LEU A 438 -11.40 -25.44 -33.46
N TRP A 439 -10.74 -25.74 -32.35
CA TRP A 439 -10.87 -24.89 -31.17
C TRP A 439 -10.19 -23.56 -31.37
N MET A 440 -9.25 -23.54 -32.33
CA MET A 440 -8.56 -22.31 -32.69
C MET A 440 -9.41 -21.34 -33.50
N GLY A 441 -10.53 -21.79 -34.06
CA GLY A 441 -11.50 -20.91 -34.70
C GLY A 441 -10.92 -20.32 -35.97
N VAL A 442 -11.09 -19.02 -36.13
CA VAL A 442 -10.44 -18.25 -37.21
C VAL A 442 -9.15 -17.59 -36.64
N PRO A 443 -7.97 -18.20 -36.84
CA PRO A 443 -6.78 -17.55 -36.21
C PRO A 443 -6.30 -16.29 -36.93
N HIS A 444 -5.48 -15.54 -36.24
CA HIS A 444 -4.72 -14.41 -36.76
C HIS A 444 -4.11 -14.70 -38.14
N GLY A 445 -4.38 -13.81 -39.08
CA GLY A 445 -3.86 -13.99 -40.45
C GLY A 445 -4.80 -14.71 -41.42
N TYR A 446 -5.79 -15.43 -40.95
CA TYR A 446 -6.55 -16.28 -41.84
C TYR A 446 -7.69 -15.69 -42.66
N GLU A 447 -7.76 -14.34 -42.67
CA GLU A 447 -8.69 -13.58 -43.52
C GLU A 447 -7.95 -13.13 -44.77
N ILE A 448 -6.63 -13.09 -44.70
CA ILE A 448 -5.84 -12.56 -45.80
C ILE A 448 -6.13 -13.29 -47.12
N GLU A 449 -6.16 -14.61 -47.13
CA GLU A 449 -6.34 -15.34 -48.37
C GLU A 449 -7.71 -15.05 -49.00
N PHE A 450 -8.71 -14.65 -48.23
CA PHE A 450 -9.97 -14.26 -48.78
C PHE A 450 -9.91 -12.88 -49.40
N ILE A 451 -9.31 -11.91 -48.71
CA ILE A 451 -9.17 -10.54 -49.21
C ILE A 451 -8.40 -10.57 -50.54
N PHE A 452 -7.35 -11.39 -50.62
CA PHE A 452 -6.53 -11.40 -51.82
C PHE A 452 -7.14 -12.25 -52.91
N GLY A 453 -8.27 -12.89 -52.63
CA GLY A 453 -8.97 -13.69 -53.62
C GLY A 453 -8.42 -15.06 -53.98
N LEU A 454 -7.66 -15.69 -53.12
CA LEU A 454 -7.20 -17.04 -53.43
C LEU A 454 -8.32 -18.05 -53.74
N PRO A 455 -9.49 -17.95 -53.07
CA PRO A 455 -10.56 -18.88 -53.44
C PRO A 455 -10.98 -18.89 -54.93
N LEU A 456 -10.52 -17.93 -55.74
CA LEU A 456 -10.92 -17.81 -57.13
C LEU A 456 -10.08 -18.71 -57.95
N ASP A 457 -9.10 -19.34 -57.33
CA ASP A 457 -8.30 -20.26 -58.05
C ASP A 457 -8.82 -21.68 -57.79
N PRO A 458 -9.54 -22.27 -58.78
CA PRO A 458 -10.29 -23.52 -58.48
C PRO A 458 -9.38 -24.71 -58.16
N SER A 459 -8.12 -24.69 -58.56
CA SER A 459 -7.21 -25.71 -58.02
C SER A 459 -6.90 -25.68 -56.51
N LEU A 460 -7.33 -24.68 -55.75
CA LEU A 460 -7.03 -24.66 -54.31
C LEU A 460 -8.13 -25.27 -53.46
N ASN A 461 -9.26 -25.61 -54.08
CA ASN A 461 -10.29 -26.45 -53.42
C ASN A 461 -11.15 -25.76 -52.36
N TYR A 462 -11.34 -24.47 -52.52
CA TYR A 462 -12.28 -23.80 -51.63
C TYR A 462 -13.65 -24.18 -52.12
N THR A 463 -14.69 -23.90 -51.37
CA THR A 463 -16.05 -24.21 -51.83
C THR A 463 -16.55 -23.14 -52.78
N THR A 464 -17.66 -23.36 -53.45
CA THR A 464 -18.30 -22.30 -54.22
C THR A 464 -18.68 -21.09 -53.38
N GLU A 465 -19.15 -21.31 -52.16
CA GLU A 465 -19.50 -20.15 -51.37
C GLU A 465 -18.26 -19.37 -51.01
N GLU A 466 -17.16 -20.07 -50.79
CA GLU A 466 -15.93 -19.35 -50.52
C GLU A 466 -15.54 -18.40 -51.66
N ARG A 467 -15.72 -18.85 -52.90
CA ARG A 467 -15.44 -18.03 -54.08
C ARG A 467 -16.40 -16.81 -54.10
N ILE A 468 -17.70 -17.03 -53.92
CA ILE A 468 -18.61 -15.90 -53.85
C ILE A 468 -18.20 -14.89 -52.76
N PHE A 469 -17.80 -15.43 -51.62
CA PHE A 469 -17.38 -14.66 -50.47
C PHE A 469 -16.09 -13.87 -50.74
N ALA A 470 -15.07 -14.52 -51.29
CA ALA A 470 -13.91 -13.78 -51.74
C ALA A 470 -14.29 -12.64 -52.70
N GLN A 471 -15.18 -12.89 -53.65
CA GLN A 471 -15.61 -11.82 -54.56
C GLN A 471 -16.18 -10.62 -53.82
N ARG A 472 -16.95 -10.89 -52.77
CA ARG A 472 -17.55 -9.82 -52.00
C ARG A 472 -16.46 -8.99 -51.29
N LEU A 473 -15.57 -9.70 -50.62
CA LEU A 473 -14.48 -9.09 -49.89
C LEU A 473 -13.60 -8.24 -50.78
N MET A 474 -13.22 -8.78 -51.93
CA MET A 474 -12.49 -7.98 -52.90
C MET A 474 -13.22 -6.67 -53.34
N LYS A 475 -14.55 -6.73 -53.39
CA LYS A 475 -15.28 -5.56 -53.79
C LYS A 475 -15.23 -4.58 -52.69
N TYR A 476 -15.43 -5.06 -51.46
CA TYR A 476 -15.42 -4.13 -50.36
C TYR A 476 -14.08 -3.39 -50.33
N TRP A 477 -12.97 -4.17 -50.31
CA TRP A 477 -11.65 -3.56 -50.23
C TRP A 477 -11.44 -2.60 -51.39
N THR A 478 -11.71 -3.06 -52.61
CA THR A 478 -11.48 -2.16 -53.76
C THR A 478 -12.49 -1.02 -53.84
N ASN A 479 -13.70 -1.22 -53.35
CA ASN A 479 -14.59 -0.06 -53.25
C ASN A 479 -14.02 0.95 -52.31
N PHE A 480 -13.51 0.49 -51.18
CA PHE A 480 -12.88 1.37 -50.21
C PHE A 480 -11.71 2.07 -50.86
N ALA A 481 -10.88 1.36 -51.61
CA ALA A 481 -9.68 2.01 -52.16
C ALA A 481 -10.10 3.10 -53.11
N ARG A 482 -11.15 2.83 -53.90
CA ARG A 482 -11.60 3.77 -54.90
C ARG A 482 -12.25 5.02 -54.32
N THR A 483 -13.01 4.89 -53.24
CA THR A 483 -13.85 6.00 -52.77
C THR A 483 -13.81 6.30 -51.29
N GLY A 484 -13.24 5.43 -50.49
CA GLY A 484 -13.23 5.66 -49.06
C GLY A 484 -14.51 5.18 -48.41
N ASP A 485 -15.28 4.36 -49.11
CA ASP A 485 -16.51 3.79 -48.59
C ASP A 485 -16.50 2.35 -49.11
N PRO A 486 -16.70 1.32 -48.26
CA PRO A 486 -16.61 0.01 -48.87
C PRO A 486 -17.89 -0.43 -49.54
N ASN A 487 -18.95 0.35 -49.41
CA ASN A 487 -20.26 -0.06 -49.92
C ASN A 487 -20.32 0.00 -51.41
N ASP A 488 -21.25 -0.77 -51.97
CA ASP A 488 -21.46 -0.72 -53.41
C ASP A 488 -22.33 0.50 -53.75
N PRO A 489 -21.81 1.41 -54.60
CA PRO A 489 -22.43 2.75 -54.72
C PRO A 489 -23.68 2.70 -55.63
N ARG A 490 -23.49 2.22 -56.87
CA ARG A 490 -24.59 1.90 -57.81
C ARG A 490 -25.19 0.53 -57.36
N ASP A 491 -26.07 0.60 -56.34
CA ASP A 491 -26.67 -0.56 -55.61
C ASP A 491 -27.52 -0.04 -54.42
N SER A 492 -28.35 -0.92 -53.86
CA SER A 492 -29.00 -0.73 -52.55
C SER A 492 -29.74 -2.02 -52.13
N LYS A 493 -29.87 -2.20 -50.79
CA LYS A 493 -30.41 -3.45 -50.19
C LYS A 493 -29.28 -4.54 -50.29
N SER A 494 -28.27 -4.41 -49.40
CA SER A 494 -27.08 -5.33 -49.38
C SER A 494 -26.73 -6.17 -48.07
N PRO A 495 -26.89 -5.62 -46.86
CA PRO A 495 -27.16 -4.21 -46.46
C PRO A 495 -25.98 -3.25 -46.64
N GLN A 496 -26.16 -2.10 -46.01
CA GLN A 496 -25.14 -1.14 -45.91
C GLN A 496 -24.18 -1.46 -44.75
N TRP A 497 -22.98 -0.93 -44.88
CA TRP A 497 -21.96 -1.01 -43.88
C TRP A 497 -21.86 0.41 -43.38
N PRO A 498 -22.33 0.65 -42.17
CA PRO A 498 -22.32 2.00 -41.69
C PRO A 498 -20.98 2.37 -41.12
N PRO A 499 -20.62 3.65 -41.19
CA PRO A 499 -19.41 4.09 -40.50
C PRO A 499 -19.45 3.81 -38.99
N TYR A 500 -18.30 3.36 -38.45
CA TYR A 500 -18.09 3.27 -37.00
C TYR A 500 -18.05 4.69 -36.44
N THR A 501 -18.81 4.94 -35.39
CA THR A 501 -18.83 6.27 -34.79
C THR A 501 -18.75 6.04 -33.30
N THR A 502 -18.28 7.04 -32.53
CA THR A 502 -18.22 6.88 -31.05
C THR A 502 -19.61 6.75 -30.42
N ALA A 503 -20.61 7.50 -30.86
CA ALA A 503 -21.96 7.27 -30.31
C ALA A 503 -22.42 5.85 -30.61
N ALA A 504 -22.49 5.44 -31.88
CA ALA A 504 -23.16 4.16 -32.17
C ALA A 504 -22.28 2.90 -32.23
N GLN A 505 -20.99 3.06 -32.48
CA GLN A 505 -20.05 1.94 -32.41
C GLN A 505 -20.51 0.76 -33.27
N GLN A 506 -20.90 1.11 -34.50
CA GLN A 506 -21.38 0.13 -35.44
C GLN A 506 -20.29 -0.58 -36.22
N TYR A 507 -20.38 -1.90 -36.32
CA TYR A 507 -19.42 -2.60 -37.15
C TYR A 507 -20.14 -3.75 -37.85
N VAL A 508 -19.49 -4.40 -38.84
CA VAL A 508 -20.19 -5.45 -39.55
C VAL A 508 -19.50 -6.78 -39.36
N SER A 509 -20.20 -7.89 -39.56
CA SER A 509 -19.47 -9.17 -39.52
C SER A 509 -19.33 -9.62 -40.95
N LEU A 510 -18.17 -10.18 -41.26
CA LEU A 510 -17.87 -10.66 -42.57
C LEU A 510 -17.81 -12.14 -42.46
N ASN A 511 -18.82 -12.78 -43.03
CA ASN A 511 -18.85 -14.26 -43.16
C ASN A 511 -19.74 -14.66 -44.32
N LEU A 512 -20.09 -15.94 -44.41
CA LEU A 512 -20.89 -16.37 -45.57
C LEU A 512 -22.26 -15.76 -45.58
N LYS A 513 -22.81 -15.33 -44.45
CA LYS A 513 -24.16 -14.70 -44.50
C LYS A 513 -24.00 -13.24 -44.92
N PRO A 514 -25.10 -12.55 -45.35
CA PRO A 514 -24.95 -11.09 -45.65
C PRO A 514 -24.50 -10.30 -44.43
N LEU A 515 -23.98 -9.10 -44.69
CA LEU A 515 -23.52 -8.19 -43.63
C LEU A 515 -24.54 -8.10 -42.55
N GLU A 516 -24.11 -8.36 -41.34
CA GLU A 516 -24.94 -8.14 -40.16
C GLU A 516 -24.28 -6.95 -39.44
N VAL A 517 -25.05 -5.90 -39.12
CA VAL A 517 -24.53 -4.79 -38.32
C VAL A 517 -24.59 -5.03 -36.82
N ARG A 518 -23.44 -4.95 -36.14
CA ARG A 518 -23.38 -5.14 -34.67
C ARG A 518 -22.95 -3.84 -34.01
N ARG A 519 -23.24 -3.67 -32.71
CA ARG A 519 -22.92 -2.43 -31.98
CA ARG A 519 -22.86 -2.44 -32.02
C ARG A 519 -21.99 -2.67 -30.79
N GLY A 520 -20.93 -1.89 -30.69
CA GLY A 520 -19.98 -2.05 -29.58
C GLY A 520 -19.05 -3.23 -29.81
N LEU A 521 -17.80 -2.90 -30.08
CA LEU A 521 -16.84 -3.92 -30.40
C LEU A 521 -16.21 -4.39 -29.07
N ARG A 522 -16.81 -5.43 -28.46
CA ARG A 522 -16.30 -5.92 -27.16
CA ARG A 522 -16.34 -5.92 -27.17
C ARG A 522 -16.24 -4.71 -26.20
N ALA A 523 -17.32 -3.92 -26.16
CA ALA A 523 -17.35 -2.67 -25.38
C ALA A 523 -16.98 -2.79 -23.92
N GLN A 524 -17.57 -3.73 -23.20
CA GLN A 524 -17.30 -3.81 -21.77
C GLN A 524 -15.84 -4.15 -21.53
N THR A 525 -15.38 -5.15 -22.25
CA THR A 525 -14.02 -5.61 -22.11
C THR A 525 -12.97 -4.59 -22.54
N CYS A 526 -13.26 -3.83 -23.59
CA CYS A 526 -12.30 -2.86 -24.03
C CYS A 526 -12.21 -1.66 -23.11
N ALA A 527 -13.29 -1.33 -22.41
CA ALA A 527 -13.20 -0.25 -21.48
C ALA A 527 -12.26 -0.74 -20.36
N PHE A 528 -12.29 -2.04 -20.07
CA PHE A 528 -11.37 -2.60 -19.11
C PHE A 528 -9.85 -2.43 -19.51
N TRP A 529 -9.46 -2.90 -20.71
CA TRP A 529 -8.04 -2.87 -21.14
C TRP A 529 -7.58 -1.46 -21.48
N ASN A 530 -8.50 -0.64 -22.01
CA ASN A 530 -8.12 0.62 -22.58
C ASN A 530 -8.18 1.74 -21.57
N ARG A 531 -9.12 1.71 -20.63
CA ARG A 531 -9.19 2.78 -19.64
C ARG A 531 -8.76 2.38 -18.25
N PHE A 532 -9.14 1.19 -17.76
CA PHE A 532 -8.94 0.94 -16.34
C PHE A 532 -7.58 0.32 -16.08
N LEU A 533 -7.24 -0.73 -16.82
CA LEU A 533 -6.03 -1.45 -16.59
C LEU A 533 -4.78 -0.55 -16.61
N PRO A 534 -4.65 0.41 -17.55
CA PRO A 534 -3.42 1.25 -17.47
C PRO A 534 -3.23 1.96 -16.14
N LYS A 535 -4.33 2.45 -15.57
CA LYS A 535 -4.31 3.13 -14.28
C LYS A 535 -3.93 2.15 -13.22
N LEU A 536 -4.48 0.96 -13.28
CA LEU A 536 -4.15 -0.01 -12.31
C LEU A 536 -2.71 -0.40 -12.52
N LEU A 537 -2.27 -0.64 -13.74
CA LEU A 537 -0.89 -1.04 -13.85
C LEU A 537 0.11 0.02 -13.46
N SER A 538 -0.23 1.29 -13.62
CA SER A 538 0.71 2.29 -13.21
C SER A 538 0.62 2.59 -11.72
N ALA A 539 -0.50 2.28 -11.07
CA ALA A 539 -0.69 2.51 -9.62
C ALA A 539 -0.18 1.35 -8.77
N THR A 540 0.54 0.43 -9.42
CA THR A 540 0.77 -0.94 -8.93
C THR A 540 2.11 -1.52 -9.48
N ALA A 541 2.74 -0.84 -10.33
N GLU B 1 -61.82 -13.54 35.75
CA GLU B 1 -60.41 -13.70 35.26
C GLU B 1 -60.21 -14.92 34.32
N ASP B 2 -59.79 -14.66 33.07
CA ASP B 2 -59.48 -15.71 32.04
C ASP B 2 -58.14 -16.45 32.32
N PRO B 3 -58.17 -17.73 32.78
CA PRO B 3 -56.87 -18.42 33.13
C PRO B 3 -55.81 -18.57 32.02
N GLN B 4 -56.24 -18.48 30.74
CA GLN B 4 -55.32 -18.52 29.59
C GLN B 4 -54.39 -17.27 29.53
N LEU B 5 -55.05 -16.11 29.66
CA LEU B 5 -54.45 -14.81 29.71
C LEU B 5 -53.76 -14.49 31.02
N LEU B 6 -53.31 -15.47 31.79
CA LEU B 6 -52.53 -15.14 32.99
C LEU B 6 -51.36 -16.07 33.19
N VAL B 7 -50.13 -15.58 33.12
CA VAL B 7 -48.96 -16.47 33.25
C VAL B 7 -48.03 -16.04 34.37
N ARG B 8 -47.34 -17.01 34.96
CA ARG B 8 -46.23 -16.73 35.87
C ARG B 8 -44.87 -17.05 35.22
N VAL B 9 -43.94 -16.07 35.27
CA VAL B 9 -42.55 -16.17 34.78
C VAL B 9 -41.64 -16.00 36.01
N ARG B 10 -40.34 -16.30 35.92
CA ARG B 10 -39.49 -16.28 37.12
C ARG B 10 -39.53 -14.94 37.94
N GLY B 11 -39.91 -13.82 37.34
CA GLY B 11 -39.96 -12.55 38.07
C GLY B 11 -41.32 -12.21 38.70
N GLY B 12 -42.32 -13.07 38.45
CA GLY B 12 -43.67 -12.83 38.93
C GLY B 12 -44.76 -13.05 37.89
N GLN B 13 -45.90 -12.43 38.12
CA GLN B 13 -47.10 -12.70 37.35
C GLN B 13 -47.44 -11.66 36.28
N LEU B 14 -48.05 -12.15 35.21
CA LEU B 14 -48.40 -11.32 34.09
C LEU B 14 -49.81 -11.52 33.61
N ARG B 15 -50.40 -10.45 33.09
CA ARG B 15 -51.71 -10.52 32.46
C ARG B 15 -51.69 -10.15 30.96
N GLY B 16 -51.85 -11.15 30.10
CA GLY B 16 -52.00 -10.92 28.65
C GLY B 16 -53.29 -10.25 28.19
N ILE B 17 -53.49 -10.15 26.88
CA ILE B 17 -54.70 -9.62 26.32
C ILE B 17 -55.06 -10.65 25.25
N ARG B 18 -56.36 -10.91 25.03
CA ARG B 18 -56.83 -11.87 24.04
C ARG B 18 -57.02 -11.12 22.73
N LEU B 19 -56.44 -11.67 21.68
CA LEU B 19 -56.36 -10.98 20.39
C LEU B 19 -57.02 -11.78 19.28
N LYS B 20 -57.72 -11.02 18.43
CA LYS B 20 -58.59 -11.58 17.43
C LYS B 20 -57.91 -11.47 16.08
N ALA B 21 -57.02 -12.44 15.80
CA ALA B 21 -56.52 -12.72 14.43
C ALA B 21 -57.72 -13.16 13.56
N PRO B 22 -57.62 -12.99 12.22
CA PRO B 22 -58.81 -13.20 11.35
C PRO B 22 -59.32 -14.65 11.24
N GLY B 23 -58.52 -15.64 11.65
CA GLY B 23 -58.98 -17.04 11.73
C GLY B 23 -59.08 -17.60 13.15
N GLY B 24 -59.50 -16.79 14.12
CA GLY B 24 -59.58 -17.24 15.52
C GLY B 24 -58.65 -16.50 16.48
N PRO B 25 -58.66 -16.90 17.80
CA PRO B 25 -57.94 -16.18 18.89
C PRO B 25 -56.45 -16.49 19.06
N VAL B 26 -55.76 -15.55 19.76
CA VAL B 26 -54.36 -15.65 20.22
C VAL B 26 -54.14 -14.89 21.49
N SER B 27 -53.26 -15.42 22.34
CA SER B 27 -52.82 -14.73 23.57
C SER B 27 -51.56 -13.81 23.31
N ALA B 28 -51.61 -12.56 23.79
CA ALA B 28 -50.50 -11.65 23.59
C ALA B 28 -50.02 -11.20 24.95
N PHE B 29 -48.74 -11.37 25.21
CA PHE B 29 -48.12 -10.74 26.36
C PHE B 29 -47.14 -9.61 25.98
N LEU B 30 -47.69 -8.39 25.86
CA LEU B 30 -46.94 -7.22 25.42
C LEU B 30 -46.29 -6.40 26.55
N GLY B 31 -44.99 -6.12 26.46
CA GLY B 31 -44.45 -5.12 27.39
C GLY B 31 -43.88 -5.77 28.61
N ILE B 32 -43.39 -6.98 28.43
CA ILE B 32 -42.86 -7.71 29.57
C ILE B 32 -41.48 -7.15 29.78
N PRO B 33 -41.13 -6.72 30.99
CA PRO B 33 -39.79 -6.16 31.11
C PRO B 33 -38.74 -7.25 31.34
N PHE B 34 -37.61 -7.21 30.61
CA PHE B 34 -36.57 -8.22 30.79
C PHE B 34 -35.30 -7.67 31.49
N ALA B 35 -35.29 -6.36 31.71
CA ALA B 35 -34.12 -5.73 32.37
C ALA B 35 -34.51 -4.57 33.26
N GLU B 36 -33.65 -4.27 34.23
CA GLU B 36 -33.77 -3.00 34.93
C GLU B 36 -33.78 -1.87 33.87
N PRO B 37 -34.62 -0.84 34.01
CA PRO B 37 -34.45 0.19 32.94
C PRO B 37 -33.01 0.79 32.84
N PRO B 38 -32.43 0.81 31.63
CA PRO B 38 -30.99 1.22 31.61
C PRO B 38 -30.88 2.77 31.63
N VAL B 39 -31.35 3.41 32.69
CA VAL B 39 -31.35 4.86 32.71
C VAL B 39 -30.43 5.43 33.78
N GLY B 40 -30.29 6.75 33.75
CA GLY B 40 -29.52 7.46 34.77
C GLY B 40 -28.09 6.98 34.69
N SER B 41 -27.61 6.41 35.77
CA SER B 41 -26.22 6.03 35.84
C SER B 41 -25.97 4.69 35.13
N ARG B 42 -27.03 4.04 34.67
CA ARG B 42 -26.90 2.81 33.92
C ARG B 42 -26.85 3.10 32.43
N ARG B 43 -26.89 4.37 32.03
CA ARG B 43 -26.77 4.68 30.60
C ARG B 43 -25.44 4.15 30.03
N PHE B 44 -25.48 3.52 28.84
CA PHE B 44 -24.28 2.89 28.19
C PHE B 44 -23.79 1.60 28.82
N MET B 45 -24.35 1.22 29.96
CA MET B 45 -23.96 0.03 30.65
C MET B 45 -24.64 -1.24 30.10
N PRO B 46 -23.94 -2.39 30.22
CA PRO B 46 -24.60 -3.71 29.95
C PRO B 46 -25.98 -3.84 30.68
N PRO B 47 -26.94 -4.58 30.08
CA PRO B 47 -28.22 -4.58 30.81
C PRO B 47 -28.19 -5.45 32.06
N GLU B 48 -28.99 -5.10 33.03
CA GLU B 48 -29.13 -5.97 34.19
C GLU B 48 -30.51 -6.64 34.25
N PRO B 49 -30.53 -7.91 34.70
CA PRO B 49 -31.80 -8.68 34.76
C PRO B 49 -32.80 -7.93 35.60
N LYS B 50 -33.99 -7.79 35.05
CA LYS B 50 -35.13 -7.21 35.72
C LYS B 50 -35.39 -7.82 37.11
N ARG B 51 -35.33 -7.03 38.20
CA ARG B 51 -35.63 -7.46 39.61
C ARG B 51 -37.06 -7.93 39.69
N PRO B 52 -37.33 -8.95 40.54
CA PRO B 52 -38.71 -9.50 40.49
C PRO B 52 -39.72 -8.55 41.12
N TRP B 53 -40.90 -8.45 40.52
CA TRP B 53 -41.95 -7.56 41.01
C TRP B 53 -43.02 -8.41 41.69
N SER B 54 -43.84 -7.78 42.51
CA SER B 54 -44.97 -8.50 43.08
C SER B 54 -46.24 -7.94 42.44
N GLY B 55 -47.35 -8.61 42.69
CA GLY B 55 -48.60 -8.21 42.08
C GLY B 55 -48.69 -8.80 40.68
N VAL B 56 -49.71 -8.37 39.95
CA VAL B 56 -49.91 -8.84 38.58
C VAL B 56 -49.61 -7.69 37.63
N LEU B 57 -48.47 -7.85 36.92
CA LEU B 57 -48.02 -6.92 35.89
C LEU B 57 -48.90 -6.91 34.62
N ASP B 58 -49.38 -5.74 34.24
CA ASP B 58 -50.24 -5.61 33.07
C ASP B 58 -49.49 -5.72 31.71
N ALA B 59 -49.61 -6.87 31.05
CA ALA B 59 -48.94 -7.11 29.78
C ALA B 59 -49.89 -6.95 28.62
N THR B 60 -50.59 -5.85 28.54
CA THR B 60 -51.58 -5.83 27.48
C THR B 60 -51.38 -4.85 26.35
N THR B 61 -50.38 -3.96 26.49
CA THR B 61 -49.89 -3.13 25.34
C THR B 61 -48.41 -3.02 25.18
N PHE B 62 -48.05 -2.44 24.05
CA PHE B 62 -46.64 -2.20 23.76
C PHE B 62 -46.03 -1.16 24.65
N GLN B 63 -44.86 -1.47 25.14
CA GLN B 63 -44.16 -0.50 25.92
C GLN B 63 -43.46 0.56 25.03
N ASN B 64 -42.72 1.46 25.68
CA ASN B 64 -42.02 2.58 25.02
C ASN B 64 -41.02 2.08 23.99
N VAL B 65 -40.85 2.87 22.95
CA VAL B 65 -39.79 2.69 21.99
C VAL B 65 -38.42 3.24 22.56
N CYS B 66 -37.35 2.48 22.37
CA CYS B 66 -36.01 2.98 22.68
C CYS B 66 -35.68 4.31 21.97
N TYR B 67 -35.07 5.20 22.76
CA TYR B 67 -34.82 6.57 22.36
C TYR B 67 -34.02 6.60 21.05
N GLN B 68 -34.47 7.39 20.08
CA GLN B 68 -33.95 7.29 18.73
C GLN B 68 -34.29 8.46 17.84
N TYR B 69 -33.46 8.62 16.82
CA TYR B 69 -33.60 9.62 15.82
C TYR B 69 -34.79 9.25 14.97
N VAL B 70 -35.62 10.21 14.57
CA VAL B 70 -36.77 9.89 13.70
C VAL B 70 -36.61 10.59 12.38
N ASP B 71 -36.57 9.81 11.29
CA ASP B 71 -36.39 10.36 9.94
C ASP B 71 -37.54 11.30 9.61
N THR B 72 -37.21 12.42 9.00
CA THR B 72 -38.24 13.38 8.62
C THR B 72 -38.32 13.50 7.09
N LEU B 73 -37.83 12.46 6.41
CA LEU B 73 -37.69 12.49 4.96
C LEU B 73 -38.93 13.00 4.15
N TYR B 74 -40.09 12.35 4.33
CA TYR B 74 -41.28 12.77 3.61
C TYR B 74 -42.38 12.94 4.63
N PRO B 75 -42.38 14.06 5.36
CA PRO B 75 -43.40 14.17 6.42
C PRO B 75 -44.85 13.99 5.87
N GLY B 76 -45.58 13.02 6.41
CA GLY B 76 -46.97 12.83 6.05
C GLY B 76 -47.28 11.55 5.30
N PHE B 77 -46.27 10.97 4.65
CA PHE B 77 -46.38 9.85 3.71
C PHE B 77 -46.35 8.46 4.40
N GLU B 78 -47.32 7.59 4.16
CA GLU B 78 -47.38 6.29 4.91
C GLU B 78 -46.22 5.36 4.64
N GLY B 79 -45.74 5.41 3.40
CA GLY B 79 -44.51 4.75 2.97
C GLY B 79 -43.36 4.89 3.95
N THR B 80 -43.08 6.12 4.39
CA THR B 80 -42.11 6.30 5.46
C THR B 80 -42.74 6.18 6.82
N GLU B 81 -43.89 6.79 7.04
CA GLU B 81 -44.39 6.82 8.42
C GLU B 81 -44.74 5.47 9.04
N MET B 82 -45.10 4.48 8.22
CA MET B 82 -45.28 3.11 8.71
C MET B 82 -44.07 2.55 9.47
N TRP B 83 -42.91 3.15 9.26
CA TRP B 83 -41.65 2.69 9.89
C TRP B 83 -41.27 3.42 11.18
N ASN B 84 -41.92 4.57 11.46
CA ASN B 84 -41.59 5.41 12.63
C ASN B 84 -42.11 4.87 13.92
N PRO B 85 -41.47 5.26 15.03
CA PRO B 85 -41.97 4.85 16.33
C PRO B 85 -43.48 5.03 16.49
N ASN B 86 -44.11 4.12 17.23
CA ASN B 86 -45.55 4.21 17.43
C ASN B 86 -45.93 4.14 18.93
N ARG B 87 -44.99 4.51 19.78
CA ARG B 87 -45.16 4.54 21.23
C ARG B 87 -44.19 5.61 21.63
N GLU B 88 -44.29 6.13 22.85
CA GLU B 88 -43.41 7.21 23.23
C GLU B 88 -41.97 6.74 23.30
N LEU B 89 -41.06 7.65 22.99
CA LEU B 89 -39.64 7.39 23.09
C LEU B 89 -39.17 7.42 24.51
N SER B 90 -38.45 6.41 24.92
CA SER B 90 -37.90 6.54 26.25
C SER B 90 -36.63 5.73 26.45
N GLU B 91 -35.75 6.21 27.29
CA GLU B 91 -34.66 5.34 27.64
C GLU B 91 -35.17 4.12 28.39
N ASP B 92 -36.37 4.19 28.95
CA ASP B 92 -36.92 3.04 29.65
C ASP B 92 -37.75 2.25 28.65
N CYS B 93 -37.13 1.20 28.10
CA CYS B 93 -37.62 0.61 26.84
C CYS B 93 -37.25 -0.88 26.70
N LEU B 94 -36.43 -1.42 27.63
CA LEU B 94 -36.13 -2.89 27.64
C LEU B 94 -37.34 -3.82 28.03
N TYR B 95 -38.19 -4.06 27.02
CA TYR B 95 -39.41 -4.82 27.13
C TYR B 95 -39.43 -5.77 25.94
N LEU B 96 -39.83 -7.05 26.15
CA LEU B 96 -40.17 -7.96 25.03
C LEU B 96 -41.69 -8.27 24.87
N ASN B 97 -42.03 -8.85 23.74
CA ASN B 97 -43.38 -9.27 23.46
C ASN B 97 -43.47 -10.79 23.17
N VAL B 98 -44.57 -11.43 23.61
CA VAL B 98 -44.78 -12.86 23.32
C VAL B 98 -46.14 -13.09 22.71
N TRP B 99 -46.22 -13.86 21.62
CA TRP B 99 -47.50 -14.29 21.11
C TRP B 99 -47.52 -15.84 21.14
N THR B 100 -48.54 -16.45 21.79
CA THR B 100 -48.91 -17.89 21.69
C THR B 100 -50.29 -18.04 21.08
N PRO B 101 -50.57 -19.21 20.48
CA PRO B 101 -52.00 -19.46 20.07
C PRO B 101 -53.00 -19.48 21.27
N TYR B 102 -54.27 -19.29 20.98
CA TYR B 102 -55.30 -19.47 22.02
C TYR B 102 -56.16 -20.68 21.67
N PRO B 103 -56.09 -21.72 22.51
CA PRO B 103 -55.30 -21.72 23.75
C PRO B 103 -53.86 -22.22 23.62
N ARG B 104 -53.07 -21.93 24.67
CA ARG B 104 -51.71 -22.39 24.86
C ARG B 104 -51.51 -23.78 24.29
N PRO B 105 -50.40 -24.02 23.62
CA PRO B 105 -50.44 -25.22 22.79
C PRO B 105 -50.37 -26.57 23.48
N ALA B 106 -50.89 -27.57 22.75
CA ALA B 106 -50.54 -29.00 22.85
C ALA B 106 -49.25 -29.34 23.71
N SER B 107 -48.12 -29.51 23.00
CA SER B 107 -46.83 -29.74 23.64
C SER B 107 -45.86 -28.59 23.25
N PRO B 108 -44.64 -28.53 23.87
CA PRO B 108 -43.56 -27.58 23.53
C PRO B 108 -43.41 -27.30 22.01
N THR B 109 -43.89 -26.13 21.60
CA THR B 109 -43.96 -25.68 20.21
C THR B 109 -42.70 -24.79 19.86
N PRO B 110 -42.21 -24.86 18.58
CA PRO B 110 -41.00 -24.12 18.15
C PRO B 110 -41.15 -22.59 18.22
N VAL B 111 -40.07 -21.95 18.70
CA VAL B 111 -40.02 -20.51 19.00
C VAL B 111 -39.22 -19.68 17.96
N LEU B 112 -39.94 -18.74 17.37
CA LEU B 112 -39.39 -17.70 16.51
C LEU B 112 -39.10 -16.42 17.31
N ILE B 113 -37.89 -15.88 17.22
CA ILE B 113 -37.60 -14.56 17.81
C ILE B 113 -37.19 -13.60 16.73
N TRP B 114 -37.97 -12.53 16.62
CA TRP B 114 -37.65 -11.41 15.77
C TRP B 114 -36.70 -10.37 16.38
N ILE B 115 -35.69 -9.96 15.62
CA ILE B 115 -34.84 -8.82 15.96
C ILE B 115 -34.99 -7.78 14.86
N TYR B 116 -35.55 -6.61 15.16
CA TYR B 116 -35.85 -5.62 14.11
C TYR B 116 -34.54 -4.97 13.68
N GLY B 117 -34.52 -4.48 12.45
CA GLY B 117 -33.42 -3.65 11.99
C GLY B 117 -33.78 -2.16 11.94
N GLY B 118 -32.79 -1.38 11.46
CA GLY B 118 -32.94 0.06 11.28
C GLY B 118 -31.60 0.72 11.48
N GLY B 119 -30.57 0.18 10.83
CA GLY B 119 -29.22 0.74 10.92
C GLY B 119 -28.61 0.86 12.30
N PHE B 120 -29.16 0.16 13.29
CA PHE B 120 -28.69 0.27 14.65
C PHE B 120 -28.91 1.64 15.27
N TYR B 121 -29.59 2.49 14.53
CA TYR B 121 -29.98 3.76 15.07
C TYR B 121 -31.52 3.97 15.22
N SER B 122 -32.34 3.07 14.71
CA SER B 122 -33.80 3.19 14.82
C SER B 122 -34.45 1.82 14.93
N GLY B 123 -35.78 1.84 15.14
CA GLY B 123 -36.60 0.61 15.16
C GLY B 123 -37.36 0.30 16.44
N ALA B 124 -38.41 -0.47 16.31
CA ALA B 124 -39.22 -0.86 17.46
C ALA B 124 -39.88 -2.19 17.15
N ALA B 125 -39.94 -3.07 18.16
CA ALA B 125 -40.65 -4.33 18.01
C ALA B 125 -42.18 -4.14 17.93
N SER B 126 -42.64 -2.94 18.27
CA SER B 126 -44.05 -2.62 18.38
C SER B 126 -44.68 -2.20 17.03
N LEU B 127 -43.98 -2.46 15.94
CA LEU B 127 -44.49 -2.00 14.68
C LEU B 127 -45.53 -2.93 14.06
N ASP B 128 -46.45 -2.35 13.29
CA ASP B 128 -47.51 -3.12 12.60
C ASP B 128 -46.94 -4.31 11.83
N VAL B 129 -45.92 -4.08 11.00
CA VAL B 129 -45.39 -5.17 10.16
C VAL B 129 -44.68 -6.26 10.92
N TYR B 130 -44.54 -6.09 12.23
CA TYR B 130 -43.83 -7.09 13.03
C TYR B 130 -44.79 -7.80 13.98
N ASP B 131 -46.08 -7.63 13.75
CA ASP B 131 -47.14 -8.21 14.56
C ASP B 131 -47.20 -9.72 14.45
N GLY B 132 -46.93 -10.42 15.55
CA GLY B 132 -46.88 -11.85 15.51
C GLY B 132 -48.18 -12.65 15.72
N ARG B 133 -49.37 -12.05 15.57
CA ARG B 133 -50.67 -12.81 15.60
C ARG B 133 -50.66 -14.04 14.65
N PHE B 134 -50.46 -13.73 13.38
CA PHE B 134 -50.59 -14.66 12.30
C PHE B 134 -49.65 -15.84 12.38
N LEU B 135 -48.38 -15.65 12.65
CA LEU B 135 -47.52 -16.81 12.74
C LEU B 135 -47.92 -17.71 13.92
N ALA B 136 -48.59 -17.15 14.90
CA ALA B 136 -48.82 -17.94 16.07
C ALA B 136 -50.18 -18.67 15.88
N GLN B 137 -51.17 -17.91 15.41
CA GLN B 137 -52.51 -18.39 15.08
C GLN B 137 -52.39 -19.42 13.99
N VAL B 138 -51.97 -18.98 12.80
CA VAL B 138 -52.04 -19.76 11.56
C VAL B 138 -51.04 -20.92 11.53
N GLU B 139 -49.95 -20.84 12.28
CA GLU B 139 -48.92 -21.89 12.21
C GLU B 139 -48.56 -22.41 13.58
N GLY B 140 -49.27 -21.93 14.59
CA GLY B 140 -49.14 -22.47 15.95
C GLY B 140 -47.80 -22.21 16.59
N ALA B 141 -47.14 -21.11 16.19
CA ALA B 141 -45.81 -20.77 16.70
C ALA B 141 -45.92 -19.82 17.85
N VAL B 142 -45.01 -19.99 18.80
CA VAL B 142 -44.72 -18.96 19.80
C VAL B 142 -43.69 -17.93 19.25
N LEU B 143 -44.19 -16.73 18.98
CA LEU B 143 -43.42 -15.63 18.45
C LEU B 143 -43.01 -14.56 19.52
N VAL B 144 -41.70 -14.46 19.80
CA VAL B 144 -41.13 -13.45 20.69
C VAL B 144 -40.42 -12.35 19.91
N SER B 145 -40.55 -11.10 20.38
CA SER B 145 -39.81 -9.98 19.85
C SER B 145 -39.39 -9.04 20.98
N MET B 146 -38.20 -8.45 20.89
CA MET B 146 -37.74 -7.51 21.94
C MET B 146 -37.33 -6.14 21.38
N ASN B 147 -37.49 -5.12 22.25
CA ASN B 147 -36.78 -3.86 22.11
C ASN B 147 -35.35 -4.02 22.59
N TYR B 148 -34.41 -3.37 21.88
CA TYR B 148 -32.97 -3.30 22.31
C TYR B 148 -32.50 -1.83 22.04
N ARG B 149 -31.58 -1.32 22.88
CA ARG B 149 -31.12 0.07 22.78
C ARG B 149 -30.39 0.32 21.45
N VAL B 150 -30.75 1.41 20.77
CA VAL B 150 -30.11 1.82 19.51
C VAL B 150 -29.31 3.17 19.64
N GLY B 151 -28.71 3.64 18.53
CA GLY B 151 -27.81 4.78 18.52
C GLY B 151 -26.76 4.78 19.65
N THR B 152 -26.55 5.96 20.24
CA THR B 152 -25.57 6.12 21.28
C THR B 152 -25.86 5.24 22.49
N PHE B 153 -27.12 5.14 22.88
CA PHE B 153 -27.52 4.43 24.09
C PHE B 153 -27.14 2.99 23.98
N GLY B 154 -27.17 2.43 22.74
CA GLY B 154 -26.87 1.01 22.59
C GLY B 154 -25.46 0.69 22.11
N PHE B 155 -24.81 1.67 21.47
CA PHE B 155 -23.52 1.41 20.78
C PHE B 155 -22.40 2.41 20.91
N LEU B 156 -22.62 3.56 21.53
CA LEU B 156 -21.48 4.45 21.86
C LEU B 156 -20.46 3.67 22.69
N ALA B 157 -19.18 3.75 22.37
CA ALA B 157 -18.25 2.86 23.04
C ALA B 157 -16.97 3.59 23.29
N LEU B 158 -16.40 3.39 24.45
CA LEU B 158 -15.08 3.87 24.73
C LEU B 158 -14.40 2.56 25.00
N PRO B 159 -13.83 1.92 23.97
CA PRO B 159 -13.48 0.49 24.13
C PRO B 159 -12.52 0.24 25.29
N GLY B 160 -12.81 -0.76 26.12
CA GLY B 160 -12.02 -1.06 27.30
C GLY B 160 -12.40 -0.32 28.56
N SER B 161 -13.40 0.55 28.49
CA SER B 161 -13.91 1.15 29.73
C SER B 161 -14.94 0.19 30.31
N ARG B 162 -15.02 0.22 31.62
CA ARG B 162 -16.00 -0.43 32.39
C ARG B 162 -17.38 0.14 32.07
N GLU B 163 -17.40 1.39 31.61
CA GLU B 163 -18.51 2.27 31.75
C GLU B 163 -19.29 2.61 30.52
N ALA B 164 -18.66 2.46 29.37
CA ALA B 164 -19.33 2.50 28.09
C ALA B 164 -18.57 1.50 27.23
N PRO B 165 -18.73 0.21 27.54
CA PRO B 165 -17.95 -0.82 26.87
C PRO B 165 -18.31 -1.11 25.41
N GLY B 166 -19.40 -0.60 24.90
CA GLY B 166 -19.77 -1.01 23.53
C GLY B 166 -20.68 -2.27 23.45
N ASN B 167 -21.48 -2.35 22.39
CA ASN B 167 -22.27 -3.51 22.10
C ASN B 167 -23.40 -3.80 23.06
N VAL B 168 -23.77 -2.82 23.89
CA VAL B 168 -24.80 -3.08 24.90
C VAL B 168 -26.15 -3.31 24.25
N GLY B 169 -26.40 -2.72 23.09
CA GLY B 169 -27.57 -3.12 22.33
C GLY B 169 -27.61 -4.62 22.04
N LEU B 170 -26.48 -5.27 21.78
CA LEU B 170 -26.52 -6.69 21.54
C LEU B 170 -26.63 -7.44 22.84
N LEU B 171 -26.19 -6.82 23.90
CA LEU B 171 -26.30 -7.47 25.19
C LEU B 171 -27.75 -7.46 25.56
N ASP B 172 -28.47 -6.39 25.21
CA ASP B 172 -29.89 -6.31 25.40
C ASP B 172 -30.55 -7.53 24.72
N GLN B 173 -30.26 -7.74 23.42
CA GLN B 173 -30.81 -8.86 22.69
C GLN B 173 -30.43 -10.18 23.39
N ARG B 174 -29.16 -10.35 23.79
CA ARG B 174 -28.73 -11.57 24.46
C ARG B 174 -29.52 -11.81 25.75
N LEU B 175 -29.84 -10.74 26.49
CA LEU B 175 -30.66 -10.86 27.68
C LEU B 175 -32.11 -11.30 27.38
N ALA B 176 -32.73 -10.76 26.33
CA ALA B 176 -34.05 -11.16 25.91
C ALA B 176 -34.02 -12.63 25.55
N LEU B 177 -32.90 -13.06 24.99
CA LEU B 177 -32.75 -14.44 24.55
C LEU B 177 -32.65 -15.36 25.76
N GLN B 178 -31.96 -14.91 26.81
CA GLN B 178 -31.75 -15.71 27.98
C GLN B 178 -33.09 -15.81 28.65
N TRP B 179 -33.88 -14.76 28.53
CA TRP B 179 -35.14 -14.76 29.17
C TRP B 179 -36.01 -15.85 28.54
N VAL B 180 -35.95 -15.99 27.21
CA VAL B 180 -36.68 -17.05 26.52
C VAL B 180 -36.23 -18.46 27.01
N GLN B 181 -34.94 -18.70 27.22
CA GLN B 181 -34.49 -19.96 27.83
C GLN B 181 -35.19 -20.19 29.16
N GLU B 182 -35.34 -19.15 29.96
CA GLU B 182 -35.83 -19.38 31.27
C GLU B 182 -37.34 -19.36 31.36
N ASN B 183 -38.04 -18.82 30.40
CA ASN B 183 -39.45 -18.50 30.63
C ASN B 183 -40.43 -18.87 29.51
N ILE B 184 -39.91 -19.24 28.36
CA ILE B 184 -40.82 -19.42 27.25
C ILE B 184 -41.73 -20.65 27.45
N ALA B 185 -41.22 -21.72 28.10
CA ALA B 185 -41.98 -22.95 28.48
C ALA B 185 -43.33 -22.55 29.07
N ALA B 186 -43.30 -21.67 30.06
CA ALA B 186 -44.49 -21.09 30.64
C ALA B 186 -45.59 -20.60 29.64
N PHE B 187 -45.26 -20.39 28.36
CA PHE B 187 -46.22 -19.88 27.35
C PHE B 187 -46.53 -20.93 26.31
N GLY B 188 -45.91 -22.09 26.45
CA GLY B 188 -46.07 -23.14 25.47
C GLY B 188 -44.78 -23.48 24.73
N GLY B 189 -43.97 -22.46 24.48
CA GLY B 189 -42.80 -22.61 23.62
C GLY B 189 -41.71 -23.50 24.17
N ASP B 190 -40.88 -23.95 23.24
CA ASP B 190 -39.91 -24.95 23.48
C ASP B 190 -38.49 -24.34 23.50
N PRO B 191 -37.89 -24.25 24.71
CA PRO B 191 -36.53 -23.72 24.85
C PRO B 191 -35.43 -24.49 24.04
N MET B 192 -35.79 -25.51 23.27
CA MET B 192 -34.76 -26.32 22.59
C MET B 192 -35.00 -26.26 21.08
N SER B 193 -35.97 -25.43 20.74
CA SER B 193 -36.25 -25.10 19.37
C SER B 193 -36.39 -23.57 19.30
N VAL B 194 -35.26 -22.87 19.27
CA VAL B 194 -35.30 -21.42 19.13
C VAL B 194 -34.61 -20.97 17.84
N THR B 195 -35.37 -20.24 17.02
CA THR B 195 -34.92 -19.73 15.76
C THR B 195 -34.90 -18.21 15.82
N LEU B 196 -33.76 -17.62 15.48
CA LEU B 196 -33.72 -16.14 15.38
C LEU B 196 -34.16 -15.66 13.99
N PHE B 197 -34.72 -14.48 13.91
CA PHE B 197 -34.79 -13.93 12.58
C PHE B 197 -34.99 -12.41 12.64
N GLY B 198 -34.36 -11.74 11.67
CA GLY B 198 -34.33 -10.30 11.63
C GLY B 198 -34.05 -9.82 10.23
N GLU B 199 -34.21 -8.52 10.06
CA GLU B 199 -34.04 -7.91 8.79
C GLU B 199 -33.07 -6.72 8.97
N SER B 200 -32.24 -6.38 7.94
CA SER B 200 -31.21 -5.31 8.10
C SER B 200 -30.28 -5.54 9.29
N ALA B 201 -30.20 -4.56 10.16
CA ALA B 201 -29.43 -4.64 11.39
C ALA B 201 -29.91 -5.78 12.29
N GLY B 202 -31.21 -6.13 12.22
CA GLY B 202 -31.75 -7.31 12.89
C GLY B 202 -31.01 -8.54 12.38
N ALA B 203 -30.90 -8.68 11.06
CA ALA B 203 -30.12 -9.80 10.47
C ALA B 203 -28.62 -9.76 10.88
N ALA B 204 -28.04 -8.56 10.85
CA ALA B 204 -26.66 -8.40 11.23
C ALA B 204 -26.55 -8.82 12.66
N SER B 205 -27.53 -8.46 13.50
CA SER B 205 -27.56 -8.90 14.88
C SER B 205 -27.69 -10.44 14.98
N VAL B 206 -28.56 -11.05 14.19
CA VAL B 206 -28.63 -12.51 14.28
C VAL B 206 -27.22 -13.05 13.99
N GLY B 207 -26.62 -12.50 12.92
CA GLY B 207 -25.26 -12.84 12.54
C GLY B 207 -24.30 -12.83 13.71
N MET B 208 -24.49 -11.83 14.57
CA MET B 208 -23.57 -11.61 15.63
C MET B 208 -23.72 -12.56 16.77
N HIS B 209 -24.95 -12.98 17.00
CA HIS B 209 -25.18 -14.06 17.93
C HIS B 209 -24.57 -15.35 17.41
N ILE B 210 -24.74 -15.65 16.11
CA ILE B 210 -24.01 -16.79 15.49
C ILE B 210 -22.50 -16.70 15.85
N LEU B 211 -21.95 -15.50 15.85
CA LEU B 211 -20.50 -15.35 15.94
C LEU B 211 -19.92 -15.17 17.34
N SER B 212 -20.79 -15.00 18.34
CA SER B 212 -20.34 -14.68 19.67
C SER B 212 -20.62 -15.87 20.60
N LEU B 213 -19.59 -16.42 21.20
CA LEU B 213 -19.76 -17.66 21.95
C LEU B 213 -20.90 -17.69 22.97
N PRO B 214 -20.93 -16.73 23.92
CA PRO B 214 -21.99 -16.80 24.93
C PRO B 214 -23.39 -16.76 24.39
N SER B 215 -23.57 -16.52 23.10
CA SER B 215 -24.90 -16.46 22.52
C SER B 215 -25.33 -17.77 21.92
N ARG B 216 -24.39 -18.59 21.54
CA ARG B 216 -24.71 -19.75 20.69
C ARG B 216 -25.71 -20.74 21.28
N SER B 217 -25.58 -20.96 22.57
CA SER B 217 -26.44 -21.90 23.24
C SER B 217 -27.81 -21.32 23.58
N LEU B 218 -28.21 -20.22 22.96
CA LEU B 218 -29.51 -19.69 23.31
C LEU B 218 -30.43 -19.76 22.12
N PHE B 219 -29.98 -20.40 21.03
CA PHE B 219 -30.82 -20.56 19.85
C PHE B 219 -30.28 -21.72 19.05
N HIS B 220 -31.00 -22.16 18.01
CA HIS B 220 -30.63 -23.41 17.33
C HIS B 220 -30.46 -23.20 15.83
N ARG B 221 -31.33 -22.36 15.28
CA ARG B 221 -31.41 -22.07 13.86
C ARG B 221 -31.48 -20.53 13.73
N ALA B 222 -31.29 -20.01 12.50
CA ALA B 222 -31.12 -18.55 12.25
C ALA B 222 -31.57 -18.14 10.87
N VAL B 223 -32.27 -17.02 10.77
CA VAL B 223 -32.63 -16.43 9.47
C VAL B 223 -32.05 -15.02 9.41
N LEU B 224 -31.20 -14.72 8.40
CA LEU B 224 -30.73 -13.36 8.11
C LEU B 224 -31.37 -12.81 6.84
N GLN B 225 -32.45 -12.05 6.98
CA GLN B 225 -33.07 -11.31 5.88
C GLN B 225 -32.40 -9.94 5.59
N SER B 226 -31.79 -9.80 4.40
CA SER B 226 -31.22 -8.50 3.95
C SER B 226 -30.18 -7.82 4.85
N GLY B 227 -29.28 -8.57 5.46
CA GLY B 227 -28.32 -7.96 6.35
C GLY B 227 -27.41 -9.04 6.88
N THR B 228 -26.14 -8.72 7.14
CA THR B 228 -25.14 -9.72 7.56
C THR B 228 -24.24 -9.03 8.52
N PRO B 229 -23.57 -9.77 9.43
CA PRO B 229 -22.58 -9.13 10.34
C PRO B 229 -21.26 -8.69 9.63
N ASN B 230 -20.81 -9.47 8.63
CA ASN B 230 -19.72 -9.06 7.72
C ASN B 230 -20.26 -7.89 6.86
N GLY B 231 -19.42 -7.23 6.07
CA GLY B 231 -19.90 -6.17 5.16
C GLY B 231 -19.56 -4.79 5.68
N PRO B 232 -19.79 -3.74 4.85
CA PRO B 232 -19.18 -2.46 5.12
C PRO B 232 -19.85 -1.62 6.22
N TRP B 233 -21.06 -1.96 6.70
CA TRP B 233 -21.80 -1.05 7.56
C TRP B 233 -22.07 -1.54 8.94
N ALA B 234 -22.02 -2.84 9.12
CA ALA B 234 -22.53 -3.39 10.38
C ALA B 234 -21.51 -3.39 11.55
N THR B 235 -20.25 -2.98 11.36
CA THR B 235 -19.34 -2.91 12.51
C THR B 235 -18.39 -1.72 12.35
N VAL B 236 -17.72 -1.29 13.42
CA VAL B 236 -16.59 -0.38 13.33
C VAL B 236 -15.41 -0.94 14.16
N SER B 237 -14.21 -0.42 13.90
CA SER B 237 -13.06 -0.83 14.69
C SER B 237 -13.12 -0.08 16.01
N ALA B 238 -12.40 -0.59 17.00
CA ALA B 238 -12.26 0.02 18.30
C ALA B 238 -11.81 1.45 18.17
N GLY B 239 -11.01 1.77 17.17
CA GLY B 239 -10.37 3.09 17.13
C GLY B 239 -11.31 4.08 16.49
N GLU B 240 -12.10 3.64 15.52
CA GLU B 240 -13.07 4.52 14.90
C GLU B 240 -14.25 4.74 15.91
N ALA B 241 -14.48 3.73 16.76
CA ALA B 241 -15.53 3.85 17.76
C ALA B 241 -15.13 4.94 18.78
N ARG B 242 -13.88 4.88 19.26
CA ARG B 242 -13.40 5.85 20.24
C ARG B 242 -13.46 7.22 19.55
N ARG B 243 -13.13 7.27 18.28
CA ARG B 243 -13.06 8.59 17.69
C ARG B 243 -14.51 9.20 17.71
N ARG B 244 -15.49 8.33 17.47
CA ARG B 244 -16.83 8.79 17.29
C ARG B 244 -17.42 9.15 18.62
N ALA B 245 -17.10 8.37 19.65
CA ALA B 245 -17.62 8.60 21.01
C ALA B 245 -17.05 9.92 21.56
N THR B 246 -15.78 10.07 21.34
CA THR B 246 -15.05 11.19 21.86
C THR B 246 -15.55 12.47 21.12
N LEU B 247 -15.84 12.36 19.83
CA LEU B 247 -16.24 13.53 19.11
C LEU B 247 -17.70 13.89 19.45
N LEU B 248 -18.56 12.88 19.57
CA LEU B 248 -19.90 13.10 20.01
C LEU B 248 -19.95 13.82 21.38
N ALA B 249 -19.16 13.33 22.34
CA ALA B 249 -19.14 13.90 23.66
C ALA B 249 -18.70 15.39 23.59
N ARG B 250 -17.67 15.62 22.80
CA ARG B 250 -17.02 16.93 22.75
C ARG B 250 -18.08 17.89 22.26
N LEU B 251 -18.90 17.47 21.28
CA LEU B 251 -19.93 18.36 20.75
C LEU B 251 -21.07 18.65 21.73
N VAL B 252 -21.35 17.76 22.68
CA VAL B 252 -22.40 18.11 23.64
C VAL B 252 -21.60 18.71 24.74
N GLY B 253 -21.97 18.63 26.00
CA GLY B 253 -20.86 19.11 26.97
C GLY B 253 -19.45 18.57 26.64
N CYS B 254 -18.80 17.87 27.58
CA CYS B 254 -18.16 16.52 27.56
C CYS B 254 -16.80 16.06 27.07
N PRO B 255 -15.82 16.00 27.98
CA PRO B 255 -15.81 16.53 29.35
C PRO B 255 -15.83 18.04 29.29
N PRO B 256 -16.05 18.71 30.42
CA PRO B 256 -16.19 20.19 30.18
C PRO B 256 -14.85 20.92 30.14
N GLY B 257 -14.65 21.81 29.15
CA GLY B 257 -13.42 22.59 29.01
C GLY B 257 -12.13 21.96 28.48
N GLY B 258 -12.24 20.94 27.64
CA GLY B 258 -11.00 20.33 27.06
C GLY B 258 -10.03 19.85 28.14
N ALA B 259 -10.23 18.57 28.56
CA ALA B 259 -9.80 18.03 29.87
C ALA B 259 -9.28 16.60 29.79
N GLY B 260 -9.70 15.88 28.75
CA GLY B 260 -9.18 14.54 28.44
C GLY B 260 -8.44 13.50 29.33
N GLY B 261 -8.19 13.71 30.61
CA GLY B 261 -7.92 12.48 31.40
C GLY B 261 -9.03 11.34 31.40
N ASN B 262 -9.73 11.15 32.54
CA ASN B 262 -10.59 10.00 32.85
C ASN B 262 -11.62 9.71 31.76
N ASP B 263 -11.57 8.51 31.17
CA ASP B 263 -12.71 8.02 30.40
C ASP B 263 -14.00 7.92 31.21
N THR B 264 -13.92 7.53 32.48
CA THR B 264 -15.10 7.54 33.33
C THR B 264 -15.59 8.96 33.67
N GLU B 265 -14.70 9.95 33.79
CA GLU B 265 -15.12 11.33 33.95
C GLU B 265 -15.87 11.68 32.67
N LEU B 266 -15.36 11.26 31.51
CA LEU B 266 -16.04 11.60 30.23
C LEU B 266 -17.42 11.04 30.20
N ILE B 267 -17.52 9.76 30.53
CA ILE B 267 -18.82 9.14 30.53
C ILE B 267 -19.82 9.67 31.57
N ALA B 268 -19.35 9.97 32.80
CA ALA B 268 -20.20 10.59 33.81
C ALA B 268 -20.84 11.83 33.26
N CYS B 269 -20.08 12.71 32.63
CA CYS B 269 -20.63 13.91 32.00
C CYS B 269 -21.72 13.62 30.92
N LEU B 270 -21.46 12.62 30.11
CA LEU B 270 -22.37 12.21 29.07
C LEU B 270 -23.67 11.72 29.69
N ARG B 271 -23.56 11.04 30.83
CA ARG B 271 -24.77 10.57 31.46
C ARG B 271 -25.57 11.76 31.95
N THR B 272 -24.99 12.96 32.08
CA THR B 272 -25.90 14.02 32.45
C THR B 272 -26.61 14.74 31.30
N ARG B 273 -26.54 14.23 30.09
CA ARG B 273 -27.02 15.02 28.97
C ARG B 273 -28.38 14.50 28.59
N PRO B 274 -29.32 15.41 28.32
CA PRO B 274 -30.65 14.87 27.94
C PRO B 274 -30.54 13.98 26.72
N ALA B 275 -31.34 12.92 26.65
CA ALA B 275 -31.33 11.99 25.52
C ALA B 275 -31.42 12.69 24.17
N GLN B 276 -32.19 13.74 24.10
CA GLN B 276 -32.33 14.37 22.82
C GLN B 276 -31.01 15.09 22.40
N ASP B 277 -30.21 15.54 23.36
CA ASP B 277 -28.94 16.11 22.98
C ASP B 277 -28.08 15.09 22.26
N LEU B 278 -28.03 13.86 22.74
CA LEU B 278 -27.26 12.88 22.08
C LEU B 278 -27.74 12.65 20.65
N VAL B 279 -29.04 12.52 20.46
CA VAL B 279 -29.61 12.18 19.17
C VAL B 279 -29.36 13.34 18.23
N ASP B 280 -29.39 14.55 18.77
CA ASP B 280 -29.16 15.74 17.99
C ASP B 280 -27.77 15.82 17.36
N HIS B 281 -26.83 15.00 17.78
CA HIS B 281 -25.49 15.18 17.28
C HIS B 281 -25.02 13.90 16.66
N GLU B 282 -25.84 12.88 16.65
CA GLU B 282 -25.28 11.60 16.29
C GLU B 282 -24.80 11.48 14.88
N TRP B 283 -25.42 12.22 13.97
CA TRP B 283 -24.96 12.20 12.57
C TRP B 283 -23.67 12.97 12.35
N HIS B 284 -23.31 13.86 13.25
CA HIS B 284 -22.17 14.70 13.04
C HIS B 284 -20.84 13.95 13.13
N VAL B 285 -20.86 12.68 13.48
CA VAL B 285 -19.64 11.97 13.68
C VAL B 285 -19.22 11.07 12.54
N LEU B 286 -20.02 11.01 11.49
CA LEU B 286 -19.63 10.15 10.38
C LEU B 286 -18.37 10.71 9.71
N PRO B 287 -17.51 9.84 9.15
CA PRO B 287 -16.27 10.49 8.66
C PRO B 287 -16.29 11.13 7.25
N GLN B 288 -17.36 10.95 6.44
CA GLN B 288 -17.56 11.56 5.08
C GLN B 288 -19.01 11.54 4.75
N GLU B 289 -19.36 12.28 3.72
CA GLU B 289 -20.69 12.19 3.17
C GLU B 289 -20.97 10.77 2.60
N SER B 290 -21.99 10.10 3.13
CA SER B 290 -22.24 8.72 2.77
C SER B 290 -23.74 8.33 2.78
N ILE B 291 -24.07 7.13 2.31
CA ILE B 291 -25.32 6.47 2.65
C ILE B 291 -25.05 5.06 3.05
N PHE B 292 -26.00 4.46 3.75
CA PHE B 292 -25.82 3.10 4.26
C PHE B 292 -24.57 3.06 5.14
N ARG B 293 -24.36 4.14 5.90
CA ARG B 293 -23.38 4.10 7.01
C ARG B 293 -23.97 4.69 8.26
N PHE B 294 -23.74 4.08 9.42
CA PHE B 294 -24.40 4.58 10.61
C PHE B 294 -23.37 4.82 11.71
N SER B 295 -23.61 5.81 12.60
CA SER B 295 -22.61 6.32 13.54
C SER B 295 -22.24 5.39 14.68
N PHE B 296 -23.23 4.71 15.25
CA PHE B 296 -23.00 3.87 16.39
C PHE B 296 -23.57 2.52 16.06
N VAL B 297 -22.64 1.55 15.89
CA VAL B 297 -22.96 0.20 15.44
C VAL B 297 -22.07 -0.72 16.27
N PRO B 298 -22.32 -2.03 16.25
CA PRO B 298 -21.42 -2.96 16.98
C PRO B 298 -19.94 -2.69 16.72
N VAL B 299 -19.15 -2.85 17.77
CA VAL B 299 -17.71 -2.58 17.72
C VAL B 299 -16.90 -3.88 17.87
N VAL B 300 -15.84 -4.03 17.10
CA VAL B 300 -14.92 -5.17 17.22
C VAL B 300 -13.99 -4.84 18.43
N ASP B 301 -14.34 -5.39 19.60
CA ASP B 301 -13.84 -5.01 20.93
C ASP B 301 -12.90 -6.08 21.47
N GLY B 302 -12.79 -7.22 20.78
CA GLY B 302 -12.10 -8.36 21.32
C GLY B 302 -12.95 -9.03 22.37
N ASP B 303 -14.19 -8.60 22.54
CA ASP B 303 -15.00 -9.17 23.61
C ASP B 303 -16.26 -9.86 23.10
N PHE B 304 -17.35 -9.13 22.87
CA PHE B 304 -18.52 -9.76 22.23
C PHE B 304 -18.14 -10.43 20.91
N LEU B 305 -17.34 -9.78 20.09
CA LEU B 305 -16.75 -10.40 18.89
C LEU B 305 -15.27 -10.45 19.10
N SER B 306 -14.72 -11.66 19.11
CA SER B 306 -13.28 -11.84 19.42
C SER B 306 -12.38 -11.43 18.25
N ASP B 307 -12.93 -11.31 17.05
CA ASP B 307 -12.20 -10.78 15.87
C ASP B 307 -13.26 -10.15 14.94
N THR B 308 -12.88 -9.59 13.81
CA THR B 308 -13.86 -9.04 12.89
C THR B 308 -14.81 -10.14 12.40
N PRO B 309 -16.05 -9.78 12.01
CA PRO B 309 -16.89 -10.77 11.37
C PRO B 309 -16.27 -11.47 10.10
N GLU B 310 -15.52 -10.75 9.24
CA GLU B 310 -14.75 -11.34 8.11
CA GLU B 310 -14.82 -11.40 8.14
C GLU B 310 -13.86 -12.47 8.67
N ALA B 311 -13.04 -12.16 9.68
CA ALA B 311 -12.15 -13.22 10.17
C ALA B 311 -12.91 -14.40 10.77
N LEU B 312 -14.10 -14.12 11.31
CA LEU B 312 -14.80 -15.13 12.08
C LEU B 312 -15.73 -16.01 11.22
N ILE B 313 -16.20 -15.51 10.08
CA ILE B 313 -16.84 -16.41 9.16
C ILE B 313 -15.82 -17.25 8.36
N ASN B 314 -14.57 -16.81 8.13
CA ASN B 314 -13.56 -17.67 7.44
C ASN B 314 -13.12 -18.85 8.26
N THR B 315 -12.88 -18.67 9.53
CA THR B 315 -12.25 -19.72 10.32
C THR B 315 -13.24 -20.50 11.16
N GLY B 316 -14.49 -20.07 11.24
CA GLY B 316 -15.45 -20.76 12.11
C GLY B 316 -15.56 -22.26 11.91
N ASP B 317 -16.03 -22.98 12.95
CA ASP B 317 -16.59 -24.33 12.79
C ASP B 317 -18.13 -24.24 12.88
N PHE B 318 -18.81 -24.49 11.76
CA PHE B 318 -20.25 -24.31 11.69
C PHE B 318 -21.04 -25.56 11.28
N GLN B 319 -20.56 -26.75 11.66
CA GLN B 319 -21.25 -28.06 11.47
C GLN B 319 -22.76 -28.03 11.69
N ASP B 320 -23.11 -27.60 12.90
CA ASP B 320 -24.42 -27.86 13.48
C ASP B 320 -25.34 -26.68 13.25
N LEU B 321 -25.15 -25.99 12.14
CA LEU B 321 -25.84 -24.75 12.02
C LEU B 321 -26.62 -24.81 10.78
N GLN B 322 -27.93 -24.59 10.92
CA GLN B 322 -28.79 -24.41 9.77
C GLN B 322 -29.13 -22.97 9.65
N VAL B 323 -29.02 -22.41 8.46
CA VAL B 323 -29.28 -20.98 8.26
C VAL B 323 -30.08 -20.76 7.01
N LEU B 324 -30.91 -19.75 7.04
CA LEU B 324 -31.61 -19.34 5.86
C LEU B 324 -31.37 -17.83 5.67
N VAL B 325 -31.07 -17.36 4.45
CA VAL B 325 -30.58 -16.00 4.24
C VAL B 325 -31.03 -15.54 2.88
N GLY B 326 -31.37 -14.28 2.69
CA GLY B 326 -31.76 -13.82 1.37
C GLY B 326 -31.87 -12.32 1.24
N VAL B 327 -32.20 -11.84 0.05
CA VAL B 327 -32.29 -10.41 -0.15
C VAL B 327 -33.58 -10.08 -0.93
N VAL B 328 -34.02 -8.82 -0.94
CA VAL B 328 -35.16 -8.42 -1.79
C VAL B 328 -34.57 -8.00 -3.13
N LYS B 329 -35.43 -7.75 -4.13
CA LYS B 329 -35.00 -7.51 -5.48
C LYS B 329 -34.29 -6.17 -5.60
N ASP B 330 -34.69 -5.17 -4.84
CA ASP B 330 -34.03 -3.87 -5.02
C ASP B 330 -33.50 -3.29 -3.75
N GLU B 331 -32.56 -3.99 -3.16
CA GLU B 331 -31.96 -3.56 -1.89
C GLU B 331 -31.52 -2.11 -1.84
N GLY B 332 -31.12 -1.53 -2.96
CA GLY B 332 -30.54 -0.22 -2.98
C GLY B 332 -31.47 0.96 -3.13
N SER B 333 -32.71 0.76 -3.56
CA SER B 333 -33.46 1.92 -4.02
C SER B 333 -33.80 2.97 -2.94
N TYR B 334 -34.24 2.56 -1.75
CA TYR B 334 -34.57 3.51 -0.64
C TYR B 334 -33.37 4.43 -0.36
N PHE B 335 -32.21 3.83 -0.23
CA PHE B 335 -31.00 4.52 0.07
C PHE B 335 -30.69 5.69 -0.87
N LEU B 336 -30.99 5.53 -2.16
CA LEU B 336 -30.75 6.60 -3.13
C LEU B 336 -31.62 7.80 -2.86
N VAL B 337 -32.94 7.54 -2.69
CA VAL B 337 -33.91 8.64 -2.50
C VAL B 337 -33.59 9.28 -1.19
N TYR B 338 -33.08 8.49 -0.25
CA TYR B 338 -32.72 9.04 1.04
C TYR B 338 -31.57 10.06 0.96
N GLY B 339 -30.52 9.73 0.23
CA GLY B 339 -29.27 10.47 0.34
C GLY B 339 -28.40 10.68 -0.87
N VAL B 340 -28.81 10.27 -2.07
CA VAL B 340 -28.05 10.60 -3.28
C VAL B 340 -28.76 11.68 -4.13
N PRO B 341 -28.11 12.83 -4.42
CA PRO B 341 -28.78 13.79 -5.31
C PRO B 341 -29.34 13.18 -6.60
N GLY B 342 -30.56 13.57 -6.96
CA GLY B 342 -31.14 13.17 -8.22
C GLY B 342 -32.28 12.18 -8.07
N PHE B 343 -32.38 11.56 -6.90
CA PHE B 343 -33.38 10.50 -6.72
C PHE B 343 -34.52 10.94 -5.81
N SER B 344 -35.75 10.73 -6.25
CA SER B 344 -36.91 11.11 -5.47
C SER B 344 -37.98 10.04 -5.66
N LYS B 345 -38.99 10.02 -4.78
CA LYS B 345 -40.25 9.22 -5.02
C LYS B 345 -41.24 9.92 -5.94
N ASP B 346 -41.11 11.24 -6.03
CA ASP B 346 -42.05 12.10 -6.74
C ASP B 346 -41.83 12.23 -8.26
N ASN B 347 -40.58 12.36 -8.73
CA ASN B 347 -40.29 12.12 -10.18
C ASN B 347 -39.91 10.66 -10.38
N GLU B 348 -39.21 10.36 -11.44
CA GLU B 348 -38.90 8.96 -11.60
C GLU B 348 -37.41 8.69 -11.83
N SER B 349 -36.62 9.73 -11.50
CA SER B 349 -35.21 9.61 -11.15
C SER B 349 -34.39 9.08 -12.28
N LEU B 350 -34.35 9.84 -13.35
CA LEU B 350 -33.51 9.53 -14.48
C LEU B 350 -32.40 10.55 -14.38
N ILE B 351 -31.26 10.08 -13.90
CA ILE B 351 -30.14 10.93 -13.56
C ILE B 351 -29.14 11.07 -14.73
N SER B 352 -28.27 12.09 -14.66
CA SER B 352 -27.16 12.27 -15.60
C SER B 352 -26.03 11.40 -15.17
N ARG B 353 -24.95 11.37 -15.95
CA ARG B 353 -23.79 10.56 -15.65
C ARG B 353 -23.04 11.17 -14.49
N ALA B 354 -22.99 12.49 -14.47
CA ALA B 354 -22.38 13.19 -13.34
C ALA B 354 -23.06 12.77 -12.03
N GLN B 355 -24.36 12.72 -12.04
CA GLN B 355 -24.99 12.32 -10.82
C GLN B 355 -24.56 10.90 -10.47
N PHE B 356 -24.38 10.05 -11.47
CA PHE B 356 -24.08 8.70 -11.15
C PHE B 356 -22.65 8.62 -10.61
N LEU B 357 -21.73 9.36 -11.20
CA LEU B 357 -20.35 9.39 -10.62
C LEU B 357 -20.33 9.93 -9.19
N ALA B 358 -21.16 10.93 -8.93
CA ALA B 358 -21.13 11.55 -7.62
C ALA B 358 -21.73 10.55 -6.63
N GLY B 359 -22.81 9.93 -7.07
CA GLY B 359 -23.47 8.87 -6.34
C GLY B 359 -22.57 7.73 -5.98
N VAL B 360 -21.64 7.36 -6.86
CA VAL B 360 -20.69 6.29 -6.50
C VAL B 360 -19.77 6.66 -5.35
N ARG B 361 -19.29 7.91 -5.28
CA ARG B 361 -18.53 8.37 -4.09
C ARG B 361 -19.33 8.44 -2.81
N ILE B 362 -20.63 8.71 -2.91
CA ILE B 362 -21.50 8.71 -1.74
C ILE B 362 -21.84 7.28 -1.32
N GLY B 363 -22.02 6.39 -2.31
CA GLY B 363 -22.35 5.01 -2.02
C GLY B 363 -21.15 4.20 -1.55
N VAL B 364 -19.95 4.66 -1.88
CA VAL B 364 -18.73 3.89 -1.61
C VAL B 364 -17.77 4.88 -0.97
N PRO B 365 -18.16 5.32 0.23
CA PRO B 365 -17.43 6.45 0.81
C PRO B 365 -16.00 6.09 1.06
N GLN B 366 -15.68 4.83 1.31
CA GLN B 366 -14.29 4.48 1.65
C GLN B 366 -13.36 4.39 0.42
N ALA B 367 -13.93 4.44 -0.79
CA ALA B 367 -13.16 4.29 -2.01
C ALA B 367 -12.23 5.43 -2.31
N SER B 368 -10.97 5.11 -2.61
CA SER B 368 -10.09 6.00 -3.39
C SER B 368 -10.60 6.21 -4.81
N ASP B 369 -10.06 7.19 -5.49
CA ASP B 369 -10.48 7.44 -6.87
C ASP B 369 -10.36 6.26 -7.80
N LEU B 370 -9.30 5.48 -7.64
CA LEU B 370 -9.08 4.30 -8.45
C LEU B 370 -10.14 3.20 -8.13
N ALA B 371 -10.48 3.03 -6.86
CA ALA B 371 -11.49 2.06 -6.51
C ALA B 371 -12.83 2.53 -7.08
N ALA B 372 -13.16 3.79 -6.83
CA ALA B 372 -14.38 4.39 -7.31
C ALA B 372 -14.47 4.12 -8.79
N GLU B 373 -13.33 4.23 -9.46
CA GLU B 373 -13.33 4.03 -10.88
C GLU B 373 -13.58 2.57 -11.28
N ALA B 374 -13.07 1.65 -10.45
CA ALA B 374 -13.26 0.24 -10.69
C ALA B 374 -14.77 -0.05 -10.71
N VAL B 375 -15.48 0.60 -9.79
CA VAL B 375 -16.92 0.43 -9.58
C VAL B 375 -17.61 0.98 -10.83
N VAL B 376 -17.27 2.22 -11.21
CA VAL B 376 -17.90 2.81 -12.37
C VAL B 376 -17.72 1.91 -13.57
N LEU B 377 -16.53 1.32 -13.69
CA LEU B 377 -16.20 0.47 -14.82
C LEU B 377 -17.13 -0.71 -14.89
N HIS B 378 -17.39 -1.35 -13.77
CA HIS B 378 -18.17 -2.57 -13.77
C HIS B 378 -19.64 -2.30 -14.02
N TYR B 379 -20.09 -1.13 -13.58
CA TYR B 379 -21.50 -0.85 -13.55
C TYR B 379 -21.92 -0.01 -14.75
N THR B 380 -20.97 0.54 -15.49
CA THR B 380 -21.33 1.35 -16.62
C THR B 380 -21.71 0.49 -17.84
N ASP B 381 -22.65 0.92 -18.67
CA ASP B 381 -22.84 0.25 -19.95
C ASP B 381 -22.05 0.99 -21.01
N TRP B 382 -20.92 0.44 -21.44
CA TRP B 382 -19.99 1.24 -22.23
C TRP B 382 -20.53 1.49 -23.63
N LEU B 383 -21.59 0.75 -23.97
CA LEU B 383 -22.37 0.99 -25.15
C LEU B 383 -23.28 2.19 -24.92
N HIS B 384 -24.02 2.23 -23.82
CA HIS B 384 -24.82 3.44 -23.58
C HIS B 384 -24.43 4.11 -22.25
N PRO B 385 -23.29 4.82 -22.22
CA PRO B 385 -22.76 5.37 -20.97
C PRO B 385 -23.64 6.41 -20.26
N GLU B 386 -24.63 6.97 -20.97
CA GLU B 386 -25.48 8.02 -20.40
C GLU B 386 -26.96 7.75 -20.41
N ASP B 387 -27.37 6.50 -20.71
CA ASP B 387 -28.75 6.10 -20.65
C ASP B 387 -29.22 6.34 -19.25
N PRO B 388 -30.04 7.40 -19.05
CA PRO B 388 -30.42 7.78 -17.67
C PRO B 388 -31.18 6.69 -16.90
N THR B 389 -32.00 5.89 -17.55
CA THR B 389 -32.58 4.69 -16.91
C THR B 389 -31.53 3.69 -16.42
N HIS B 390 -30.57 3.37 -17.28
CA HIS B 390 -29.59 2.39 -16.95
C HIS B 390 -28.81 2.93 -15.74
N LEU B 391 -28.48 4.23 -15.79
CA LEU B 391 -27.73 4.90 -14.74
C LEU B 391 -28.43 4.85 -13.37
N ARG B 392 -29.74 5.09 -13.41
CA ARG B 392 -30.54 5.07 -12.23
C ARG B 392 -30.52 3.68 -11.67
N ASP B 393 -30.85 2.69 -12.48
CA ASP B 393 -30.87 1.31 -11.98
C ASP B 393 -29.49 0.81 -11.49
N ALA B 394 -28.46 1.24 -12.23
CA ALA B 394 -27.09 0.92 -11.88
C ALA B 394 -26.67 1.46 -10.50
N MET B 395 -26.97 2.75 -10.27
CA MET B 395 -26.71 3.42 -9.00
C MET B 395 -27.39 2.68 -7.86
N SER B 396 -28.60 2.19 -8.14
CA SER B 396 -29.28 1.37 -7.14
C SER B 396 -28.55 0.01 -6.92
N ALA B 397 -28.16 -0.67 -7.98
CA ALA B 397 -27.39 -1.91 -7.78
C ALA B 397 -26.06 -1.68 -7.02
N VAL B 398 -25.32 -0.59 -7.34
CA VAL B 398 -24.08 -0.31 -6.61
C VAL B 398 -24.35 -0.38 -5.08
N VAL B 399 -25.29 0.42 -4.58
CA VAL B 399 -25.54 0.54 -3.16
C VAL B 399 -26.04 -0.77 -2.58
N GLY B 400 -27.03 -1.36 -3.25
CA GLY B 400 -27.61 -2.66 -2.83
C GLY B 400 -26.68 -3.86 -2.89
N ASP B 401 -25.80 -3.89 -3.91
CA ASP B 401 -24.85 -4.99 -4.06
C ASP B 401 -23.74 -4.90 -3.03
N HIS B 402 -23.17 -3.69 -2.91
CA HIS B 402 -22.11 -3.37 -1.96
C HIS B 402 -22.56 -3.62 -0.53
N ASN B 403 -23.79 -3.21 -0.17
CA ASN B 403 -24.22 -3.25 1.24
C ASN B 403 -24.92 -4.52 1.64
N VAL B 404 -25.61 -5.14 0.70
CA VAL B 404 -26.47 -6.23 1.10
C VAL B 404 -26.21 -7.50 0.31
N VAL B 405 -26.49 -7.43 -0.98
CA VAL B 405 -26.38 -8.65 -1.80
C VAL B 405 -25.04 -9.40 -1.68
N CYS B 406 -23.95 -8.70 -1.97
CA CYS B 406 -22.68 -9.38 -1.95
C CYS B 406 -22.23 -9.78 -0.55
N PRO B 407 -22.52 -8.96 0.47
CA PRO B 407 -22.14 -9.59 1.76
C PRO B 407 -23.05 -10.80 2.13
N VAL B 408 -24.32 -10.80 1.71
CA VAL B 408 -25.08 -12.02 1.87
C VAL B 408 -24.44 -13.21 1.14
N ALA B 409 -23.99 -13.00 -0.08
CA ALA B 409 -23.43 -14.12 -0.78
C ALA B 409 -22.10 -14.56 -0.15
N GLN B 410 -21.31 -13.59 0.29
CA GLN B 410 -20.11 -13.94 1.02
C GLN B 410 -20.42 -14.77 2.22
N LEU B 411 -21.45 -14.35 2.96
CA LEU B 411 -21.86 -15.09 4.15
C LEU B 411 -22.33 -16.52 3.79
N ALA B 412 -23.23 -16.63 2.79
CA ALA B 412 -23.73 -17.92 2.37
C ALA B 412 -22.53 -18.82 2.07
N GLY B 413 -21.66 -18.33 1.20
CA GLY B 413 -20.46 -19.05 0.78
C GLY B 413 -19.59 -19.51 1.90
N ARG B 414 -19.21 -18.63 2.84
CA ARG B 414 -18.32 -19.02 3.94
C ARG B 414 -18.99 -20.02 4.87
N LEU B 415 -20.27 -19.81 5.19
CA LEU B 415 -20.96 -20.78 6.04
C LEU B 415 -21.06 -22.17 5.39
N ALA B 416 -21.46 -22.23 4.12
CA ALA B 416 -21.51 -23.51 3.41
C ALA B 416 -20.16 -24.19 3.47
N ALA B 417 -19.11 -23.46 3.15
CA ALA B 417 -17.79 -24.02 3.09
C ALA B 417 -17.29 -24.51 4.44
N GLN B 418 -17.89 -24.02 5.52
CA GLN B 418 -17.44 -24.44 6.83
C GLN B 418 -18.45 -25.33 7.58
N GLY B 419 -19.25 -26.05 6.80
CA GLY B 419 -20.08 -27.12 7.33
C GLY B 419 -21.53 -26.80 7.64
N ALA B 420 -21.97 -25.56 7.44
CA ALA B 420 -23.37 -25.20 7.65
C ALA B 420 -24.26 -25.66 6.52
N ARG B 421 -25.51 -25.83 6.89
CA ARG B 421 -26.59 -26.11 5.93
CA ARG B 421 -26.59 -26.14 5.98
C ARG B 421 -27.24 -24.78 5.65
N VAL B 422 -27.14 -24.32 4.40
CA VAL B 422 -27.63 -22.99 4.11
C VAL B 422 -28.69 -22.95 3.05
N TYR B 423 -29.78 -22.20 3.25
CA TYR B 423 -30.76 -22.03 2.20
C TYR B 423 -30.79 -20.58 1.85
N ALA B 424 -30.88 -20.24 0.58
CA ALA B 424 -30.88 -18.81 0.18
C ALA B 424 -32.01 -18.46 -0.77
N TYR B 425 -32.48 -17.22 -0.74
CA TYR B 425 -33.62 -16.81 -1.57
C TYR B 425 -33.46 -15.40 -2.08
N ILE B 426 -34.23 -15.02 -3.07
CA ILE B 426 -34.29 -13.65 -3.44
C ILE B 426 -35.77 -13.33 -3.56
N PHE B 427 -36.20 -12.29 -2.88
CA PHE B 427 -37.61 -11.97 -2.82
C PHE B 427 -38.01 -10.99 -3.94
N GLU B 428 -38.69 -11.46 -4.97
CA GLU B 428 -39.01 -10.53 -6.06
C GLU B 428 -40.44 -10.01 -6.15
N HIS B 429 -41.28 -10.30 -5.15
CA HIS B 429 -42.67 -9.78 -5.15
C HIS B 429 -42.90 -8.35 -4.62
N ARG B 430 -43.51 -7.54 -5.47
CA ARG B 430 -43.86 -6.17 -5.16
C ARG B 430 -45.37 -6.03 -4.81
N ALA B 431 -45.65 -5.72 -3.54
CA ALA B 431 -47.02 -5.57 -3.02
C ALA B 431 -47.89 -4.57 -3.77
N SER B 432 -49.11 -5.02 -4.13
CA SER B 432 -50.18 -4.19 -4.77
C SER B 432 -50.46 -2.85 -4.06
N THR B 433 -50.42 -2.93 -2.72
CA THR B 433 -50.57 -1.80 -1.81
C THR B 433 -49.32 -0.90 -1.55
N LEU B 434 -48.15 -1.23 -2.11
CA LEU B 434 -46.94 -0.38 -1.95
C LEU B 434 -47.14 0.99 -2.60
N THR B 435 -46.59 2.03 -1.97
CA THR B 435 -46.93 3.39 -2.38
C THR B 435 -45.70 4.16 -2.82
N TRP B 436 -44.59 3.43 -2.92
CA TRP B 436 -43.37 4.00 -3.44
C TRP B 436 -43.41 3.72 -4.93
N PRO B 437 -42.82 4.60 -5.76
CA PRO B 437 -42.86 4.49 -7.24
C PRO B 437 -42.49 3.09 -7.80
N LEU B 438 -42.83 2.79 -9.07
CA LEU B 438 -42.51 1.46 -9.65
C LEU B 438 -40.98 1.36 -9.84
N TRP B 439 -40.36 2.51 -10.13
CA TRP B 439 -38.93 2.54 -10.37
C TRP B 439 -38.16 1.98 -9.20
N MET B 440 -38.75 2.04 -8.01
CA MET B 440 -38.06 1.52 -6.83
C MET B 440 -38.17 0.01 -6.64
N GLY B 441 -38.95 -0.70 -7.44
CA GLY B 441 -38.98 -2.18 -7.31
C GLY B 441 -39.47 -2.67 -5.95
N VAL B 442 -38.94 -3.78 -5.51
CA VAL B 442 -39.18 -4.27 -4.16
C VAL B 442 -38.12 -3.65 -3.19
N PRO B 443 -38.43 -2.56 -2.44
CA PRO B 443 -37.30 -1.98 -1.68
C PRO B 443 -36.98 -2.70 -0.40
N HIS B 444 -35.93 -2.21 0.21
CA HIS B 444 -35.39 -2.78 1.43
C HIS B 444 -36.49 -2.95 2.50
N GLY B 445 -36.72 -4.16 2.95
CA GLY B 445 -37.70 -4.42 4.03
C GLY B 445 -39.18 -4.71 3.69
N TYR B 446 -39.55 -4.67 2.41
CA TYR B 446 -40.91 -4.88 2.03
C TYR B 446 -41.27 -6.33 1.73
N GLU B 447 -40.39 -7.22 2.20
CA GLU B 447 -40.73 -8.62 2.34
C GLU B 447 -41.23 -8.90 3.76
N ILE B 448 -40.93 -8.03 4.71
CA ILE B 448 -41.32 -8.34 6.08
C ILE B 448 -42.85 -8.64 6.23
N GLU B 449 -43.69 -7.77 5.68
CA GLU B 449 -45.12 -7.94 5.83
C GLU B 449 -45.62 -9.30 5.36
N PHE B 450 -45.08 -9.83 4.26
CA PHE B 450 -45.44 -11.18 3.85
C PHE B 450 -44.89 -12.26 4.77
N ILE B 451 -43.63 -12.22 5.19
CA ILE B 451 -43.22 -13.25 6.16
C ILE B 451 -44.16 -13.25 7.40
N PHE B 452 -44.63 -12.07 7.81
CA PHE B 452 -45.44 -11.92 9.05
C PHE B 452 -46.96 -12.26 8.89
N GLY B 453 -47.39 -12.45 7.63
CA GLY B 453 -48.75 -12.88 7.31
C GLY B 453 -49.75 -11.75 7.24
N LEU B 454 -49.29 -10.53 7.06
CA LEU B 454 -50.21 -9.39 7.04
C LEU B 454 -51.21 -9.40 5.89
N PRO B 455 -50.92 -10.14 4.82
CA PRO B 455 -51.94 -10.21 3.78
C PRO B 455 -53.12 -11.12 4.11
N LEU B 456 -52.96 -11.97 5.13
CA LEU B 456 -54.09 -12.53 5.85
C LEU B 456 -55.02 -11.32 6.16
N ASP B 457 -55.28 -10.94 7.41
CA ASP B 457 -56.09 -9.73 7.71
C ASP B 457 -56.70 -9.04 6.48
N PRO B 458 -57.97 -9.40 6.10
CA PRO B 458 -58.40 -8.99 4.74
C PRO B 458 -58.82 -7.51 4.65
N SER B 459 -58.87 -6.84 5.79
CA SER B 459 -59.19 -5.42 5.80
C SER B 459 -58.01 -4.56 5.34
N LEU B 460 -56.90 -5.21 4.97
CA LEU B 460 -55.70 -4.52 4.49
C LEU B 460 -55.70 -4.37 2.98
N ASN B 461 -56.52 -5.18 2.33
CA ASN B 461 -56.75 -5.02 0.89
C ASN B 461 -55.60 -5.63 0.09
N TYR B 462 -55.06 -6.73 0.61
CA TYR B 462 -54.09 -7.55 -0.13
C TYR B 462 -54.83 -8.53 -1.02
N THR B 463 -54.55 -8.49 -2.34
CA THR B 463 -55.06 -9.47 -3.31
C THR B 463 -55.06 -10.96 -2.88
N THR B 464 -55.81 -11.75 -3.62
CA THR B 464 -56.08 -13.14 -3.24
C THR B 464 -54.79 -13.99 -3.28
N GLU B 465 -53.95 -13.74 -4.28
CA GLU B 465 -52.71 -14.52 -4.41
C GLU B 465 -51.71 -14.01 -3.39
N GLU B 466 -51.70 -12.70 -3.12
CA GLU B 466 -50.84 -12.17 -2.06
C GLU B 466 -51.07 -12.94 -0.75
N ARG B 467 -52.37 -13.20 -0.44
CA ARG B 467 -52.78 -14.05 0.69
C ARG B 467 -52.19 -15.50 0.65
N ILE B 468 -52.22 -16.15 -0.52
CA ILE B 468 -51.71 -17.53 -0.65
C ILE B 468 -50.20 -17.48 -0.52
N PHE B 469 -49.60 -16.56 -1.27
CA PHE B 469 -48.18 -16.25 -1.14
C PHE B 469 -47.77 -16.13 0.34
N ALA B 470 -48.47 -15.27 1.08
CA ALA B 470 -48.05 -15.07 2.43
C ALA B 470 -48.03 -16.39 3.16
N GLN B 471 -48.94 -17.29 2.79
CA GLN B 471 -49.11 -18.54 3.56
C GLN B 471 -48.00 -19.54 3.26
N ARG B 472 -47.57 -19.54 2.00
CA ARG B 472 -46.38 -20.25 1.57
C ARG B 472 -45.17 -19.83 2.42
N LEU B 473 -44.87 -18.53 2.37
CA LEU B 473 -43.80 -17.89 3.16
C LEU B 473 -43.80 -18.35 4.61
N MET B 474 -44.99 -18.19 5.24
CA MET B 474 -45.16 -18.53 6.65
C MET B 474 -44.85 -19.97 6.89
N LYS B 475 -45.26 -20.84 5.96
CA LYS B 475 -44.89 -22.26 5.96
C LYS B 475 -43.39 -22.45 5.89
N TYR B 476 -42.72 -21.91 4.84
CA TYR B 476 -41.25 -22.02 4.71
C TYR B 476 -40.50 -21.62 6.02
N TRP B 477 -40.92 -20.48 6.59
CA TRP B 477 -40.22 -19.93 7.74
C TRP B 477 -40.39 -20.85 8.94
N THR B 478 -41.65 -21.16 9.24
CA THR B 478 -41.99 -22.05 10.36
C THR B 478 -41.53 -23.48 10.14
N ASN B 479 -41.48 -23.91 8.87
CA ASN B 479 -40.91 -25.21 8.53
C ASN B 479 -39.45 -25.27 8.93
N PHE B 480 -38.72 -24.21 8.48
CA PHE B 480 -37.31 -24.02 8.76
C PHE B 480 -37.10 -23.98 10.28
N ALA B 481 -37.96 -23.23 10.98
CA ALA B 481 -37.89 -23.10 12.43
C ALA B 481 -37.92 -24.45 13.17
N ARG B 482 -38.78 -25.35 12.67
CA ARG B 482 -39.08 -26.65 13.24
C ARG B 482 -37.96 -27.70 12.95
N THR B 483 -37.51 -27.73 11.69
CA THR B 483 -36.61 -28.79 11.18
C THR B 483 -35.16 -28.39 10.83
N GLY B 484 -35.00 -27.19 10.27
CA GLY B 484 -33.74 -26.73 9.67
C GLY B 484 -33.80 -26.92 8.17
N ASP B 485 -34.99 -26.71 7.60
CA ASP B 485 -35.30 -27.06 6.22
C ASP B 485 -36.67 -26.46 5.96
N PRO B 486 -36.76 -25.52 5.02
CA PRO B 486 -38.02 -24.87 4.76
C PRO B 486 -38.93 -25.66 3.82
N ASN B 487 -38.54 -26.87 3.43
CA ASN B 487 -39.37 -27.67 2.51
C ASN B 487 -40.46 -28.44 3.23
N ASP B 488 -41.62 -28.60 2.55
CA ASP B 488 -42.73 -29.38 3.12
C ASP B 488 -42.29 -30.86 3.34
N PRO B 489 -42.45 -31.39 4.59
CA PRO B 489 -41.64 -32.55 5.02
C PRO B 489 -42.06 -33.83 4.33
N ARG B 490 -43.27 -33.84 3.77
CA ARG B 490 -43.68 -34.79 2.72
C ARG B 490 -44.60 -34.07 1.69
N ASP B 491 -44.01 -33.49 0.64
CA ASP B 491 -44.79 -32.75 -0.37
C ASP B 491 -44.65 -33.29 -1.79
N SER B 492 -45.81 -33.62 -2.39
CA SER B 492 -45.94 -34.07 -3.79
C SER B 492 -45.86 -32.88 -4.78
N LYS B 493 -44.63 -32.55 -5.21
CA LYS B 493 -44.32 -31.53 -6.25
C LYS B 493 -44.57 -30.08 -5.79
N SER B 494 -43.55 -29.25 -5.92
CA SER B 494 -43.58 -27.89 -5.38
C SER B 494 -42.76 -26.86 -6.19
N PRO B 495 -41.45 -27.12 -6.49
CA PRO B 495 -40.51 -28.19 -6.00
C PRO B 495 -39.69 -27.88 -4.75
N GLN B 496 -38.54 -28.55 -4.67
CA GLN B 496 -37.57 -28.43 -3.59
C GLN B 496 -36.89 -27.06 -3.60
N TRP B 497 -36.43 -26.66 -2.41
CA TRP B 497 -35.54 -25.57 -2.24
C TRP B 497 -34.26 -26.32 -1.83
N PRO B 498 -33.24 -26.34 -2.71
CA PRO B 498 -32.00 -27.01 -2.38
C PRO B 498 -31.11 -26.15 -1.49
N PRO B 499 -30.31 -26.79 -0.64
CA PRO B 499 -29.29 -26.00 0.04
C PRO B 499 -28.40 -25.24 -0.93
N TYR B 500 -27.99 -24.02 -0.54
CA TYR B 500 -26.94 -23.24 -1.26
C TYR B 500 -25.61 -23.94 -1.05
N THR B 501 -24.83 -24.14 -2.09
CA THR B 501 -23.49 -24.74 -1.88
C THR B 501 -22.40 -23.97 -2.61
N THR B 502 -21.18 -23.97 -2.08
CA THR B 502 -20.10 -23.29 -2.83
C THR B 502 -19.96 -23.79 -4.27
N ALA B 503 -19.92 -25.12 -4.45
CA ALA B 503 -20.01 -25.76 -5.80
C ALA B 503 -21.20 -25.29 -6.67
N ALA B 504 -22.44 -25.46 -6.24
CA ALA B 504 -23.53 -25.26 -7.18
C ALA B 504 -24.23 -23.90 -7.12
N GLN B 505 -24.17 -23.28 -5.93
CA GLN B 505 -24.66 -21.92 -5.71
C GLN B 505 -26.14 -21.71 -5.96
N GLN B 506 -26.97 -22.61 -5.47
CA GLN B 506 -28.41 -22.56 -5.75
C GLN B 506 -29.14 -21.75 -4.76
N TYR B 507 -30.13 -21.03 -5.24
CA TYR B 507 -30.95 -20.20 -4.37
C TYR B 507 -32.29 -20.05 -5.09
N VAL B 508 -33.36 -19.73 -4.37
CA VAL B 508 -34.69 -19.77 -5.00
C VAL B 508 -35.31 -18.39 -5.15
N SER B 509 -36.04 -18.20 -6.23
CA SER B 509 -36.82 -17.01 -6.37
C SER B 509 -38.08 -17.10 -5.44
N LEU B 510 -38.47 -16.04 -4.71
CA LEU B 510 -39.72 -16.02 -3.95
C LEU B 510 -40.61 -14.92 -4.53
N ASN B 511 -41.60 -15.35 -5.31
CA ASN B 511 -42.61 -14.52 -5.93
C ASN B 511 -43.98 -15.25 -6.01
N LEU B 512 -44.94 -14.66 -6.77
CA LEU B 512 -46.28 -15.28 -6.96
C LEU B 512 -46.21 -16.60 -7.73
N LYS B 513 -45.24 -16.72 -8.67
CA LYS B 513 -44.99 -17.96 -9.43
C LYS B 513 -44.46 -19.01 -8.49
N PRO B 514 -44.66 -20.30 -8.81
CA PRO B 514 -44.02 -21.30 -7.93
C PRO B 514 -42.49 -21.11 -7.82
N LEU B 515 -41.93 -21.65 -6.73
CA LEU B 515 -40.50 -21.71 -6.48
C LEU B 515 -39.69 -22.02 -7.71
N GLU B 516 -38.83 -21.10 -8.16
CA GLU B 516 -37.84 -21.43 -9.21
C GLU B 516 -36.42 -21.42 -8.63
N VAL B 517 -35.67 -22.50 -8.86
CA VAL B 517 -34.27 -22.59 -8.50
C VAL B 517 -33.39 -21.82 -9.49
N ARG B 518 -32.44 -21.02 -8.98
CA ARG B 518 -31.41 -20.28 -9.75
C ARG B 518 -30.04 -20.58 -9.21
N ARG B 519 -29.05 -20.28 -10.02
CA ARG B 519 -27.67 -20.56 -9.67
C ARG B 519 -26.76 -19.30 -9.78
N GLY B 520 -25.91 -19.06 -8.76
CA GLY B 520 -25.10 -17.86 -8.73
C GLY B 520 -25.89 -16.59 -8.38
N LEU B 521 -25.78 -16.17 -7.14
CA LEU B 521 -26.42 -14.98 -6.69
C LEU B 521 -25.47 -13.83 -7.02
N ARG B 522 -25.77 -13.12 -8.12
CA ARG B 522 -24.88 -12.09 -8.67
CA ARG B 522 -24.87 -12.12 -8.68
C ARG B 522 -23.38 -12.53 -8.62
N ALA B 523 -23.03 -13.70 -9.18
CA ALA B 523 -21.65 -14.27 -9.04
C ALA B 523 -20.49 -13.38 -9.52
N GLN B 524 -20.61 -12.80 -10.71
CA GLN B 524 -19.51 -12.05 -11.28
C GLN B 524 -19.29 -10.79 -10.45
N THR B 525 -20.37 -10.06 -10.23
CA THR B 525 -20.39 -8.88 -9.36
C THR B 525 -19.89 -9.14 -7.94
N CYS B 526 -20.30 -10.23 -7.33
CA CYS B 526 -19.89 -10.44 -5.98
C CYS B 526 -18.45 -10.81 -5.93
N ALA B 527 -17.91 -11.41 -7.00
CA ALA B 527 -16.47 -11.64 -7.03
C ALA B 527 -15.76 -10.26 -7.06
N PHE B 528 -16.27 -9.31 -7.87
CA PHE B 528 -15.77 -7.95 -7.82
C PHE B 528 -15.73 -7.38 -6.37
N TRP B 529 -16.89 -7.31 -5.70
CA TRP B 529 -16.98 -6.74 -4.37
C TRP B 529 -16.28 -7.52 -3.28
N ASN B 530 -16.30 -8.86 -3.35
CA ASN B 530 -15.81 -9.62 -2.20
C ASN B 530 -14.34 -10.02 -2.23
N ARG B 531 -13.78 -10.19 -3.44
CA ARG B 531 -12.39 -10.58 -3.64
C ARG B 531 -11.63 -9.44 -4.22
N PHE B 532 -12.02 -8.87 -5.35
CA PHE B 532 -11.17 -7.90 -5.95
C PHE B 532 -11.11 -6.55 -5.21
N LEU B 533 -12.24 -5.86 -5.15
CA LEU B 533 -12.27 -4.53 -4.55
C LEU B 533 -11.53 -4.36 -3.20
N PRO B 534 -11.71 -5.30 -2.22
CA PRO B 534 -10.94 -5.13 -1.02
C PRO B 534 -9.46 -5.04 -1.31
N LYS B 535 -8.92 -5.88 -2.19
CA LYS B 535 -7.49 -5.82 -2.57
C LYS B 535 -7.09 -4.45 -3.15
N LEU B 536 -7.99 -3.82 -3.91
CA LEU B 536 -7.73 -2.54 -4.50
C LEU B 536 -7.91 -1.37 -3.53
N LEU B 537 -8.84 -1.45 -2.56
CA LEU B 537 -9.03 -0.41 -1.54
C LEU B 537 -7.77 -0.27 -0.71
N SER B 538 -7.36 -1.35 -0.02
CA SER B 538 -6.03 -1.38 0.63
C SER B 538 -5.07 -1.34 -0.54
N ALA B 539 -3.86 -0.81 -0.43
CA ALA B 539 -3.02 -0.62 -1.68
C ALA B 539 -3.61 0.33 -2.76
N THR B 540 -3.63 1.63 -2.47
CA THR B 540 -4.49 2.68 -3.10
C THR B 540 -5.00 3.69 -2.02
N ALA B 541 -5.38 3.29 -0.89
N GLU C 1 1.06 64.84 43.21
CA GLU C 1 2.08 65.88 43.04
C GLU C 1 3.52 65.44 42.80
N ASP C 2 3.86 64.17 43.03
CA ASP C 2 5.22 63.69 42.67
C ASP C 2 5.55 64.09 41.22
N PRO C 3 6.60 64.90 41.00
CA PRO C 3 6.79 65.35 39.62
C PRO C 3 7.21 64.24 38.64
N GLN C 4 7.52 63.06 39.14
CA GLN C 4 8.06 62.04 38.26
C GLN C 4 7.01 61.19 37.59
N LEU C 5 5.80 61.26 38.10
CA LEU C 5 4.79 60.31 37.76
C LEU C 5 3.69 60.95 36.95
N LEU C 6 3.85 62.22 36.50
CA LEU C 6 2.87 62.83 35.54
C LEU C 6 3.52 62.92 34.14
N VAL C 7 2.86 62.31 33.12
CA VAL C 7 3.49 62.07 31.80
C VAL C 7 2.41 62.26 30.75
N ARG C 8 2.75 62.86 29.61
CA ARG C 8 1.81 63.07 28.54
C ARG C 8 2.13 62.23 27.29
N VAL C 9 1.10 61.60 26.72
CA VAL C 9 1.26 60.73 25.54
C VAL C 9 0.29 61.26 24.46
N ARG C 10 0.38 60.76 23.21
CA ARG C 10 -0.53 61.26 22.18
C ARG C 10 -1.98 61.42 22.71
N GLY C 11 -2.47 60.46 23.50
CA GLY C 11 -3.82 60.52 23.94
C GLY C 11 -4.15 61.51 25.04
N GLY C 12 -3.14 62.04 25.71
CA GLY C 12 -3.37 62.83 26.92
C GLY C 12 -2.37 62.57 28.03
N GLN C 13 -2.80 62.92 29.23
CA GLN C 13 -1.99 62.88 30.42
C GLN C 13 -2.31 61.65 31.26
N LEU C 14 -1.28 61.17 31.93
CA LEU C 14 -1.33 59.93 32.68
C LEU C 14 -0.72 60.22 34.02
N ARG C 15 -1.27 59.67 35.11
CA ARG C 15 -0.49 59.63 36.36
C ARG C 15 -0.19 58.22 36.72
N GLY C 16 1.08 57.92 36.83
CA GLY C 16 1.54 56.63 37.32
C GLY C 16 1.73 56.58 38.84
N ILE C 17 2.38 55.51 39.27
CA ILE C 17 2.49 55.23 40.68
C ILE C 17 3.97 54.87 40.99
N ARG C 18 4.46 55.20 42.18
CA ARG C 18 5.83 54.82 42.52
C ARG C 18 5.91 53.45 43.20
N LEU C 19 6.59 52.47 42.66
CA LEU C 19 6.54 51.19 43.33
C LEU C 19 7.81 50.88 44.04
N LYS C 20 7.75 50.03 45.07
CA LYS C 20 9.02 49.58 45.63
C LYS C 20 9.49 48.23 45.17
N ALA C 21 10.63 48.25 44.49
CA ALA C 21 11.39 47.07 44.16
C ALA C 21 12.44 46.91 45.26
N PRO C 22 12.97 45.67 45.45
CA PRO C 22 13.93 45.40 46.53
C PRO C 22 15.09 46.36 46.56
N GLY C 23 15.64 46.76 45.41
CA GLY C 23 16.80 47.61 45.42
C GLY C 23 16.47 49.10 45.44
N GLY C 24 15.20 49.49 45.42
CA GLY C 24 14.81 50.89 45.32
C GLY C 24 13.54 51.14 44.51
N PRO C 25 13.10 52.40 44.38
CA PRO C 25 11.81 52.62 43.76
C PRO C 25 11.82 52.42 42.21
N VAL C 26 10.63 52.21 41.62
CA VAL C 26 10.46 52.25 40.15
C VAL C 26 9.24 53.05 39.87
N SER C 27 9.04 53.47 38.61
CA SER C 27 7.72 54.03 38.25
C SER C 27 6.90 53.06 37.40
N ALA C 28 5.63 53.00 37.67
CA ALA C 28 4.77 52.13 36.92
C ALA C 28 3.67 52.99 36.43
N PHE C 29 3.41 52.83 35.15
CA PHE C 29 2.18 53.33 34.54
C PHE C 29 1.31 52.14 34.10
N LEU C 30 0.21 51.90 34.84
CA LEU C 30 -0.53 50.63 34.66
C LEU C 30 -1.86 50.94 34.03
N GLY C 31 -2.30 50.13 33.07
CA GLY C 31 -3.60 50.31 32.55
C GLY C 31 -3.78 51.48 31.59
N ILE C 32 -2.83 51.71 30.69
CA ILE C 32 -2.94 52.76 29.71
C ILE C 32 -3.73 52.21 28.50
N PRO C 33 -4.86 52.85 28.15
CA PRO C 33 -5.58 52.33 27.01
C PRO C 33 -4.81 52.55 25.73
N PHE C 34 -4.73 51.55 24.86
CA PHE C 34 -4.13 51.82 23.57
C PHE C 34 -5.15 51.62 22.45
N ALA C 35 -6.35 51.13 22.75
CA ALA C 35 -7.40 50.97 21.70
C ALA C 35 -8.71 51.40 22.22
N GLU C 36 -9.61 51.71 21.29
CA GLU C 36 -10.99 51.81 21.66
C GLU C 36 -11.47 50.40 22.11
N PRO C 37 -12.23 50.31 23.19
CA PRO C 37 -12.67 49.01 23.69
C PRO C 37 -13.33 48.17 22.60
N PRO C 38 -12.81 46.97 22.35
CA PRO C 38 -13.38 46.18 21.24
C PRO C 38 -14.71 45.47 21.62
N VAL C 39 -15.74 46.20 21.97
CA VAL C 39 -16.97 45.59 22.51
C VAL C 39 -18.18 45.87 21.60
N GLY C 40 -19.29 45.19 21.87
CA GLY C 40 -20.46 45.31 21.02
C GLY C 40 -20.19 44.98 19.56
N SER C 41 -20.45 45.98 18.72
CA SER C 41 -20.27 45.86 17.29
C SER C 41 -18.82 45.82 16.95
N ARG C 42 -17.95 46.13 17.90
CA ARG C 42 -16.53 45.98 17.61
C ARG C 42 -15.99 44.55 17.86
N ARG C 43 -16.76 43.64 18.46
CA ARG C 43 -16.29 42.30 18.75
C ARG C 43 -15.83 41.65 17.44
N PHE C 44 -14.67 40.95 17.48
CA PHE C 44 -14.04 40.26 16.31
C PHE C 44 -13.34 41.17 15.31
N MET C 45 -13.51 42.48 15.43
CA MET C 45 -12.95 43.46 14.52
C MET C 45 -11.48 43.85 14.90
N PRO C 46 -10.64 44.24 13.91
CA PRO C 46 -9.34 44.82 14.21
C PRO C 46 -9.50 45.97 15.20
N PRO C 47 -8.50 46.23 16.04
CA PRO C 47 -8.67 47.29 17.02
C PRO C 47 -8.58 48.66 16.35
N GLU C 48 -9.22 49.66 16.95
CA GLU C 48 -9.09 51.09 16.60
C GLU C 48 -8.25 51.76 17.64
N PRO C 49 -7.39 52.70 17.22
CA PRO C 49 -6.52 53.42 18.16
C PRO C 49 -7.37 54.17 19.17
N LYS C 50 -7.00 54.09 20.44
CA LYS C 50 -7.67 54.86 21.47
C LYS C 50 -7.82 56.36 21.11
N ARG C 51 -9.02 56.91 21.24
CA ARG C 51 -9.20 58.35 20.98
C ARG C 51 -8.67 59.21 22.13
N PRO C 52 -8.18 60.46 21.88
CA PRO C 52 -7.64 61.24 23.04
C PRO C 52 -8.64 61.46 24.17
N TRP C 53 -8.13 61.45 25.41
CA TRP C 53 -9.01 61.63 26.57
C TRP C 53 -8.74 62.98 27.21
N SER C 54 -9.63 63.43 28.09
CA SER C 54 -9.31 64.70 28.78
C SER C 54 -9.05 64.45 30.25
N GLY C 55 -8.43 65.40 30.92
CA GLY C 55 -8.09 65.13 32.33
C GLY C 55 -6.86 64.26 32.46
N VAL C 56 -6.48 63.90 33.67
CA VAL C 56 -5.31 63.06 33.88
C VAL C 56 -5.81 61.66 34.07
N LEU C 57 -5.49 60.79 33.11
CA LEU C 57 -5.88 59.41 33.22
C LEU C 57 -5.13 58.79 34.38
N ASP C 58 -5.84 58.05 35.22
CA ASP C 58 -5.23 57.28 36.30
C ASP C 58 -4.55 55.99 35.84
N ALA C 59 -3.22 55.92 35.93
CA ALA C 59 -2.48 54.73 35.57
C ALA C 59 -1.73 54.10 36.75
N THR C 60 -2.42 53.86 37.85
CA THR C 60 -1.80 53.40 39.04
C THR C 60 -2.14 51.96 39.36
N THR C 61 -3.03 51.33 38.58
CA THR C 61 -3.40 49.90 38.74
C THR C 61 -3.65 49.20 37.39
N PHE C 62 -3.36 47.90 37.31
CA PHE C 62 -3.67 47.06 36.14
C PHE C 62 -5.13 47.13 35.78
N GLN C 63 -5.41 47.03 34.48
CA GLN C 63 -6.77 47.05 34.04
C GLN C 63 -7.35 45.64 33.86
N ASN C 64 -8.57 45.53 33.33
CA ASN C 64 -9.22 44.24 33.18
C ASN C 64 -8.40 43.24 32.38
N VAL C 65 -8.52 41.97 32.72
CA VAL C 65 -7.97 40.87 31.95
C VAL C 65 -8.93 40.56 30.82
N CYS C 66 -8.39 40.28 29.63
CA CYS C 66 -9.21 39.91 28.45
C CYS C 66 -10.07 38.67 28.69
N TYR C 67 -11.36 38.80 28.33
CA TYR C 67 -12.36 37.76 28.56
C TYR C 67 -11.88 36.40 28.08
N GLN C 68 -11.81 35.43 28.97
CA GLN C 68 -11.15 34.15 28.65
C GLN C 68 -11.60 32.94 29.48
N TYR C 69 -11.41 31.76 28.89
CA TYR C 69 -11.48 30.48 29.58
C TYR C 69 -10.54 30.41 30.79
N VAL C 70 -11.04 29.98 31.92
CA VAL C 70 -10.20 29.91 33.07
C VAL C 70 -9.92 28.47 33.29
N ASP C 71 -8.68 28.15 33.31
CA ASP C 71 -8.30 26.81 33.44
C ASP C 71 -8.57 26.23 34.85
N THR C 72 -9.25 25.13 34.92
CA THR C 72 -9.57 24.62 36.27
C THR C 72 -9.13 23.19 36.58
N LEU C 73 -7.93 22.84 36.13
CA LEU C 73 -7.42 21.51 36.29
C LEU C 73 -7.25 21.17 37.77
N TYR C 74 -6.58 22.00 38.56
CA TYR C 74 -6.47 21.56 39.94
C TYR C 74 -6.96 22.67 40.85
N PRO C 75 -8.29 22.82 40.96
CA PRO C 75 -8.84 24.05 41.52
C PRO C 75 -8.31 24.17 42.95
N GLY C 76 -7.77 25.34 43.32
CA GLY C 76 -7.22 25.51 44.66
C GLY C 76 -5.69 25.40 44.75
N PHE C 77 -5.08 24.67 43.83
CA PHE C 77 -3.66 24.38 43.94
C PHE C 77 -2.83 25.63 43.62
N GLU C 78 -1.77 25.92 44.38
CA GLU C 78 -0.92 27.12 44.11
C GLU C 78 -0.37 27.07 42.69
N GLY C 79 -0.01 25.86 42.30
CA GLY C 79 0.84 25.66 41.19
C GLY C 79 0.15 26.06 39.94
N THR C 80 -1.19 26.04 39.93
CA THR C 80 -1.98 26.33 38.72
C THR C 80 -2.61 27.71 38.82
N GLU C 81 -2.79 28.11 40.06
CA GLU C 81 -3.42 29.37 40.32
C GLU C 81 -2.59 30.64 40.03
N MET C 82 -1.27 30.56 40.15
CA MET C 82 -0.43 31.68 39.73
C MET C 82 -0.54 32.04 38.25
N TRP C 83 -1.12 31.19 37.43
CA TRP C 83 -1.37 31.51 36.00
C TRP C 83 -2.77 32.15 35.67
N ASN C 84 -3.63 32.20 36.67
CA ASN C 84 -5.01 32.64 36.43
C ASN C 84 -5.29 34.12 36.42
N PRO C 85 -6.30 34.52 35.66
CA PRO C 85 -6.60 35.93 35.68
C PRO C 85 -6.61 36.49 37.14
N ASN C 86 -5.96 37.63 37.37
CA ASN C 86 -6.01 38.29 38.67
C ASN C 86 -6.70 39.66 38.63
N ARG C 87 -7.45 39.97 37.59
CA ARG C 87 -8.29 41.11 37.63
C ARG C 87 -9.61 40.67 36.96
N GLU C 88 -10.64 41.49 37.05
CA GLU C 88 -11.95 41.18 36.48
C GLU C 88 -11.88 40.87 34.97
N LEU C 89 -12.51 39.78 34.49
CA LEU C 89 -12.58 39.50 33.04
C LEU C 89 -13.44 40.51 32.35
N SER C 90 -13.06 40.97 31.15
CA SER C 90 -13.86 41.92 30.44
C SER C 90 -13.45 42.00 28.99
N GLU C 91 -14.38 42.30 28.10
CA GLU C 91 -14.02 42.48 26.71
C GLU C 91 -13.27 43.81 26.57
N ASP C 92 -13.57 44.76 27.45
CA ASP C 92 -12.87 45.99 27.50
C ASP C 92 -11.53 45.72 28.20
N CYS C 93 -10.52 45.34 27.43
CA CYS C 93 -9.28 44.87 28.04
C CYS C 93 -7.97 45.36 27.37
N LEU C 94 -8.10 46.28 26.40
CA LEU C 94 -6.99 46.63 25.59
C LEU C 94 -6.21 47.79 26.22
N TYR C 95 -5.35 47.42 27.19
CA TYR C 95 -4.53 48.33 28.00
C TYR C 95 -3.13 47.78 28.04
N LEU C 96 -2.17 48.69 28.21
CA LEU C 96 -0.76 48.27 28.37
C LEU C 96 -0.16 48.89 29.62
N ASN C 97 1.01 48.38 30.01
CA ASN C 97 1.65 48.68 31.26
C ASN C 97 3.09 49.07 30.94
N VAL C 98 3.58 50.14 31.59
CA VAL C 98 5.01 50.55 31.44
C VAL C 98 5.65 50.62 32.79
N TRP C 99 6.78 49.95 32.95
CA TRP C 99 7.64 50.14 34.12
C TRP C 99 8.92 50.83 33.65
N THR C 100 9.37 51.84 34.41
CA THR C 100 10.67 52.49 34.18
C THR C 100 11.48 52.70 35.45
N PRO C 101 12.77 53.02 35.31
CA PRO C 101 13.49 53.41 36.51
C PRO C 101 12.86 54.66 37.16
N TYR C 102 13.21 54.86 38.43
CA TYR C 102 12.74 56.04 39.15
C TYR C 102 13.95 56.66 39.82
N PRO C 103 14.29 57.91 39.51
CA PRO C 103 13.66 58.81 38.52
C PRO C 103 13.83 58.28 37.10
N ARG C 104 12.99 58.75 36.19
CA ARG C 104 12.99 58.28 34.79
C ARG C 104 14.34 58.64 34.15
N PRO C 105 14.89 57.75 33.30
CA PRO C 105 16.30 57.99 32.89
C PRO C 105 16.53 59.28 32.10
N ALA C 106 17.69 59.89 32.27
CA ALA C 106 18.12 60.94 31.34
C ALA C 106 18.57 60.17 30.11
N SER C 107 18.32 60.60 28.88
CA SER C 107 18.87 59.71 27.78
C SER C 107 18.24 58.29 27.48
N PRO C 108 17.69 58.12 26.24
CA PRO C 108 16.95 56.97 25.68
C PRO C 108 17.36 55.58 26.20
N THR C 109 16.47 54.90 26.91
CA THR C 109 16.72 53.50 27.30
C THR C 109 16.13 52.45 26.32
N PRO C 110 16.77 51.29 26.24
CA PRO C 110 16.18 50.20 25.49
C PRO C 110 14.87 49.70 26.08
N VAL C 111 13.94 49.30 25.20
CA VAL C 111 12.61 48.89 25.58
C VAL C 111 12.48 47.39 25.37
N LEU C 112 11.95 46.69 26.36
CA LEU C 112 11.58 45.30 26.22
C LEU C 112 10.11 45.23 26.28
N ILE C 113 9.48 44.65 25.27
CA ILE C 113 8.03 44.46 25.24
C ILE C 113 7.74 42.98 25.41
N TRP C 114 7.12 42.67 26.52
CA TRP C 114 6.73 41.29 26.87
C TRP C 114 5.37 40.97 26.29
N ILE C 115 5.25 39.78 25.66
CA ILE C 115 3.96 39.30 25.10
C ILE C 115 3.67 37.97 25.75
N TYR C 116 2.59 37.87 26.52
CA TYR C 116 2.33 36.66 27.26
C TYR C 116 1.79 35.53 26.40
N GLY C 117 1.99 34.30 26.90
CA GLY C 117 1.37 33.14 26.32
C GLY C 117 0.15 32.72 27.10
N GLY C 118 -0.29 31.49 26.80
CA GLY C 118 -1.56 30.93 27.18
C GLY C 118 -2.24 30.16 26.05
N GLY C 119 -1.55 29.64 25.04
CA GLY C 119 -2.20 28.83 24.02
C GLY C 119 -3.22 29.62 23.17
N PHE C 120 -3.08 30.94 23.17
CA PHE C 120 -3.98 31.84 22.44
C PHE C 120 -5.38 31.87 23.00
N TYR C 121 -5.60 31.15 24.10
CA TYR C 121 -6.89 31.24 24.78
C TYR C 121 -6.79 31.83 26.15
N SER C 122 -5.62 32.23 26.64
CA SER C 122 -5.60 32.82 27.96
C SER C 122 -4.37 33.66 28.26
N GLY C 123 -4.33 34.26 29.45
CA GLY C 123 -3.17 35.00 29.85
C GLY C 123 -3.52 36.45 30.12
N ALA C 124 -2.66 37.12 30.89
CA ALA C 124 -2.82 38.56 31.14
C ALA C 124 -1.42 39.12 31.49
N ALA C 125 -1.22 40.42 31.25
CA ALA C 125 0.06 41.04 31.56
C ALA C 125 0.16 41.40 33.02
N SER C 126 -0.97 41.33 33.73
CA SER C 126 -0.97 41.69 35.14
C SER C 126 -0.58 40.53 36.04
N LEU C 127 -0.25 39.36 35.47
CA LEU C 127 0.14 38.26 36.34
C LEU C 127 1.38 38.64 37.17
N ASP C 128 1.49 38.14 38.40
CA ASP C 128 2.71 38.44 39.19
C ASP C 128 3.99 38.00 38.54
N VAL C 129 4.04 36.86 37.84
CA VAL C 129 5.29 36.49 37.15
C VAL C 129 5.74 37.42 36.05
N TYR C 130 4.86 38.30 35.56
CA TYR C 130 5.30 39.23 34.51
C TYR C 130 5.60 40.63 35.06
N ASP C 131 5.94 40.73 36.36
CA ASP C 131 6.14 42.01 36.97
C ASP C 131 7.43 42.65 36.44
N GLY C 132 7.29 43.78 35.77
CA GLY C 132 8.44 44.44 35.19
C GLY C 132 9.31 45.19 36.16
N ARG C 133 8.92 45.20 37.44
CA ARG C 133 9.61 46.10 38.37
C ARG C 133 11.08 45.74 38.56
N PHE C 134 11.42 44.46 38.55
CA PHE C 134 12.75 44.07 38.85
C PHE C 134 13.74 44.43 37.72
N LEU C 135 13.39 44.08 36.47
CA LEU C 135 14.18 44.47 35.32
C LEU C 135 14.30 46.01 35.22
N ALA C 136 13.29 46.76 35.64
CA ALA C 136 13.42 48.20 35.52
C ALA C 136 14.39 48.69 36.60
N GLN C 137 14.22 48.20 37.82
CA GLN C 137 15.07 48.67 38.91
C GLN C 137 16.51 48.22 38.71
N VAL C 138 16.69 46.95 38.44
CA VAL C 138 18.00 46.39 38.54
C VAL C 138 18.78 46.65 37.25
N GLU C 139 18.14 46.60 36.08
CA GLU C 139 18.87 46.75 34.81
C GLU C 139 18.53 48.06 34.16
N GLY C 140 17.72 48.85 34.85
CA GLY C 140 17.28 50.12 34.35
C GLY C 140 16.56 50.01 33.03
N ALA C 141 15.82 48.91 32.75
CA ALA C 141 15.12 48.86 31.46
C ALA C 141 13.75 49.61 31.47
N VAL C 142 13.31 50.03 30.30
CA VAL C 142 11.92 50.42 30.16
C VAL C 142 11.22 49.12 29.71
N LEU C 143 10.27 48.66 30.50
CA LEU C 143 9.64 47.38 30.24
C LEU C 143 8.14 47.64 29.99
N VAL C 144 7.63 47.11 28.88
CA VAL C 144 6.23 47.35 28.43
C VAL C 144 5.50 46.00 28.25
N SER C 145 4.26 45.88 28.74
CA SER C 145 3.46 44.73 28.39
C SER C 145 1.99 45.12 28.05
N MET C 146 1.42 44.46 27.03
CA MET C 146 -0.01 44.71 26.60
C MET C 146 -0.90 43.52 26.85
N ASN C 147 -2.12 43.79 27.25
CA ASN C 147 -3.16 42.77 27.06
C ASN C 147 -3.56 42.67 25.59
N TYR C 148 -3.87 41.49 25.09
CA TYR C 148 -4.40 41.37 23.71
C TYR C 148 -5.48 40.30 23.74
N ARG C 149 -6.48 40.43 22.87
CA ARG C 149 -7.60 39.48 22.89
C ARG C 149 -7.19 38.04 22.66
N VAL C 150 -7.64 37.14 23.50
CA VAL C 150 -7.43 35.72 23.27
C VAL C 150 -8.76 34.99 22.87
N GLY C 151 -8.69 33.66 22.64
CA GLY C 151 -9.81 32.84 22.33
C GLY C 151 -10.70 33.36 21.18
N THR C 152 -12.03 33.19 21.25
CA THR C 152 -12.85 33.58 20.17
C THR C 152 -12.72 35.06 19.93
N PHE C 153 -12.75 35.86 20.98
CA PHE C 153 -12.69 37.30 20.77
C PHE C 153 -11.45 37.75 19.99
N GLY C 154 -10.36 36.99 20.12
CA GLY C 154 -9.16 37.40 19.44
C GLY C 154 -8.86 36.64 18.15
N PHE C 155 -9.39 35.42 17.97
CA PHE C 155 -8.91 34.58 16.87
C PHE C 155 -10.01 33.85 16.08
N LEU C 156 -11.26 34.11 16.44
CA LEU C 156 -12.34 33.53 15.68
C LEU C 156 -12.39 34.16 14.28
N ALA C 157 -12.39 33.36 13.21
CA ALA C 157 -12.31 33.95 11.85
C ALA C 157 -13.24 33.34 10.89
N LEU C 158 -13.91 34.18 10.12
CA LEU C 158 -14.48 33.74 8.87
C LEU C 158 -13.59 34.34 7.80
N PRO C 159 -12.52 33.61 7.39
CA PRO C 159 -11.53 34.25 6.50
C PRO C 159 -12.17 34.79 5.24
N GLY C 160 -11.82 36.05 4.92
CA GLY C 160 -12.30 36.73 3.77
C GLY C 160 -13.34 37.74 4.18
N SER C 161 -13.96 37.61 5.35
CA SER C 161 -15.03 38.53 5.74
C SER C 161 -14.50 39.88 6.27
N ARG C 162 -15.34 40.89 6.21
CA ARG C 162 -15.04 42.23 6.67
C ARG C 162 -15.14 42.27 8.20
N GLU C 163 -15.97 41.38 8.74
CA GLU C 163 -16.55 41.43 10.05
C GLU C 163 -15.93 40.51 11.06
N ALA C 164 -15.21 39.52 10.60
CA ALA C 164 -14.39 38.71 11.44
C ALA C 164 -13.23 38.21 10.60
N PRO C 165 -12.26 39.07 10.38
CA PRO C 165 -11.18 38.75 9.45
C PRO C 165 -10.13 37.79 9.98
N GLY C 166 -10.07 37.56 11.28
CA GLY C 166 -9.01 36.70 11.85
C GLY C 166 -7.81 37.53 12.37
N ASN C 167 -7.00 36.91 13.24
CA ASN C 167 -5.76 37.52 13.71
C ASN C 167 -5.91 38.86 14.46
N VAL C 168 -7.12 39.21 14.90
CA VAL C 168 -7.27 40.48 15.56
C VAL C 168 -6.45 40.56 16.87
N GLY C 169 -6.25 39.45 17.56
CA GLY C 169 -5.42 39.46 18.73
C GLY C 169 -4.03 39.91 18.37
N LEU C 170 -3.57 39.49 17.18
CA LEU C 170 -2.27 39.86 16.67
C LEU C 170 -2.27 41.33 16.27
N LEU C 171 -3.41 41.82 15.79
CA LEU C 171 -3.51 43.22 15.51
C LEU C 171 -3.49 44.07 16.80
N ASP C 172 -4.08 43.56 17.90
CA ASP C 172 -4.00 44.23 19.20
C ASP C 172 -2.52 44.46 19.60
N GLN C 173 -1.71 43.42 19.44
CA GLN C 173 -0.31 43.47 19.76
C GLN C 173 0.42 44.49 18.92
N ARG C 174 0.11 44.52 17.62
CA ARG C 174 0.80 45.41 16.70
C ARG C 174 0.45 46.85 17.08
N LEU C 175 -0.76 47.03 17.55
CA LEU C 175 -1.23 48.38 17.79
C LEU C 175 -0.48 48.86 19.04
N ALA C 176 -0.24 47.95 20.00
CA ALA C 176 0.55 48.35 21.17
C ALA C 176 1.97 48.69 20.68
N LEU C 177 2.48 47.94 19.71
CA LEU C 177 3.83 48.21 19.24
C LEU C 177 3.91 49.62 18.61
N GLN C 178 2.83 50.02 17.93
CA GLN C 178 2.79 51.32 17.29
C GLN C 178 2.69 52.40 18.35
N TRP C 179 1.83 52.18 19.34
CA TRP C 179 1.81 53.02 20.50
C TRP C 179 3.22 53.17 21.10
N VAL C 180 3.96 52.09 21.25
CA VAL C 180 5.29 52.26 21.81
C VAL C 180 6.10 53.23 20.95
N GLN C 181 5.92 53.18 19.62
CA GLN C 181 6.77 53.97 18.72
C GLN C 181 6.43 55.42 18.89
N GLU C 182 5.22 55.76 19.18
CA GLU C 182 4.98 57.18 19.21
C GLU C 182 5.27 57.66 20.61
N ASN C 183 5.03 56.82 21.63
CA ASN C 183 5.02 57.36 22.97
C ASN C 183 6.14 57.06 23.94
N ILE C 184 6.88 55.99 23.72
CA ILE C 184 7.73 55.47 24.76
C ILE C 184 8.86 56.48 25.12
N ALA C 185 9.24 57.34 24.17
CA ALA C 185 10.19 58.39 24.49
C ALA C 185 9.73 59.29 25.61
N ALA C 186 8.44 59.52 25.77
CA ALA C 186 7.92 60.32 26.90
C ALA C 186 8.22 59.69 28.23
N PHE C 187 8.67 58.44 28.27
CA PHE C 187 8.95 57.72 29.54
C PHE C 187 10.43 57.41 29.60
N GLY C 188 11.17 57.91 28.59
CA GLY C 188 12.57 57.67 28.49
C GLY C 188 12.99 56.45 27.69
N GLY C 189 12.09 55.79 26.99
CA GLY C 189 12.54 54.60 26.27
C GLY C 189 12.99 55.02 24.88
N ASP C 190 13.78 54.18 24.22
CA ASP C 190 14.28 54.50 22.93
C ASP C 190 13.51 53.73 21.93
N PRO C 191 12.62 54.38 21.19
CA PRO C 191 11.90 53.66 20.17
C PRO C 191 12.77 52.98 19.08
N MET C 192 14.07 53.25 19.03
CA MET C 192 14.97 52.72 17.99
C MET C 192 15.65 51.51 18.51
N SER C 193 15.23 51.11 19.69
CA SER C 193 15.82 49.96 20.30
C SER C 193 14.75 49.18 21.12
N VAL C 194 13.93 48.42 20.39
CA VAL C 194 12.83 47.66 20.96
C VAL C 194 13.04 46.20 20.72
N THR C 195 13.10 45.45 21.84
CA THR C 195 13.19 44.01 21.82
C THR C 195 11.90 43.36 22.29
N LEU C 196 11.28 42.51 21.46
CA LEU C 196 10.05 41.83 21.85
C LEU C 196 10.46 40.57 22.50
N PHE C 197 9.90 40.23 23.65
CA PHE C 197 10.07 38.86 24.12
C PHE C 197 8.77 38.24 24.58
N GLY C 198 8.64 36.91 24.49
CA GLY C 198 7.47 36.21 25.00
C GLY C 198 7.67 34.73 25.19
N GLU C 199 6.77 34.10 25.93
CA GLU C 199 6.84 32.65 26.14
C GLU C 199 5.58 31.97 25.53
N SER C 200 5.77 30.74 25.04
CA SER C 200 4.66 29.93 24.54
C SER C 200 3.96 30.64 23.38
N ALA C 201 2.64 30.87 23.52
CA ALA C 201 1.91 31.62 22.50
C ALA C 201 2.49 33.00 22.32
N GLY C 202 3.05 33.54 23.39
CA GLY C 202 3.71 34.84 23.35
C GLY C 202 4.89 34.77 22.40
N ALA C 203 5.71 33.72 22.51
CA ALA C 203 6.84 33.50 21.62
C ALA C 203 6.34 33.27 20.19
N ALA C 204 5.30 32.47 20.03
CA ALA C 204 4.73 32.32 18.70
C ALA C 204 4.31 33.67 18.13
N SER C 205 3.70 34.52 18.94
CA SER C 205 3.35 35.86 18.46
C SER C 205 4.59 36.66 18.05
N VAL C 206 5.61 36.69 18.89
CA VAL C 206 6.83 37.44 18.55
C VAL C 206 7.24 36.95 17.16
N GLY C 207 7.31 35.63 17.02
CA GLY C 207 7.63 34.99 15.73
C GLY C 207 6.74 35.47 14.61
N MET C 208 5.44 35.66 14.85
CA MET C 208 4.64 36.19 13.76
C MET C 208 4.91 37.61 13.34
N HIS C 209 5.37 38.46 14.27
CA HIS C 209 5.73 39.82 13.90
C HIS C 209 7.03 39.85 13.09
N ILE C 210 7.92 38.90 13.38
CA ILE C 210 9.08 38.71 12.53
C ILE C 210 8.58 38.43 11.09
N LEU C 211 7.62 37.52 10.93
CA LEU C 211 7.25 37.08 9.60
C LEU C 211 6.24 37.98 8.97
N SER C 212 5.79 39.05 9.64
CA SER C 212 4.70 39.88 9.06
C SER C 212 5.24 41.28 8.90
N LEU C 213 5.15 41.74 7.68
CA LEU C 213 5.95 42.83 7.25
C LEU C 213 5.57 44.15 7.95
N PRO C 214 4.25 44.40 8.13
CA PRO C 214 4.04 45.70 8.81
C PRO C 214 4.46 45.72 10.26
N SER C 215 4.74 44.58 10.89
CA SER C 215 5.26 44.57 12.25
C SER C 215 6.74 44.89 12.30
N ARG C 216 7.43 44.57 11.19
CA ARG C 216 8.86 44.66 11.12
C ARG C 216 9.52 45.99 11.52
N SER C 217 8.96 47.13 11.17
CA SER C 217 9.51 48.45 11.59
C SER C 217 9.25 48.88 13.05
N LEU C 218 8.58 48.00 13.80
CA LEU C 218 8.11 48.33 15.09
C LEU C 218 9.04 47.81 16.17
N PHE C 219 10.06 47.02 15.81
CA PHE C 219 11.00 46.44 16.81
C PHE C 219 12.26 46.05 16.09
N HIS C 220 13.27 45.59 16.86
CA HIS C 220 14.61 45.37 16.31
C HIS C 220 15.22 44.00 16.56
N ARG C 221 14.83 43.39 17.67
CA ARG C 221 15.36 42.12 18.12
C ARG C 221 14.19 41.40 18.77
N ALA C 222 14.32 40.09 18.91
CA ALA C 222 13.20 39.29 19.33
C ALA C 222 13.74 38.17 20.19
N VAL C 223 12.98 37.76 21.19
CA VAL C 223 13.31 36.60 21.98
C VAL C 223 12.11 35.70 22.02
N LEU C 224 12.28 34.46 21.56
CA LEU C 224 11.21 33.46 21.59
C LEU C 224 11.48 32.38 22.60
N GLN C 225 10.80 32.39 23.71
CA GLN C 225 10.97 31.41 24.75
C GLN C 225 9.89 30.32 24.62
N SER C 226 10.32 29.08 24.36
CA SER C 226 9.45 27.92 24.40
C SER C 226 8.22 28.00 23.48
N GLY C 227 8.32 28.59 22.28
CA GLY C 227 7.21 28.64 21.32
C GLY C 227 7.72 29.29 20.04
N THR C 228 7.02 29.08 18.92
CA THR C 228 7.53 29.45 17.61
C THR C 228 6.29 29.64 16.71
N PRO C 229 6.39 30.45 15.62
CA PRO C 229 5.19 30.51 14.80
C PRO C 229 4.99 29.27 13.90
N ASN C 230 6.05 28.56 13.53
CA ASN C 230 5.92 27.30 12.82
C ASN C 230 5.54 26.19 13.84
N GLY C 231 5.26 24.97 13.40
CA GLY C 231 5.03 23.89 14.37
C GLY C 231 3.55 23.53 14.38
N PRO C 232 3.15 22.53 15.17
CA PRO C 232 1.83 22.00 14.86
C PRO C 232 0.60 22.72 15.47
N TRP C 233 0.77 23.69 16.38
CA TRP C 233 -0.36 24.32 17.13
C TRP C 233 -0.53 25.84 16.97
N ALA C 234 0.50 26.59 16.57
CA ALA C 234 0.46 28.08 16.54
C ALA C 234 -0.40 28.65 15.44
N THR C 235 -0.82 27.85 14.43
CA THR C 235 -1.61 28.41 13.29
C THR C 235 -2.65 27.43 12.78
N VAL C 236 -3.67 27.85 12.09
CA VAL C 236 -4.59 26.92 11.40
C VAL C 236 -4.83 27.41 10.00
N SER C 237 -5.27 26.52 9.10
CA SER C 237 -5.64 26.95 7.75
C SER C 237 -6.90 27.81 7.77
N ALA C 238 -7.10 28.58 6.73
CA ALA C 238 -8.30 29.34 6.53
C ALA C 238 -9.54 28.44 6.50
N GLY C 239 -9.42 27.27 5.87
CA GLY C 239 -10.54 26.33 5.83
C GLY C 239 -10.87 25.76 7.18
N GLU C 240 -9.85 25.34 7.95
CA GLU C 240 -10.09 24.85 9.30
C GLU C 240 -10.66 25.96 10.21
N ALA C 241 -10.20 27.19 10.08
CA ALA C 241 -10.76 28.19 10.94
C ALA C 241 -12.19 28.46 10.56
N ARG C 242 -12.51 28.37 9.27
CA ARG C 242 -13.88 28.69 8.88
C ARG C 242 -14.75 27.57 9.44
N ARG C 243 -14.21 26.34 9.44
CA ARG C 243 -14.93 25.26 9.97
C ARG C 243 -15.26 25.48 11.45
N ARG C 244 -14.27 25.88 12.23
CA ARG C 244 -14.42 26.00 13.66
C ARG C 244 -15.34 27.15 13.98
N ALA C 245 -15.19 28.27 13.28
CA ALA C 245 -16.06 29.42 13.53
C ALA C 245 -17.50 29.07 13.27
N THR C 246 -17.72 28.33 12.18
CA THR C 246 -19.04 28.00 11.74
C THR C 246 -19.66 26.99 12.72
N LEU C 247 -18.90 25.96 13.08
CA LEU C 247 -19.35 25.00 14.07
C LEU C 247 -19.67 25.74 15.38
N LEU C 248 -18.79 26.62 15.90
CA LEU C 248 -19.16 27.27 17.17
C LEU C 248 -20.44 28.04 17.05
N ALA C 249 -20.59 28.77 15.95
CA ALA C 249 -21.82 29.51 15.76
C ALA C 249 -23.05 28.59 15.86
N ARG C 250 -23.02 27.43 15.20
CA ARG C 250 -24.09 26.46 15.25
C ARG C 250 -24.29 26.02 16.69
N LEU C 251 -23.26 25.64 17.39
CA LEU C 251 -23.45 25.22 18.77
C LEU C 251 -24.06 26.28 19.66
N VAL C 252 -23.99 27.57 19.37
CA VAL C 252 -24.57 28.58 20.26
C VAL C 252 -25.86 29.17 19.68
N GLY C 253 -26.41 28.45 18.73
CA GLY C 253 -27.71 28.73 18.20
C GLY C 253 -27.69 29.78 17.13
N CYS C 254 -26.53 29.99 16.54
CA CYS C 254 -26.37 30.96 15.48
C CYS C 254 -26.38 30.28 14.16
N PRO C 255 -27.57 29.93 13.69
CA PRO C 255 -27.53 30.24 12.28
C PRO C 255 -28.05 31.72 12.08
N PRO C 256 -29.29 32.10 12.66
CA PRO C 256 -30.19 31.39 13.66
C PRO C 256 -31.30 30.40 13.10
N GLY C 257 -31.44 29.23 13.80
CA GLY C 257 -32.50 28.21 13.55
C GLY C 257 -32.47 27.30 12.30
N GLY C 258 -31.28 27.03 11.75
CA GLY C 258 -31.13 26.08 10.62
C GLY C 258 -30.23 26.42 9.42
N ALA C 259 -29.80 27.69 9.28
CA ALA C 259 -29.31 28.30 7.97
C ALA C 259 -27.84 28.87 7.75
N GLY C 260 -27.24 29.44 8.82
CA GLY C 260 -25.94 30.15 8.83
C GLY C 260 -25.47 30.98 7.62
N GLY C 261 -26.37 31.89 7.14
CA GLY C 261 -26.34 32.61 5.79
C GLY C 261 -25.06 33.25 5.17
N ASN C 262 -25.09 34.58 4.98
CA ASN C 262 -23.89 35.38 4.77
C ASN C 262 -22.95 35.16 5.99
N ASP C 263 -21.65 35.40 5.79
CA ASP C 263 -20.73 35.54 6.90
C ASP C 263 -21.22 36.66 7.78
N THR C 264 -21.90 37.61 7.18
CA THR C 264 -22.22 38.81 7.90
C THR C 264 -23.36 38.62 8.88
N GLU C 265 -24.28 37.77 8.52
CA GLU C 265 -25.44 37.46 9.32
C GLU C 265 -25.01 36.50 10.44
N LEU C 266 -24.10 35.58 10.16
CA LEU C 266 -23.63 34.69 11.22
C LEU C 266 -22.82 35.49 12.27
N ILE C 267 -21.89 36.35 11.81
CA ILE C 267 -21.17 37.14 12.73
C ILE C 267 -22.08 38.08 13.52
N ALA C 268 -23.10 38.61 12.90
CA ALA C 268 -23.97 39.53 13.67
C ALA C 268 -24.71 38.76 14.76
N CYS C 269 -24.90 37.48 14.57
CA CYS C 269 -25.55 36.73 15.60
C CYS C 269 -24.59 36.38 16.73
N LEU C 270 -23.34 35.98 16.41
CA LEU C 270 -22.30 35.83 17.39
C LEU C 270 -22.12 37.10 18.22
N ARG C 271 -22.31 38.27 17.63
CA ARG C 271 -22.02 39.48 18.37
C ARG C 271 -23.12 39.68 19.43
N THR C 272 -24.21 38.90 19.40
CA THR C 272 -25.25 38.98 20.44
C THR C 272 -25.04 37.97 21.58
N ARG C 273 -24.20 36.95 21.40
CA ARG C 273 -23.91 36.01 22.47
C ARG C 273 -23.20 36.70 23.63
N PRO C 274 -23.53 36.34 24.89
CA PRO C 274 -22.75 36.77 26.07
C PRO C 274 -21.29 36.26 26.01
N ALA C 275 -20.35 37.08 26.44
CA ALA C 275 -19.00 36.67 26.47
C ALA C 275 -18.83 35.20 27.00
N GLN C 276 -19.41 34.88 28.14
CA GLN C 276 -19.13 33.62 28.77
C GLN C 276 -19.74 32.49 27.90
N ASP C 277 -20.78 32.81 27.12
CA ASP C 277 -21.47 31.81 26.30
C ASP C 277 -20.48 31.34 25.24
N LEU C 278 -19.81 32.30 24.58
CA LEU C 278 -18.69 32.02 23.67
C LEU C 278 -17.63 31.19 24.34
N VAL C 279 -17.18 31.61 25.49
CA VAL C 279 -16.12 30.87 26.19
C VAL C 279 -16.55 29.43 26.56
N ASP C 280 -17.76 29.25 27.06
CA ASP C 280 -18.22 27.94 27.42
C ASP C 280 -18.28 26.97 26.23
N HIS C 281 -18.19 27.44 24.99
CA HIS C 281 -18.19 26.50 23.87
C HIS C 281 -16.88 26.40 23.13
N GLU C 282 -15.87 27.17 23.49
CA GLU C 282 -14.71 27.18 22.62
C GLU C 282 -13.95 25.85 22.45
N TRP C 283 -14.04 24.95 23.40
CA TRP C 283 -13.39 23.68 23.23
C TRP C 283 -14.21 22.67 22.43
N HIS C 284 -15.47 22.97 22.09
CA HIS C 284 -16.36 21.98 21.46
C HIS C 284 -15.95 21.79 20.01
N VAL C 285 -15.27 22.78 19.45
CA VAL C 285 -14.91 22.72 18.05
C VAL C 285 -13.64 21.94 17.64
N LEU C 286 -12.85 21.46 18.60
CA LEU C 286 -11.58 20.79 18.21
C LEU C 286 -11.86 19.51 17.47
N PRO C 287 -11.06 19.18 16.45
CA PRO C 287 -11.51 18.06 15.64
C PRO C 287 -11.17 16.73 16.18
N GLN C 288 -10.18 16.62 17.06
CA GLN C 288 -9.83 15.26 17.56
C GLN C 288 -9.55 15.22 19.00
N GLU C 289 -9.41 14.03 19.55
CA GLU C 289 -8.97 13.92 20.91
C GLU C 289 -7.50 14.34 20.92
N SER C 290 -7.10 15.42 21.62
CA SER C 290 -5.70 15.94 21.54
C SER C 290 -5.27 16.63 22.77
N ILE C 291 -3.97 16.90 22.91
CA ILE C 291 -3.48 17.91 23.82
C ILE C 291 -2.58 18.79 22.96
N PHE C 292 -2.25 19.97 23.49
CA PHE C 292 -1.44 20.96 22.84
C PHE C 292 -2.04 21.35 21.50
N ARG C 293 -3.36 21.38 21.43
CA ARG C 293 -4.06 21.88 20.23
C ARG C 293 -5.14 22.77 20.74
N PHE C 294 -5.33 23.92 20.09
CA PHE C 294 -6.15 24.99 20.66
C PHE C 294 -7.15 25.44 19.63
N SER C 295 -8.33 25.88 20.05
CA SER C 295 -9.39 26.12 19.08
C SER C 295 -9.24 27.31 18.22
N PHE C 296 -8.92 28.45 18.80
CA PHE C 296 -8.85 29.71 18.02
C PHE C 296 -7.44 30.33 18.04
N VAL C 297 -6.72 30.26 16.94
CA VAL C 297 -5.30 30.62 16.94
C VAL C 297 -5.10 31.44 15.68
N PRO C 298 -3.91 32.07 15.49
CA PRO C 298 -3.69 32.78 14.23
C PRO C 298 -4.03 31.92 13.01
N VAL C 299 -4.59 32.57 11.98
CA VAL C 299 -5.00 31.90 10.77
C VAL C 299 -4.15 32.38 9.63
N VAL C 300 -3.82 31.44 8.76
CA VAL C 300 -3.01 31.74 7.60
C VAL C 300 -4.00 32.31 6.57
N ASP C 301 -4.13 33.64 6.54
CA ASP C 301 -5.26 34.38 5.86
C ASP C 301 -4.71 34.96 4.56
N GLY C 302 -3.41 34.88 4.29
CA GLY C 302 -2.84 35.60 3.14
C GLY C 302 -2.83 37.11 3.36
N ASP C 303 -3.10 37.57 4.59
CA ASP C 303 -3.00 38.98 4.89
C ASP C 303 -1.92 39.26 5.94
N PHE C 304 -2.25 39.09 7.22
CA PHE C 304 -1.27 39.19 8.27
C PHE C 304 -0.10 38.22 8.03
N LEU C 305 -0.42 37.01 7.59
CA LEU C 305 0.59 36.01 7.22
C LEU C 305 0.40 35.75 5.73
N SER C 306 1.33 36.20 4.90
CA SER C 306 1.16 36.08 3.45
C SER C 306 1.22 34.60 2.96
N ASP C 307 1.78 33.72 3.80
CA ASP C 307 1.86 32.30 3.54
C ASP C 307 1.99 31.59 4.89
N THR C 308 2.07 30.26 4.88
CA THR C 308 2.31 29.52 6.13
C THR C 308 3.58 30.01 6.81
N PRO C 309 3.63 29.96 8.16
CA PRO C 309 4.88 30.28 8.82
C PRO C 309 6.03 29.41 8.31
N GLU C 310 5.79 28.12 8.11
CA GLU C 310 6.75 27.25 7.44
C GLU C 310 7.35 27.82 6.14
N ALA C 311 6.50 28.28 5.22
CA ALA C 311 7.00 28.78 3.96
C ALA C 311 7.75 30.09 4.19
N LEU C 312 7.37 30.86 5.20
CA LEU C 312 7.98 32.17 5.40
C LEU C 312 9.33 32.08 6.09
N ILE C 313 9.52 31.13 6.99
CA ILE C 313 10.86 30.96 7.53
C ILE C 313 11.81 30.22 6.53
N ASN C 314 11.30 29.50 5.50
CA ASN C 314 12.22 28.83 4.56
C ASN C 314 12.82 29.81 3.58
N THR C 315 12.24 30.98 3.45
CA THR C 315 12.66 31.88 2.40
C THR C 315 12.68 33.36 2.80
N GLY C 316 13.09 33.70 4.01
CA GLY C 316 13.00 35.09 4.40
C GLY C 316 14.34 35.70 4.17
N ASP C 317 14.41 37.02 4.26
CA ASP C 317 15.70 37.67 4.49
C ASP C 317 15.76 38.09 5.99
N PHE C 318 16.72 37.51 6.69
CA PHE C 318 16.84 37.72 8.11
C PHE C 318 18.24 38.22 8.43
N GLN C 319 18.85 38.86 7.43
CA GLN C 319 20.17 39.45 7.56
C GLN C 319 20.23 40.47 8.68
N ASP C 320 19.21 41.30 8.79
CA ASP C 320 19.33 42.30 9.84
C ASP C 320 18.68 41.98 11.21
N LEU C 321 18.73 40.72 11.63
CA LEU C 321 17.94 40.30 12.77
C LEU C 321 18.74 39.54 13.80
N GLN C 322 18.64 39.92 15.07
CA GLN C 322 19.17 39.11 16.17
C GLN C 322 18.02 38.46 16.93
N VAL C 323 18.18 37.22 17.37
CA VAL C 323 17.08 36.43 17.90
C VAL C 323 17.71 35.55 18.93
N LEU C 324 17.11 35.53 20.11
CA LEU C 324 17.50 34.63 21.17
C LEU C 324 16.30 33.61 21.35
N VAL C 325 16.57 32.30 21.29
CA VAL C 325 15.48 31.29 21.43
C VAL C 325 15.91 30.22 22.40
N GLY C 326 14.96 29.44 22.90
CA GLY C 326 15.31 28.32 23.73
C GLY C 326 14.11 27.67 24.34
N VAL C 327 14.35 26.65 25.16
CA VAL C 327 13.33 25.82 25.73
C VAL C 327 13.66 25.52 27.21
N VAL C 328 12.72 24.95 27.92
CA VAL C 328 12.99 24.39 29.25
C VAL C 328 13.17 22.88 29.12
N LYS C 329 13.60 22.24 30.20
CA LYS C 329 14.12 20.91 30.17
C LYS C 329 12.98 19.92 29.95
N ASP C 330 11.81 20.20 30.53
CA ASP C 330 10.71 19.28 30.48
C ASP C 330 9.46 19.90 29.87
N GLU C 331 9.56 20.38 28.61
CA GLU C 331 8.47 21.10 27.95
C GLU C 331 7.16 20.31 27.97
N GLY C 332 7.19 19.00 27.77
CA GLY C 332 5.93 18.27 27.66
C GLY C 332 5.23 17.94 28.97
N SER C 333 5.89 18.05 30.11
CA SER C 333 5.28 17.37 31.25
C SER C 333 3.89 17.89 31.73
N TYR C 334 3.68 19.19 31.72
CA TYR C 334 2.40 19.73 32.18
C TYR C 334 1.30 19.28 31.24
N PHE C 335 1.58 19.23 29.96
CA PHE C 335 0.55 18.80 29.01
C PHE C 335 0.04 17.40 29.31
N LEU C 336 0.93 16.53 29.77
CA LEU C 336 0.52 15.18 30.07
C LEU C 336 -0.47 15.14 31.21
N VAL C 337 -0.25 15.92 32.26
CA VAL C 337 -1.18 15.84 33.38
C VAL C 337 -2.47 16.49 32.99
N TYR C 338 -2.41 17.47 32.08
CA TYR C 338 -3.58 18.16 31.62
C TYR C 338 -4.55 17.24 30.91
N GLY C 339 -4.09 16.42 29.96
CA GLY C 339 -5.01 15.61 29.18
C GLY C 339 -4.58 14.24 28.63
N VAL C 340 -3.57 13.58 29.20
CA VAL C 340 -3.22 12.24 28.73
C VAL C 340 -3.50 11.22 29.85
N PRO C 341 -4.26 10.17 29.55
CA PRO C 341 -4.59 9.20 30.59
C PRO C 341 -3.35 8.60 31.19
N GLY C 342 -3.32 8.47 32.51
CA GLY C 342 -2.19 7.90 33.21
C GLY C 342 -1.32 8.87 33.99
N PHE C 343 -1.44 10.16 33.70
CA PHE C 343 -0.54 11.19 34.24
C PHE C 343 -1.24 12.13 35.24
N SER C 344 -0.60 12.36 36.37
CA SER C 344 -1.22 13.04 37.46
C SER C 344 -0.16 13.79 38.29
N LYS C 345 -0.50 14.93 38.88
CA LYS C 345 0.46 15.59 39.78
C LYS C 345 0.61 14.89 41.14
N ASP C 346 -0.31 13.99 41.47
CA ASP C 346 -0.37 13.41 42.80
C ASP C 346 0.35 12.11 43.02
N ASN C 347 0.88 11.51 41.95
CA ASN C 347 1.78 10.40 42.07
C ASN C 347 2.86 10.41 41.00
N GLU C 348 3.69 9.37 41.02
CA GLU C 348 4.88 9.28 40.17
C GLU C 348 4.55 9.03 38.70
N SER C 349 3.27 8.82 38.42
CA SER C 349 2.71 8.51 37.11
C SER C 349 3.49 7.50 36.27
N LEU C 350 3.96 6.40 36.84
CA LEU C 350 4.56 5.30 36.04
C LEU C 350 3.51 4.72 35.09
N ILE C 351 3.74 4.57 33.81
CA ILE C 351 2.59 4.14 32.98
C ILE C 351 2.89 2.87 32.24
N SER C 352 1.87 2.27 31.66
CA SER C 352 2.03 1.02 30.96
C SER C 352 2.30 1.29 29.47
N ARG C 353 2.75 0.25 28.79
CA ARG C 353 3.01 0.35 27.37
C ARG C 353 1.76 0.76 26.66
N ALA C 354 0.63 0.24 27.09
CA ALA C 354 -0.60 0.55 26.40
C ALA C 354 -0.92 2.03 26.64
N GLN C 355 -0.58 2.50 27.83
CA GLN C 355 -0.85 3.86 28.12
C GLN C 355 0.03 4.75 27.28
N PHE C 356 1.27 4.32 27.02
CA PHE C 356 2.18 5.10 26.25
C PHE C 356 1.71 5.18 24.79
N LEU C 357 1.27 4.05 24.27
CA LEU C 357 0.73 4.01 22.91
C LEU C 357 -0.53 4.86 22.73
N ALA C 358 -1.42 4.86 23.70
CA ALA C 358 -2.62 5.67 23.55
C ALA C 358 -2.23 7.14 23.70
N GLY C 359 -1.23 7.39 24.55
CA GLY C 359 -0.68 8.72 24.74
C GLY C 359 -0.20 9.35 23.44
N VAL C 360 0.52 8.55 22.64
CA VAL C 360 1.11 9.01 21.39
C VAL C 360 -0.01 9.40 20.43
N ARG C 361 -1.12 8.69 20.46
CA ARG C 361 -2.23 9.11 19.58
C ARG C 361 -2.81 10.45 19.92
N ILE C 362 -2.73 10.80 21.18
CA ILE C 362 -3.28 12.06 21.67
C ILE C 362 -2.25 13.18 21.52
N GLY C 363 -0.98 12.83 21.74
CA GLY C 363 0.11 13.75 21.56
C GLY C 363 0.32 14.06 20.07
N VAL C 364 0.01 13.11 19.18
CA VAL C 364 0.30 13.32 17.78
C VAL C 364 -0.99 13.03 17.03
N PRO C 365 -2.01 13.91 17.19
CA PRO C 365 -3.31 13.53 16.64
C PRO C 365 -3.46 13.58 15.12
N GLN C 366 -2.60 14.27 14.33
CA GLN C 366 -2.56 14.16 12.89
C GLN C 366 -2.10 12.79 12.47
N ALA C 367 -1.46 12.00 13.34
CA ALA C 367 -0.69 10.81 12.91
C ALA C 367 -1.54 9.61 12.49
N SER C 368 -1.23 9.02 11.32
CA SER C 368 -1.78 7.70 10.94
C SER C 368 -1.19 6.60 11.81
N ASP C 369 -1.68 5.39 11.67
CA ASP C 369 -1.09 4.30 12.44
C ASP C 369 0.38 4.15 12.12
N LEU C 370 0.71 4.25 10.85
CA LEU C 370 2.09 4.13 10.52
C LEU C 370 2.92 5.24 11.17
N ALA C 371 2.46 6.48 11.11
CA ALA C 371 3.27 7.54 11.68
C ALA C 371 3.39 7.37 13.21
N ALA C 372 2.31 6.95 13.87
CA ALA C 372 2.35 6.76 15.31
C ALA C 372 3.39 5.70 15.67
N GLU C 373 3.44 4.62 14.87
CA GLU C 373 4.37 3.51 15.02
C GLU C 373 5.77 4.06 14.88
N ALA C 374 5.97 4.93 13.91
CA ALA C 374 7.28 5.54 13.78
C ALA C 374 7.72 6.31 15.07
N VAL C 375 6.78 7.06 15.68
CA VAL C 375 7.05 7.83 16.89
C VAL C 375 7.41 6.85 18.00
N VAL C 376 6.60 5.83 18.15
CA VAL C 376 6.82 4.82 19.16
C VAL C 376 8.18 4.07 18.97
N LEU C 377 8.54 3.82 17.71
CA LEU C 377 9.78 3.16 17.41
C LEU C 377 10.90 4.02 17.92
N HIS C 378 10.83 5.32 17.64
CA HIS C 378 11.91 6.22 18.01
C HIS C 378 12.00 6.38 19.53
N TYR C 379 10.87 6.41 20.24
CA TYR C 379 10.96 6.73 21.67
C TYR C 379 11.00 5.53 22.62
N THR C 380 10.66 4.33 22.15
CA THR C 380 10.79 3.13 22.99
C THR C 380 12.26 2.79 23.21
N ASP C 381 12.57 2.34 24.42
CA ASP C 381 13.87 1.72 24.65
C ASP C 381 13.64 0.21 24.39
N TRP C 382 14.22 -0.35 23.33
CA TRP C 382 13.91 -1.73 22.99
C TRP C 382 14.60 -2.76 23.87
N LEU C 383 15.64 -2.40 24.64
CA LEU C 383 16.10 -3.30 25.75
C LEU C 383 15.06 -3.46 26.89
N HIS C 384 14.34 -2.37 27.16
CA HIS C 384 13.36 -2.26 28.25
C HIS C 384 12.06 -1.66 27.71
N PRO C 385 11.41 -2.34 26.76
CA PRO C 385 10.26 -1.67 26.14
C PRO C 385 9.12 -1.35 27.10
N GLU C 386 9.03 -2.06 28.23
CA GLU C 386 7.92 -1.94 29.18
C GLU C 386 8.27 -1.24 30.45
N ASP C 387 9.49 -0.75 30.55
CA ASP C 387 9.86 0.01 31.73
C ASP C 387 8.98 1.29 31.98
N PRO C 388 8.26 1.37 33.13
CA PRO C 388 7.28 2.44 33.26
C PRO C 388 7.94 3.79 33.50
N THR C 389 9.10 3.82 34.12
CA THR C 389 9.70 5.10 34.31
C THR C 389 10.16 5.59 32.95
N HIS C 390 10.74 4.69 32.15
CA HIS C 390 11.20 5.16 30.85
C HIS C 390 10.01 5.71 30.01
N LEU C 391 8.86 5.04 30.14
CA LEU C 391 7.79 5.32 29.29
C LEU C 391 7.16 6.68 29.66
N ARG C 392 7.08 6.93 30.97
CA ARG C 392 6.62 8.20 31.47
C ARG C 392 7.51 9.31 30.90
N ASP C 393 8.82 9.17 31.07
CA ASP C 393 9.72 10.19 30.53
C ASP C 393 9.69 10.34 28.99
N ALA C 394 9.52 9.23 28.28
CA ALA C 394 9.37 9.29 26.82
C ALA C 394 8.07 10.00 26.40
N MET C 395 6.99 9.78 27.15
CA MET C 395 5.70 10.35 26.75
C MET C 395 5.81 11.86 26.88
N SER C 396 6.52 12.28 27.93
CA SER C 396 6.83 13.67 28.10
C SER C 396 7.65 14.26 27.00
N ALA C 397 8.74 13.57 26.64
CA ALA C 397 9.55 14.01 25.52
C ALA C 397 8.71 14.11 24.18
N VAL C 398 7.92 13.08 23.88
CA VAL C 398 7.15 13.13 22.63
C VAL C 398 6.36 14.46 22.54
N VAL C 399 5.63 14.81 23.62
CA VAL C 399 4.81 15.99 23.56
C VAL C 399 5.69 17.22 23.52
N GLY C 400 6.70 17.26 24.35
CA GLY C 400 7.58 18.43 24.36
C GLY C 400 8.33 18.65 23.06
N ASP C 401 8.84 17.56 22.47
CA ASP C 401 9.68 17.70 21.27
C ASP C 401 8.81 18.03 20.07
N HIS C 402 7.73 17.30 19.93
CA HIS C 402 6.81 17.56 18.84
C HIS C 402 6.26 19.00 18.84
N ASN C 403 5.89 19.56 19.99
CA ASN C 403 5.32 20.90 20.01
C ASN C 403 6.25 22.12 20.18
N VAL C 404 7.38 21.92 20.83
CA VAL C 404 8.26 23.02 21.26
C VAL C 404 9.74 22.81 20.82
N VAL C 405 10.43 21.84 21.41
CA VAL C 405 11.84 21.62 21.09
C VAL C 405 12.14 21.49 19.61
N CYS C 406 11.45 20.64 18.88
CA CYS C 406 11.86 20.53 17.47
C CYS C 406 11.47 21.75 16.65
N PRO C 407 10.23 22.28 16.81
CA PRO C 407 9.90 23.57 16.16
C PRO C 407 10.89 24.71 16.42
N VAL C 408 11.44 24.77 17.64
CA VAL C 408 12.48 25.73 17.95
C VAL C 408 13.79 25.41 17.21
N ALA C 409 14.23 24.14 17.24
CA ALA C 409 15.40 23.76 16.45
C ALA C 409 15.17 24.14 15.00
N GLN C 410 13.99 23.90 14.45
CA GLN C 410 13.79 24.18 13.03
C GLN C 410 13.92 25.67 12.78
N LEU C 411 13.40 26.46 13.70
CA LEU C 411 13.38 27.92 13.51
C LEU C 411 14.81 28.46 13.62
N ALA C 412 15.58 28.01 14.63
CA ALA C 412 16.96 28.48 14.81
C ALA C 412 17.74 28.13 13.55
N GLY C 413 17.60 26.90 13.08
CA GLY C 413 18.25 26.49 11.86
C GLY C 413 17.93 27.45 10.73
N ARG C 414 16.64 27.67 10.47
CA ARG C 414 16.25 28.37 9.23
C ARG C 414 16.69 29.81 9.32
N LEU C 415 16.57 30.42 10.51
CA LEU C 415 16.89 31.81 10.64
C LEU C 415 18.39 32.03 10.44
N ALA C 416 19.21 31.13 11.02
CA ALA C 416 20.63 31.22 10.86
C ALA C 416 20.97 30.98 9.37
N ALA C 417 20.53 29.87 8.76
CA ALA C 417 20.77 29.69 7.30
C ALA C 417 20.46 30.94 6.44
N GLN C 418 19.46 31.73 6.80
CA GLN C 418 19.04 32.87 6.05
C GLN C 418 19.54 34.19 6.59
N GLY C 419 20.58 34.17 7.43
CA GLY C 419 21.32 35.40 7.76
C GLY C 419 21.22 36.00 9.15
N ALA C 420 20.34 35.45 10.00
CA ALA C 420 20.10 36.02 11.33
C ALA C 420 21.22 35.62 12.27
N ARG C 421 21.45 36.45 13.27
CA ARG C 421 22.34 36.12 14.35
C ARG C 421 21.41 35.52 15.39
N VAL C 422 21.71 34.29 15.81
CA VAL C 422 20.82 33.53 16.66
C VAL C 422 21.51 33.00 17.87
N TYR C 423 20.91 33.13 19.06
CA TYR C 423 21.44 32.50 20.28
C TYR C 423 20.38 31.57 20.84
N ALA C 424 20.82 30.45 21.42
CA ALA C 424 19.95 29.35 21.78
C ALA C 424 20.34 28.82 23.16
N TYR C 425 19.36 28.38 23.94
CA TYR C 425 19.62 27.88 25.27
C TYR C 425 18.66 26.77 25.59
N ILE C 426 19.02 25.94 26.56
CA ILE C 426 18.08 25.08 27.24
C ILE C 426 18.13 25.50 28.66
N PHE C 427 16.99 25.65 29.32
CA PHE C 427 16.92 26.16 30.69
C PHE C 427 16.64 24.98 31.63
N GLU C 428 17.52 24.70 32.58
CA GLU C 428 17.37 23.45 33.30
C GLU C 428 17.24 23.55 34.79
N HIS C 429 17.05 24.74 35.32
CA HIS C 429 16.92 24.92 36.76
C HIS C 429 15.48 24.72 37.21
N ARG C 430 15.27 23.85 38.17
CA ARG C 430 13.96 23.67 38.74
C ARG C 430 13.87 24.48 40.05
N ALA C 431 12.97 25.46 40.05
CA ALA C 431 12.80 26.35 41.20
C ALA C 431 12.58 25.57 42.51
N SER C 432 13.36 25.95 43.52
CA SER C 432 13.29 25.36 44.83
C SER C 432 11.89 25.53 45.43
N THR C 433 11.18 26.59 45.02
CA THR C 433 9.84 26.81 45.51
C THR C 433 8.73 26.13 44.69
N LEU C 434 9.11 25.30 43.73
CA LEU C 434 8.15 24.66 42.81
C LEU C 434 7.19 23.71 43.53
N THR C 435 5.91 23.71 43.17
CA THR C 435 4.97 22.75 43.81
C THR C 435 4.53 21.53 42.97
N TRP C 436 4.73 21.57 41.65
CA TRP C 436 4.62 20.36 40.83
C TRP C 436 5.57 19.23 41.31
N PRO C 437 5.17 17.97 41.13
CA PRO C 437 5.98 16.84 41.57
C PRO C 437 7.36 16.77 40.91
N LEU C 438 8.30 16.07 41.51
CA LEU C 438 9.59 15.88 40.85
C LEU C 438 9.56 15.34 39.43
N TRP C 439 8.71 14.37 39.10
CA TRP C 439 8.80 13.78 37.78
C TRP C 439 8.52 14.81 36.62
N MET C 440 7.75 15.87 36.90
CA MET C 440 7.50 16.91 35.93
C MET C 440 8.70 17.81 35.65
N GLY C 441 9.76 17.73 36.47
CA GLY C 441 11.01 18.45 36.24
C GLY C 441 10.85 19.96 36.20
N VAL C 442 11.35 20.58 35.13
CA VAL C 442 11.20 22.01 34.88
C VAL C 442 10.10 22.19 33.81
N PRO C 443 8.84 22.37 34.22
CA PRO C 443 7.73 22.47 33.21
C PRO C 443 7.71 23.74 32.36
N HIS C 444 7.09 23.66 31.20
CA HIS C 444 6.71 24.81 30.39
C HIS C 444 6.37 26.02 31.25
N GLY C 445 7.14 27.11 31.12
CA GLY C 445 6.74 28.39 31.68
C GLY C 445 7.47 28.76 32.95
N TYR C 446 8.15 27.80 33.55
CA TYR C 446 8.87 28.03 34.77
C TYR C 446 10.26 28.61 34.61
N GLU C 447 10.60 29.19 33.46
CA GLU C 447 11.84 29.95 33.40
C GLU C 447 11.51 31.42 33.62
N ILE C 448 10.23 31.77 33.42
CA ILE C 448 9.76 33.18 33.32
C ILE C 448 10.03 33.96 34.60
N GLU C 449 9.66 33.35 35.73
CA GLU C 449 9.93 33.94 37.04
C GLU C 449 11.38 34.33 37.25
N PHE C 450 12.32 33.56 36.69
CA PHE C 450 13.74 33.89 36.75
C PHE C 450 14.17 35.00 35.82
N ILE C 451 13.71 34.97 34.59
CA ILE C 451 14.08 36.03 33.68
C ILE C 451 13.50 37.35 34.18
N PHE C 452 12.30 37.32 34.78
CA PHE C 452 11.71 38.55 35.25
C PHE C 452 12.35 38.98 36.61
N GLY C 453 13.08 38.10 37.26
CA GLY C 453 13.77 38.49 38.45
C GLY C 453 13.02 38.36 39.74
N LEU C 454 11.89 37.67 39.74
CA LEU C 454 11.17 37.45 40.99
C LEU C 454 12.04 36.95 42.17
N PRO C 455 13.06 36.16 41.89
CA PRO C 455 13.82 35.75 43.07
C PRO C 455 14.61 36.87 43.76
N LEU C 456 14.59 38.09 43.23
CA LEU C 456 15.29 39.17 43.93
C LEU C 456 14.44 39.63 45.09
N ASP C 457 13.14 39.32 45.05
CA ASP C 457 12.29 39.57 46.18
C ASP C 457 12.46 38.54 47.32
N PRO C 458 13.22 38.93 48.37
CA PRO C 458 13.62 38.09 49.51
C PRO C 458 12.41 37.51 50.27
N SER C 459 11.24 38.12 50.15
CA SER C 459 10.09 37.56 50.80
C SER C 459 9.53 36.37 50.01
N LEU C 460 10.12 36.04 48.87
CA LEU C 460 9.54 35.00 48.01
C LEU C 460 10.13 33.62 48.26
N ASN C 461 11.12 33.62 49.15
CA ASN C 461 11.68 32.40 49.74
C ASN C 461 12.58 31.63 48.78
N TYR C 462 13.07 32.27 47.73
CA TYR C 462 14.05 31.61 46.86
C TYR C 462 15.38 31.50 47.59
N THR C 463 16.25 30.62 47.13
CA THR C 463 17.57 30.50 47.75
C THR C 463 18.48 31.61 47.26
N THR C 464 19.60 31.79 47.95
CA THR C 464 20.61 32.75 47.57
C THR C 464 21.12 32.46 46.17
N GLU C 465 21.37 31.20 45.81
CA GLU C 465 21.92 30.94 44.47
C GLU C 465 20.94 31.33 43.39
N GLU C 466 19.69 31.04 43.70
CA GLU C 466 18.61 31.38 42.83
C GLU C 466 18.58 32.88 42.60
N ARG C 467 18.84 33.68 43.66
CA ARG C 467 18.90 35.10 43.50
C ARG C 467 20.08 35.47 42.60
N ILE C 468 21.22 34.82 42.76
CA ILE C 468 22.33 35.17 41.90
C ILE C 468 22.02 34.80 40.45
N PHE C 469 21.50 33.57 40.26
CA PHE C 469 21.10 33.04 38.94
C PHE C 469 20.11 33.99 38.23
N ALA C 470 19.06 34.42 38.93
CA ALA C 470 18.18 35.41 38.34
C ALA C 470 18.94 36.65 37.80
N GLN C 471 19.91 37.18 38.55
CA GLN C 471 20.60 38.39 38.09
C GLN C 471 21.36 38.11 36.84
N ARG C 472 21.93 36.91 36.81
CA ARG C 472 22.71 36.45 35.65
C ARG C 472 21.86 36.48 34.39
N LEU C 473 20.63 35.97 34.55
CA LEU C 473 19.71 35.83 33.46
C LEU C 473 19.19 37.18 33.05
N MET C 474 18.85 38.00 34.03
CA MET C 474 18.40 39.35 33.73
C MET C 474 19.40 40.11 32.90
N LYS C 475 20.72 39.91 33.17
CA LYS C 475 21.79 40.56 32.40
C LYS C 475 21.90 39.94 31.05
N TYR C 476 21.81 38.61 30.97
CA TYR C 476 21.78 37.99 29.64
C TYR C 476 20.69 38.62 28.77
N TRP C 477 19.43 38.62 29.25
CA TRP C 477 18.36 39.17 28.49
C TRP C 477 18.55 40.65 28.19
N THR C 478 18.98 41.44 29.19
CA THR C 478 19.07 42.88 28.95
C THR C 478 20.28 43.24 28.08
N ASN C 479 21.37 42.47 28.18
CA ASN C 479 22.45 42.66 27.22
C ASN C 479 22.05 42.47 25.81
N PHE C 480 21.37 41.35 25.59
CA PHE C 480 20.74 41.08 24.31
C PHE C 480 19.82 42.22 23.85
N ALA C 481 18.97 42.75 24.72
CA ALA C 481 18.11 43.85 24.31
C ALA C 481 18.92 45.04 23.85
N ARG C 482 20.02 45.31 24.55
CA ARG C 482 20.83 46.52 24.40
C ARG C 482 21.56 46.38 23.08
N THR C 483 22.06 45.18 22.80
CA THR C 483 23.05 45.03 21.77
C THR C 483 22.90 43.86 20.83
N GLY C 484 21.87 43.01 20.94
CA GLY C 484 21.76 41.84 20.09
C GLY C 484 22.77 40.76 20.46
N ASP C 485 23.41 40.87 21.62
CA ASP C 485 24.38 39.90 22.08
C ASP C 485 24.23 39.70 23.60
N PRO C 486 24.01 38.46 24.08
CA PRO C 486 23.77 38.33 25.51
C PRO C 486 25.04 38.40 26.30
N ASN C 487 26.16 38.46 25.60
CA ASN C 487 27.44 38.48 26.33
C ASN C 487 27.82 39.81 26.89
N ASP C 488 28.32 39.74 28.10
CA ASP C 488 29.05 40.83 28.70
C ASP C 488 30.29 41.20 27.85
N PRO C 489 30.29 42.40 27.20
CA PRO C 489 31.57 42.85 26.65
C PRO C 489 32.33 43.38 27.87
N ARG C 490 33.65 43.59 27.75
CA ARG C 490 34.44 43.92 28.96
C ARG C 490 34.28 42.71 29.90
N ASP C 491 34.68 41.52 29.39
CA ASP C 491 34.56 40.24 30.12
C ASP C 491 35.16 38.98 29.43
N SER C 492 36.10 38.37 30.17
CA SER C 492 36.42 36.94 29.99
C SER C 492 36.58 36.15 31.31
N LYS C 493 36.69 34.81 31.18
CA LYS C 493 36.21 33.79 32.17
C LYS C 493 34.67 33.98 32.54
N SER C 494 33.80 33.33 31.75
CA SER C 494 32.35 33.38 31.99
C SER C 494 31.63 32.00 31.85
N PRO C 495 31.71 31.32 30.69
CA PRO C 495 32.36 31.80 29.48
C PRO C 495 31.34 32.38 28.51
N GLN C 496 31.61 32.27 27.23
CA GLN C 496 30.83 32.99 26.26
C GLN C 496 29.69 32.12 25.75
N TRP C 497 28.63 32.81 25.32
CA TRP C 497 27.50 32.24 24.63
C TRP C 497 27.79 32.50 23.14
N PRO C 498 28.16 31.45 22.40
CA PRO C 498 28.39 31.57 20.97
C PRO C 498 27.08 31.57 20.22
N PRO C 499 27.03 32.21 19.07
CA PRO C 499 25.75 32.12 18.33
C PRO C 499 25.49 30.70 17.81
N TYR C 500 24.22 30.26 17.81
CA TYR C 500 23.78 29.05 17.08
C TYR C 500 23.99 29.17 15.55
N THR C 501 24.58 28.17 14.93
CA THR C 501 24.76 28.19 13.46
C THR C 501 24.46 26.80 13.01
N THR C 502 23.97 26.68 11.78
CA THR C 502 23.68 25.35 11.17
C THR C 502 24.94 24.43 11.16
N ALA C 503 26.09 25.01 10.88
CA ALA C 503 27.34 24.25 10.99
C ALA C 503 27.56 23.63 12.39
N ALA C 504 27.61 24.41 13.47
CA ALA C 504 28.03 23.83 14.76
C ALA C 504 26.93 23.60 15.77
N GLN C 505 25.82 24.31 15.60
CA GLN C 505 24.63 24.08 16.42
C GLN C 505 24.98 24.16 17.88
N GLN C 506 25.71 25.20 18.25
CA GLN C 506 25.93 25.55 19.64
C GLN C 506 24.73 26.24 20.33
N TYR C 507 24.47 25.79 21.55
CA TYR C 507 23.50 26.40 22.45
C TYR C 507 24.06 26.27 23.88
N VAL C 508 23.42 26.89 24.88
CA VAL C 508 23.97 26.86 26.24
C VAL C 508 22.99 26.27 27.20
N SER C 509 23.45 25.76 28.33
CA SER C 509 22.49 25.33 29.32
C SER C 509 22.43 26.42 30.39
N LEU C 510 21.22 26.82 30.78
CA LEU C 510 21.03 27.85 31.77
C LEU C 510 20.59 27.12 33.03
N ASN C 511 21.46 27.14 34.03
CA ASN C 511 21.17 26.56 35.35
C ASN C 511 22.16 27.14 36.39
N LEU C 512 22.27 26.50 37.55
CA LEU C 512 23.04 27.13 38.64
C LEU C 512 24.56 27.15 38.35
N LYS C 513 25.08 26.12 37.68
CA LYS C 513 26.47 26.11 37.20
C LYS C 513 26.76 27.21 36.17
N PRO C 514 28.03 27.52 35.92
CA PRO C 514 28.29 28.55 34.88
C PRO C 514 27.92 28.00 33.50
N LEU C 515 27.79 28.85 32.48
CA LEU C 515 27.43 28.41 31.14
C LEU C 515 28.21 27.19 30.75
N GLU C 516 27.49 26.19 30.21
CA GLU C 516 28.09 25.07 29.47
C GLU C 516 27.68 25.18 27.98
N VAL C 517 28.65 25.09 27.08
CA VAL C 517 28.33 25.07 25.66
C VAL C 517 28.07 23.63 25.22
N ARG C 518 26.92 23.40 24.54
CA ARG C 518 26.56 22.09 23.98
C ARG C 518 26.33 22.21 22.48
N ARG C 519 26.28 21.05 21.80
CA ARG C 519 26.17 20.98 20.34
C ARG C 519 25.06 20.03 19.89
N GLY C 520 24.21 20.56 19.01
CA GLY C 520 23.05 19.85 18.52
C GLY C 520 21.96 19.82 19.55
N LEU C 521 20.91 20.57 19.25
CA LEU C 521 19.71 20.66 20.06
C LEU C 521 18.78 19.52 19.65
N ARG C 522 18.85 18.40 20.38
CA ARG C 522 18.07 17.20 20.03
CA ARG C 522 18.15 17.15 20.03
C ARG C 522 18.18 16.83 18.53
N ALA C 523 19.41 16.89 18.00
CA ALA C 523 19.67 16.67 16.58
C ALA C 523 19.06 15.43 15.94
N GLN C 524 19.25 14.27 16.55
CA GLN C 524 18.78 13.04 15.93
C GLN C 524 17.31 13.08 15.98
N THR C 525 16.75 13.51 17.12
CA THR C 525 15.27 13.50 17.32
C THR C 525 14.56 14.59 16.48
N CYS C 526 15.22 15.70 16.25
CA CYS C 526 14.57 16.73 15.51
C CYS C 526 14.60 16.46 14.00
N ALA C 527 15.59 15.68 13.53
CA ALA C 527 15.63 15.24 12.14
C ALA C 527 14.40 14.37 11.89
N PHE C 528 14.02 13.51 12.86
CA PHE C 528 12.83 12.72 12.79
C PHE C 528 11.54 13.63 12.70
N TRP C 529 11.34 14.51 13.67
CA TRP C 529 10.15 15.34 13.63
C TRP C 529 10.11 16.29 12.48
N ASN C 530 11.25 16.83 12.07
CA ASN C 530 11.24 17.97 11.16
C ASN C 530 11.38 17.57 9.73
N ARG C 531 12.15 16.53 9.46
CA ARG C 531 12.39 16.12 8.09
C ARG C 531 11.65 14.87 7.73
N PHE C 532 11.66 13.86 8.61
CA PHE C 532 11.15 12.58 8.19
C PHE C 532 9.65 12.43 8.34
N LEU C 533 9.14 12.71 9.52
CA LEU C 533 7.73 12.47 9.86
C LEU C 533 6.78 13.23 8.92
N PRO C 534 7.14 14.49 8.57
CA PRO C 534 6.24 15.12 7.59
C PRO C 534 6.06 14.25 6.34
N LYS C 535 7.11 13.59 5.85
CA LYS C 535 6.97 12.76 4.64
C LYS C 535 6.08 11.55 4.90
N LEU C 536 5.97 11.13 6.13
CA LEU C 536 5.31 9.90 6.45
C LEU C 536 3.90 10.22 6.71
N LEU C 537 3.59 11.43 7.18
CA LEU C 537 2.20 11.89 7.44
C LEU C 537 1.46 11.96 6.13
N SER C 538 1.95 12.71 5.14
CA SER C 538 1.47 12.49 3.75
C SER C 538 2.02 11.14 3.29
N ALA C 539 1.61 10.65 2.13
CA ALA C 539 2.21 9.36 1.60
C ALA C 539 1.88 8.12 2.42
N THR C 540 1.45 8.30 3.67
CA THR C 540 0.27 7.54 4.14
C THR C 540 -0.99 8.37 3.67
N ALA C 541 -1.71 7.92 2.73
N GLU D 1 50.52 -52.35 5.69
CA GLU D 1 49.86 -50.99 5.80
C GLU D 1 48.65 -50.80 6.80
N ASP D 2 48.46 -49.54 7.15
CA ASP D 2 47.78 -49.14 8.38
C ASP D 2 46.28 -49.45 8.41
N PRO D 3 45.83 -50.32 9.32
CA PRO D 3 44.39 -50.60 9.31
C PRO D 3 43.52 -49.48 9.93
N GLN D 4 44.17 -48.47 10.51
CA GLN D 4 43.49 -47.25 10.97
C GLN D 4 42.95 -46.48 9.76
N LEU D 5 43.69 -46.56 8.68
CA LEU D 5 43.38 -45.89 7.46
C LEU D 5 42.47 -46.69 6.50
N LEU D 6 41.94 -47.84 6.92
CA LEU D 6 41.07 -48.61 6.06
C LEU D 6 39.75 -48.78 6.77
N VAL D 7 38.64 -48.32 6.18
CA VAL D 7 37.32 -48.38 6.81
C VAL D 7 36.34 -48.92 5.80
N ARG D 8 35.34 -49.65 6.25
CA ARG D 8 34.32 -50.08 5.35
C ARG D 8 33.05 -49.29 5.67
N VAL D 9 32.45 -48.67 4.64
CA VAL D 9 31.18 -47.95 4.79
C VAL D 9 30.12 -48.72 4.04
N ARG D 10 28.87 -48.29 4.04
CA ARG D 10 27.88 -49.12 3.38
C ARG D 10 28.20 -49.43 1.91
N GLY D 11 28.81 -48.49 1.20
CA GLY D 11 28.96 -48.63 -0.26
C GLY D 11 30.22 -49.37 -0.67
N GLY D 12 30.99 -49.80 0.33
CA GLY D 12 32.24 -50.54 0.11
C GLY D 12 33.40 -49.98 0.92
N GLN D 13 34.60 -50.09 0.39
CA GLN D 13 35.77 -49.83 1.19
C GLN D 13 36.48 -48.59 0.84
N LEU D 14 37.14 -47.97 1.82
CA LEU D 14 37.88 -46.71 1.60
C LEU D 14 39.26 -46.71 2.21
N ARG D 15 40.21 -46.02 1.59
CA ARG D 15 41.52 -45.88 2.16
C ARG D 15 41.81 -44.39 2.39
N GLY D 16 42.20 -44.03 3.61
CA GLY D 16 42.39 -42.65 4.02
C GLY D 16 43.83 -42.29 4.08
N ILE D 17 44.14 -41.14 4.67
CA ILE D 17 45.52 -40.68 4.74
C ILE D 17 45.83 -40.18 6.17
N ARG D 18 47.04 -40.51 6.67
CA ARG D 18 47.53 -40.03 7.98
C ARG D 18 48.07 -38.62 7.79
N LEU D 19 47.73 -37.74 8.73
CA LEU D 19 48.04 -36.31 8.59
C LEU D 19 48.64 -35.76 9.86
N LYS D 20 49.61 -34.86 9.70
CA LYS D 20 50.29 -34.25 10.84
C LYS D 20 49.55 -33.01 11.37
N ALA D 21 48.76 -33.15 12.41
CA ALA D 21 48.36 -31.97 13.19
C ALA D 21 49.51 -31.58 14.13
N PRO D 22 49.55 -30.31 14.61
CA PRO D 22 50.57 -29.86 15.58
C PRO D 22 50.81 -30.85 16.69
N GLY D 23 49.74 -31.22 17.41
CA GLY D 23 49.83 -32.12 18.55
C GLY D 23 49.86 -33.60 18.21
N GLY D 24 49.94 -33.96 16.93
CA GLY D 24 49.98 -35.38 16.58
C GLY D 24 49.17 -35.78 15.36
N PRO D 25 49.02 -37.10 15.14
CA PRO D 25 48.36 -37.53 13.88
C PRO D 25 46.80 -37.55 13.93
N VAL D 26 46.17 -37.35 12.78
CA VAL D 26 44.73 -37.67 12.62
C VAL D 26 44.60 -38.47 11.37
N SER D 27 43.51 -39.22 11.27
CA SER D 27 43.14 -39.77 9.96
C SER D 27 42.12 -38.90 9.21
N ALA D 28 42.39 -38.67 7.95
CA ALA D 28 41.48 -37.93 7.10
C ALA D 28 41.13 -38.88 5.99
N PHE D 29 39.83 -39.02 5.72
CA PHE D 29 39.29 -39.68 4.52
C PHE D 29 38.62 -38.64 3.67
N LEU D 30 39.39 -38.13 2.71
CA LEU D 30 38.98 -37.05 1.82
C LEU D 30 38.31 -37.48 0.52
N GLY D 31 37.19 -36.83 0.16
CA GLY D 31 36.52 -37.03 -1.13
C GLY D 31 35.76 -38.33 -1.19
N ILE D 32 34.92 -38.62 -0.19
CA ILE D 32 34.11 -39.81 -0.28
C ILE D 32 32.87 -39.47 -1.07
N PRO D 33 32.55 -40.26 -2.12
CA PRO D 33 31.32 -39.91 -2.85
C PRO D 33 30.07 -40.17 -2.03
N PHE D 34 29.12 -39.23 -2.03
CA PHE D 34 27.88 -39.53 -1.34
C PHE D 34 26.68 -39.54 -2.29
N ALA D 35 26.90 -39.26 -3.57
CA ALA D 35 25.74 -39.25 -4.50
C ALA D 35 26.23 -39.67 -5.86
N GLU D 36 25.36 -40.22 -6.68
CA GLU D 36 25.66 -40.32 -8.11
C GLU D 36 25.99 -38.89 -8.59
N PRO D 37 27.07 -38.72 -9.39
CA PRO D 37 27.43 -37.38 -9.91
C PRO D 37 26.22 -36.72 -10.57
N PRO D 38 25.90 -35.48 -10.19
CA PRO D 38 24.64 -34.95 -10.70
C PRO D 38 24.79 -34.27 -12.09
N VAL D 39 25.04 -35.06 -13.12
CA VAL D 39 25.58 -34.49 -14.40
C VAL D 39 24.76 -34.97 -15.58
N GLY D 40 24.94 -34.43 -16.78
CA GLY D 40 24.12 -34.94 -17.87
C GLY D 40 22.65 -34.72 -17.58
N SER D 41 21.82 -35.74 -17.58
CA SER D 41 20.40 -35.50 -17.29
C SER D 41 20.02 -35.26 -15.87
N ARG D 42 20.97 -35.34 -14.94
CA ARG D 42 20.61 -35.16 -13.56
C ARG D 42 20.95 -33.72 -13.20
N ARG D 43 21.40 -32.91 -14.14
CA ARG D 43 21.65 -31.50 -13.81
C ARG D 43 20.33 -30.87 -13.42
N PHE D 44 20.32 -30.06 -12.35
CA PHE D 44 19.08 -29.47 -11.71
C PHE D 44 18.19 -30.41 -10.88
N MET D 45 18.47 -31.71 -10.93
CA MET D 45 17.72 -32.73 -10.20
C MET D 45 18.21 -33.02 -8.77
N PRO D 46 17.28 -33.47 -7.88
CA PRO D 46 17.75 -33.95 -6.59
C PRO D 46 18.87 -34.99 -6.70
N PRO D 47 19.78 -35.02 -5.74
CA PRO D 47 20.88 -36.00 -5.82
C PRO D 47 20.35 -37.43 -5.59
N GLU D 48 20.91 -38.41 -6.27
CA GLU D 48 20.63 -39.86 -6.07
CA GLU D 48 20.58 -39.76 -5.88
C GLU D 48 21.74 -40.48 -5.16
N PRO D 49 21.41 -41.40 -4.26
CA PRO D 49 22.54 -41.91 -3.41
C PRO D 49 23.58 -42.70 -4.20
N LYS D 50 24.85 -42.53 -3.84
CA LYS D 50 26.00 -43.17 -4.51
C LYS D 50 25.85 -44.68 -4.57
N ARG D 51 26.00 -45.30 -5.75
CA ARG D 51 25.88 -46.78 -5.80
C ARG D 51 27.14 -47.40 -5.18
N PRO D 52 27.02 -48.56 -4.56
CA PRO D 52 28.24 -49.18 -3.94
C PRO D 52 29.33 -49.57 -4.99
N TRP D 53 30.57 -49.69 -4.54
CA TRP D 53 31.70 -49.85 -5.43
C TRP D 53 32.63 -51.02 -5.08
N SER D 54 33.38 -51.50 -6.07
CA SER D 54 34.22 -52.66 -5.84
C SER D 54 35.60 -52.21 -5.30
N GLY D 55 36.32 -53.10 -4.60
CA GLY D 55 37.71 -52.82 -4.25
C GLY D 55 37.84 -51.73 -3.21
N VAL D 56 38.92 -50.98 -3.25
CA VAL D 56 39.12 -50.05 -2.17
C VAL D 56 39.25 -48.73 -2.82
N LEU D 57 38.30 -47.85 -2.50
CA LEU D 57 38.21 -46.57 -3.14
C LEU D 57 39.21 -45.60 -2.50
N ASP D 58 39.99 -44.92 -3.32
CA ASP D 58 41.00 -44.09 -2.78
C ASP D 58 40.36 -42.85 -2.19
N ALA D 59 40.70 -42.51 -0.94
CA ALA D 59 40.15 -41.31 -0.32
C ALA D 59 41.22 -40.49 0.32
N THR D 60 42.24 -40.14 -0.41
CA THR D 60 43.42 -39.53 0.21
C THR D 60 43.58 -38.10 -0.22
N THR D 61 42.75 -37.68 -1.15
CA THR D 61 42.83 -36.31 -1.66
C THR D 61 41.41 -35.71 -1.83
N PHE D 62 41.28 -34.40 -1.66
CA PHE D 62 40.06 -33.68 -1.97
C PHE D 62 39.64 -33.88 -3.39
N GLN D 63 38.33 -34.04 -3.58
CA GLN D 63 37.73 -34.04 -4.90
C GLN D 63 37.51 -32.64 -5.48
N ASN D 64 36.94 -32.56 -6.68
CA ASN D 64 36.71 -31.26 -7.36
C ASN D 64 35.68 -30.39 -6.64
N VAL D 65 35.83 -29.08 -6.81
CA VAL D 65 34.96 -28.06 -6.26
C VAL D 65 33.76 -27.94 -7.22
N CYS D 66 32.56 -27.75 -6.67
CA CYS D 66 31.33 -27.59 -7.51
C CYS D 66 31.44 -26.41 -8.44
N TYR D 67 31.03 -26.63 -9.69
CA TYR D 67 31.16 -25.63 -10.73
C TYR D 67 30.58 -24.30 -10.23
N GLN D 68 31.31 -23.21 -10.33
CA GLN D 68 30.84 -21.97 -9.79
C GLN D 68 31.55 -20.76 -10.43
N TYR D 69 30.93 -19.59 -10.32
CA TYR D 69 31.55 -18.32 -10.59
C TYR D 69 32.77 -18.05 -9.70
N VAL D 70 33.89 -17.58 -10.30
CA VAL D 70 35.06 -17.19 -9.47
C VAL D 70 35.21 -15.67 -9.40
N ASP D 71 35.24 -15.15 -8.19
CA ASP D 71 35.33 -13.73 -8.01
C ASP D 71 36.71 -13.26 -8.52
N THR D 72 36.75 -12.09 -9.14
CA THR D 72 38.00 -11.55 -9.73
C THR D 72 38.45 -10.19 -9.16
N LEU D 73 38.13 -9.91 -7.90
CA LEU D 73 38.28 -8.57 -7.37
C LEU D 73 39.73 -8.04 -7.27
N TYR D 74 40.54 -8.64 -6.42
CA TYR D 74 41.90 -8.18 -6.33
C TYR D 74 42.77 -9.32 -6.74
N PRO D 75 42.98 -9.46 -8.06
CA PRO D 75 43.67 -10.65 -8.53
C PRO D 75 45.09 -10.74 -7.95
N GLY D 76 45.44 -11.91 -7.45
CA GLY D 76 46.72 -12.12 -6.81
C GLY D 76 46.92 -11.55 -5.43
N PHE D 77 45.85 -11.03 -4.83
CA PHE D 77 45.87 -10.55 -3.46
C PHE D 77 45.50 -11.71 -2.54
N GLU D 78 46.28 -12.02 -1.52
CA GLU D 78 46.01 -13.23 -0.74
C GLU D 78 44.68 -13.14 -0.01
N GLY D 79 44.47 -12.00 0.64
CA GLY D 79 43.20 -11.72 1.29
C GLY D 79 41.98 -12.24 0.54
N THR D 80 41.92 -12.12 -0.79
CA THR D 80 40.80 -12.68 -1.49
C THR D 80 41.03 -14.08 -1.92
N GLU D 81 42.25 -14.42 -2.29
CA GLU D 81 42.42 -15.73 -2.90
C GLU D 81 42.38 -16.94 -1.96
N MET D 82 42.55 -16.71 -0.67
CA MET D 82 42.31 -17.77 0.31
C MET D 82 40.92 -18.40 0.28
N TRP D 83 39.99 -17.70 -0.38
CA TRP D 83 38.59 -18.10 -0.43
C TRP D 83 38.30 -18.85 -1.72
N ASN D 84 39.21 -18.68 -2.68
CA ASN D 84 39.05 -19.19 -4.05
C ASN D 84 38.94 -20.70 -4.19
N PRO D 85 38.17 -21.17 -5.15
CA PRO D 85 38.27 -22.60 -5.29
C PRO D 85 39.75 -23.08 -5.45
N ASN D 86 40.14 -24.10 -4.72
CA ASN D 86 41.49 -24.57 -4.78
C ASN D 86 41.57 -26.03 -5.35
N ARG D 87 40.52 -26.58 -5.92
CA ARG D 87 40.65 -27.79 -6.77
C ARG D 87 40.03 -27.48 -8.10
N GLU D 88 40.06 -28.38 -9.06
CA GLU D 88 39.43 -28.06 -10.33
C GLU D 88 37.89 -27.94 -10.18
N LEU D 89 37.22 -27.13 -11.00
CA LEU D 89 35.75 -27.08 -10.96
C LEU D 89 35.17 -28.22 -11.75
N SER D 90 34.16 -28.89 -11.21
CA SER D 90 33.41 -29.82 -12.00
C SER D 90 31.95 -29.86 -11.51
N GLU D 91 31.01 -30.18 -12.39
CA GLU D 91 29.70 -30.62 -11.94
C GLU D 91 29.78 -31.91 -11.13
N ASP D 92 30.81 -32.74 -11.37
CA ASP D 92 30.99 -34.02 -10.64
C ASP D 92 31.71 -33.69 -9.33
N CYS D 93 30.91 -33.38 -8.29
CA CYS D 93 31.46 -32.71 -7.08
C CYS D 93 30.83 -33.10 -5.78
N LEU D 94 29.91 -34.05 -5.82
CA LEU D 94 29.23 -34.48 -4.62
C LEU D 94 30.05 -35.48 -3.79
N TYR D 95 30.92 -34.93 -2.94
CA TYR D 95 31.89 -35.70 -2.18
C TYR D 95 31.99 -35.07 -0.81
N LEU D 96 32.39 -35.86 0.19
CA LEU D 96 32.54 -35.31 1.54
C LEU D 96 33.88 -35.74 2.18
N ASN D 97 34.20 -35.11 3.30
CA ASN D 97 35.44 -35.34 3.96
C ASN D 97 35.15 -35.66 5.39
N VAL D 98 35.94 -36.58 5.95
CA VAL D 98 35.91 -36.94 7.39
C VAL D 98 37.32 -36.87 8.03
N TRP D 99 37.49 -36.09 9.10
CA TRP D 99 38.66 -36.18 9.96
C TRP D 99 38.25 -36.86 11.28
N THR D 100 38.89 -37.97 11.68
CA THR D 100 38.76 -38.54 13.04
C THR D 100 40.13 -38.54 13.67
N PRO D 101 40.19 -38.64 15.03
CA PRO D 101 41.50 -38.84 15.70
C PRO D 101 42.21 -40.18 15.34
N TYR D 102 43.53 -40.12 15.24
CA TYR D 102 44.44 -41.29 15.14
C TYR D 102 45.08 -41.58 16.53
N PRO D 103 44.70 -42.71 17.14
CA PRO D 103 43.77 -43.68 16.61
C PRO D 103 42.32 -43.30 16.84
N ARG D 104 41.46 -44.06 16.17
CA ARG D 104 40.03 -43.95 16.21
C ARG D 104 39.55 -43.94 17.65
N PRO D 105 38.53 -43.08 17.97
CA PRO D 105 38.17 -42.91 19.38
C PRO D 105 37.58 -44.19 20.03
N ALA D 106 38.12 -44.56 21.19
CA ALA D 106 37.58 -45.67 22.01
C ALA D 106 36.05 -45.74 21.90
N SER D 107 35.39 -44.69 22.38
CA SER D 107 33.92 -44.65 22.31
C SER D 107 33.31 -43.50 21.45
N PRO D 108 32.04 -43.67 20.99
CA PRO D 108 31.37 -42.71 20.09
C PRO D 108 31.54 -41.23 20.44
N THR D 109 32.35 -40.53 19.65
CA THR D 109 32.48 -39.06 19.72
C THR D 109 31.35 -38.26 19.05
N PRO D 110 31.03 -37.09 19.64
CA PRO D 110 30.15 -36.09 19.02
C PRO D 110 30.67 -35.71 17.63
N VAL D 111 29.75 -35.65 16.64
CA VAL D 111 30.10 -35.28 15.26
C VAL D 111 29.84 -33.79 14.98
N LEU D 112 30.74 -33.09 14.29
CA LEU D 112 30.43 -31.73 13.83
C LEU D 112 30.46 -31.72 12.30
N ILE D 113 29.38 -31.26 11.65
CA ILE D 113 29.30 -31.20 10.18
C ILE D 113 29.33 -29.74 9.72
N TRP D 114 30.38 -29.44 8.95
CA TRP D 114 30.58 -28.07 8.47
C TRP D 114 29.83 -27.79 7.15
N ILE D 115 29.20 -26.63 7.01
CA ILE D 115 28.57 -26.31 5.75
C ILE D 115 29.08 -24.97 5.29
N TYR D 116 29.98 -24.92 4.31
CA TYR D 116 30.53 -23.63 3.91
C TYR D 116 29.46 -22.65 3.35
N GLY D 117 29.72 -21.35 3.47
CA GLY D 117 28.96 -20.34 2.80
C GLY D 117 29.71 -19.81 1.59
N GLY D 118 29.25 -18.71 1.03
CA GLY D 118 29.66 -18.30 -0.28
C GLY D 118 28.44 -17.79 -1.05
N GLY D 119 27.48 -17.22 -0.36
CA GLY D 119 26.27 -16.65 -1.02
C GLY D 119 25.48 -17.59 -1.93
N PHE D 120 25.55 -18.91 -1.66
CA PHE D 120 24.95 -19.95 -2.49
C PHE D 120 25.44 -19.95 -3.91
N TYR D 121 26.48 -19.19 -4.22
CA TYR D 121 27.02 -19.27 -5.56
C TYR D 121 28.48 -19.66 -5.63
N SER D 122 29.07 -20.00 -4.49
CA SER D 122 30.46 -20.33 -4.49
C SER D 122 30.78 -20.95 -3.15
N GLY D 123 32.06 -21.33 -2.97
CA GLY D 123 32.57 -21.97 -1.75
C GLY D 123 33.03 -23.39 -2.00
N ALA D 124 33.71 -23.99 -1.03
CA ALA D 124 34.19 -25.38 -1.20
C ALA D 124 34.67 -25.93 0.14
N ALA D 125 34.49 -27.23 0.35
CA ALA D 125 34.79 -27.83 1.66
C ALA D 125 36.35 -28.02 1.86
N SER D 126 37.09 -27.78 0.78
CA SER D 126 38.47 -28.15 0.69
C SER D 126 39.42 -27.00 1.00
N LEU D 127 38.93 -25.87 1.49
CA LEU D 127 39.77 -24.67 1.72
C LEU D 127 40.56 -24.83 3.00
N ASP D 128 41.68 -24.10 3.13
CA ASP D 128 42.52 -24.31 4.30
C ASP D 128 41.77 -23.91 5.57
N VAL D 129 41.01 -22.82 5.51
CA VAL D 129 40.28 -22.43 6.69
C VAL D 129 39.24 -23.46 7.15
N TYR D 130 38.87 -24.46 6.35
CA TYR D 130 37.86 -25.42 6.80
C TYR D 130 38.45 -26.74 7.20
N ASP D 131 39.78 -26.78 7.37
CA ASP D 131 40.53 -28.00 7.71
C ASP D 131 40.15 -28.55 9.07
N GLY D 132 39.66 -29.78 9.11
CA GLY D 132 39.14 -30.32 10.32
C GLY D 132 40.18 -30.97 11.23
N ARG D 133 41.44 -31.02 10.81
CA ARG D 133 42.49 -31.77 11.56
C ARG D 133 42.69 -31.26 12.99
N PHE D 134 42.81 -29.94 13.20
CA PHE D 134 42.96 -29.41 14.54
C PHE D 134 41.82 -29.73 15.48
N LEU D 135 40.58 -29.56 15.05
CA LEU D 135 39.43 -29.97 15.87
C LEU D 135 39.43 -31.49 16.24
N ALA D 136 39.84 -32.35 15.31
CA ALA D 136 39.86 -33.80 15.60
C ALA D 136 41.00 -34.10 16.57
N GLN D 137 42.16 -33.50 16.31
CA GLN D 137 43.36 -33.76 17.10
C GLN D 137 43.26 -33.11 18.50
N VAL D 138 43.02 -31.80 18.59
CA VAL D 138 42.89 -31.19 19.89
C VAL D 138 41.67 -31.63 20.67
N GLU D 139 40.56 -31.92 20.02
CA GLU D 139 39.37 -32.06 20.82
C GLU D 139 38.82 -33.43 20.68
N GLY D 140 39.47 -34.23 19.86
CA GLY D 140 38.98 -35.58 19.60
C GLY D 140 37.56 -35.70 19.05
N ALA D 141 37.17 -34.71 18.23
CA ALA D 141 35.87 -34.66 17.51
C ALA D 141 36.02 -35.34 16.18
N VAL D 142 34.99 -36.06 15.76
CA VAL D 142 34.86 -36.38 14.33
C VAL D 142 34.23 -35.19 13.56
N LEU D 143 34.88 -34.75 12.51
CA LEU D 143 34.45 -33.60 11.82
C LEU D 143 34.17 -33.95 10.34
N VAL D 144 32.98 -33.70 9.85
CA VAL D 144 32.62 -34.01 8.43
C VAL D 144 32.41 -32.71 7.66
N SER D 145 32.74 -32.66 6.38
CA SER D 145 32.33 -31.47 5.59
C SER D 145 31.99 -31.93 4.19
N MET D 146 30.98 -31.35 3.57
CA MET D 146 30.52 -31.79 2.23
C MET D 146 30.51 -30.69 1.19
N ASN D 147 30.65 -31.08 -0.07
CA ASN D 147 30.39 -30.18 -1.17
C ASN D 147 28.90 -30.26 -1.54
N TYR D 148 28.30 -29.10 -1.84
CA TYR D 148 26.89 -29.09 -2.30
C TYR D 148 26.80 -28.20 -3.52
N ARG D 149 25.88 -28.49 -4.43
CA ARG D 149 25.76 -27.65 -5.63
C ARG D 149 25.40 -26.20 -5.33
N VAL D 150 26.02 -25.26 -6.05
CA VAL D 150 25.81 -23.83 -5.85
C VAL D 150 25.45 -23.19 -7.20
N GLY D 151 25.10 -21.92 -7.20
CA GLY D 151 24.65 -21.27 -8.45
C GLY D 151 23.45 -21.91 -9.08
N THR D 152 23.35 -21.82 -10.41
CA THR D 152 22.25 -22.46 -11.14
C THR D 152 22.18 -23.97 -10.85
N PHE D 153 23.30 -24.62 -10.69
CA PHE D 153 23.37 -26.07 -10.64
C PHE D 153 22.68 -26.53 -9.40
N GLY D 154 22.78 -25.70 -8.34
CA GLY D 154 22.16 -25.98 -7.05
C GLY D 154 20.81 -25.31 -6.80
N PHE D 155 20.50 -24.20 -7.50
CA PHE D 155 19.35 -23.44 -7.15
C PHE D 155 18.38 -22.96 -8.26
N LEU D 156 18.71 -23.18 -9.53
CA LEU D 156 17.82 -22.78 -10.56
C LEU D 156 16.48 -23.53 -10.38
N ALA D 157 15.36 -22.85 -10.28
CA ALA D 157 14.13 -23.60 -10.02
C ALA D 157 13.07 -23.20 -11.04
N LEU D 158 12.39 -24.15 -11.63
CA LEU D 158 11.14 -23.80 -12.29
C LEU D 158 10.11 -24.38 -11.37
N PRO D 159 9.58 -23.57 -10.47
CA PRO D 159 8.86 -24.20 -9.38
C PRO D 159 7.65 -25.00 -9.87
N GLY D 160 7.51 -26.18 -9.25
CA GLY D 160 6.48 -27.12 -9.64
C GLY D 160 6.91 -28.06 -10.71
N SER D 161 8.01 -27.82 -11.39
CA SER D 161 8.47 -28.76 -12.41
C SER D 161 9.12 -29.98 -11.74
N ARG D 162 9.15 -31.11 -12.46
CA ARG D 162 9.86 -32.30 -11.95
C ARG D 162 11.32 -32.20 -12.26
N GLU D 163 11.66 -31.44 -13.32
CA GLU D 163 12.98 -31.40 -13.87
C GLU D 163 13.90 -30.37 -13.27
N ALA D 164 13.37 -29.31 -12.69
CA ALA D 164 14.19 -28.36 -11.92
C ALA D 164 13.36 -27.86 -10.73
N PRO D 165 13.22 -28.70 -9.71
CA PRO D 165 12.28 -28.39 -8.63
C PRO D 165 12.77 -27.33 -7.65
N GLY D 166 14.02 -26.91 -7.69
CA GLY D 166 14.46 -25.94 -6.71
C GLY D 166 15.15 -26.61 -5.49
N ASN D 167 16.07 -25.88 -4.86
CA ASN D 167 16.62 -26.38 -3.58
C ASN D 167 17.51 -27.64 -3.65
N VAL D 168 17.96 -28.08 -4.82
CA VAL D 168 18.75 -29.32 -4.88
C VAL D 168 20.09 -29.19 -4.16
N GLY D 169 20.63 -27.99 -4.06
CA GLY D 169 21.84 -27.81 -3.24
C GLY D 169 21.60 -28.18 -1.77
N LEU D 170 20.39 -27.80 -1.28
CA LEU D 170 19.97 -28.14 0.07
C LEU D 170 19.71 -29.64 0.16
N LEU D 171 19.08 -30.24 -0.86
CA LEU D 171 19.02 -31.69 -0.89
C LEU D 171 20.42 -32.35 -0.90
N ASP D 172 21.41 -31.80 -1.62
CA ASP D 172 22.80 -32.34 -1.49
C ASP D 172 23.23 -32.39 -0.02
N GLN D 173 23.14 -31.28 0.71
CA GLN D 173 23.45 -31.30 2.11
C GLN D 173 22.70 -32.37 2.90
N ARG D 174 21.39 -32.40 2.74
CA ARG D 174 20.60 -33.38 3.43
C ARG D 174 21.07 -34.79 3.12
N LEU D 175 21.39 -35.15 1.88
CA LEU D 175 21.94 -36.47 1.62
C LEU D 175 23.29 -36.73 2.34
N ALA D 176 24.13 -35.72 2.46
CA ALA D 176 25.36 -35.93 3.21
C ALA D 176 25.05 -36.19 4.69
N LEU D 177 23.95 -35.62 5.19
CA LEU D 177 23.52 -35.78 6.58
C LEU D 177 23.05 -37.20 6.80
N GLN D 178 22.25 -37.71 5.87
CA GLN D 178 21.83 -39.11 5.83
CA GLN D 178 21.84 -39.12 5.94
C GLN D 178 23.05 -40.04 5.81
N TRP D 179 24.03 -39.67 5.00
CA TRP D 179 25.22 -40.45 4.91
C TRP D 179 25.93 -40.52 6.26
N VAL D 180 26.02 -39.42 6.98
CA VAL D 180 26.63 -39.43 8.29
C VAL D 180 25.86 -40.35 9.24
N GLN D 181 24.54 -40.32 9.20
CA GLN D 181 23.74 -41.19 10.06
C GLN D 181 24.08 -42.62 9.81
N GLU D 182 24.30 -42.94 8.55
CA GLU D 182 24.34 -44.29 8.09
C GLU D 182 25.73 -44.83 8.26
N ASN D 183 26.76 -43.97 8.27
CA ASN D 183 28.15 -44.47 8.23
C ASN D 183 29.12 -43.91 9.22
N ILE D 184 28.77 -42.90 10.01
CA ILE D 184 29.82 -42.22 10.77
C ILE D 184 30.29 -43.09 11.96
N ALA D 185 29.44 -44.03 12.43
CA ALA D 185 29.84 -45.00 13.46
C ALA D 185 31.16 -45.71 13.05
N ALA D 186 31.28 -46.00 11.76
CA ALA D 186 32.44 -46.66 11.21
C ALA D 186 33.73 -45.89 11.44
N PHE D 187 33.65 -44.61 11.78
CA PHE D 187 34.86 -43.79 12.04
C PHE D 187 34.98 -43.44 13.51
N GLY D 188 34.03 -43.96 14.30
CA GLY D 188 33.93 -43.65 15.70
C GLY D 188 33.17 -42.42 16.08
N GLY D 189 32.57 -41.73 15.13
CA GLY D 189 31.55 -40.75 15.46
C GLY D 189 30.21 -41.30 15.95
N ASP D 190 29.59 -40.52 16.81
CA ASP D 190 28.28 -40.84 17.35
C ASP D 190 27.08 -40.31 16.51
N PRO D 191 26.35 -41.19 15.80
CA PRO D 191 25.26 -40.59 15.03
C PRO D 191 24.13 -40.02 15.93
N MET D 192 24.25 -40.21 17.25
CA MET D 192 23.22 -39.73 18.18
C MET D 192 23.57 -38.35 18.66
N SER D 193 24.67 -37.81 18.16
CA SER D 193 25.20 -36.53 18.62
C SER D 193 25.86 -35.83 17.44
N VAL D 194 25.02 -35.28 16.56
CA VAL D 194 25.48 -34.57 15.38
C VAL D 194 25.11 -33.11 15.50
N THR D 195 26.09 -32.26 15.32
CA THR D 195 25.87 -30.84 15.43
C THR D 195 26.22 -30.22 14.05
N LEU D 196 25.31 -29.44 13.45
CA LEU D 196 25.64 -28.72 12.21
C LEU D 196 26.25 -27.36 12.59
N PHE D 197 27.28 -26.95 11.85
CA PHE D 197 27.71 -25.58 11.96
C PHE D 197 28.13 -25.08 10.59
N GLY D 198 27.83 -23.83 10.27
CA GLY D 198 28.10 -23.25 8.97
C GLY D 198 28.16 -21.73 9.13
N GLU D 199 28.67 -21.08 8.11
CA GLU D 199 28.92 -19.67 8.17
C GLU D 199 28.35 -19.02 6.90
N SER D 200 27.90 -17.74 7.01
CA SER D 200 27.24 -17.07 5.90
C SER D 200 26.10 -17.95 5.35
N ALA D 201 26.19 -18.28 4.06
CA ALA D 201 25.20 -19.16 3.43
C ALA D 201 25.18 -20.57 4.03
N GLY D 202 26.33 -21.07 4.50
CA GLY D 202 26.28 -22.31 5.22
C GLY D 202 25.37 -22.15 6.42
N ALA D 203 25.40 -20.98 7.04
CA ALA D 203 24.58 -20.74 8.23
C ALA D 203 23.12 -20.62 7.81
N ALA D 204 22.83 -19.87 6.75
CA ALA D 204 21.46 -19.87 6.20
C ALA D 204 21.02 -21.32 5.99
N SER D 205 21.88 -22.16 5.39
CA SER D 205 21.59 -23.59 5.22
C SER D 205 21.27 -24.40 6.51
N VAL D 206 21.97 -24.12 7.61
CA VAL D 206 21.74 -24.86 8.84
C VAL D 206 20.31 -24.49 9.25
N GLY D 207 20.00 -23.18 9.19
CA GLY D 207 18.67 -22.67 9.44
C GLY D 207 17.59 -23.40 8.65
N MET D 208 17.80 -23.63 7.35
CA MET D 208 16.75 -24.32 6.59
C MET D 208 16.60 -25.76 6.95
N HIS D 209 17.69 -26.40 7.35
CA HIS D 209 17.55 -27.72 7.95
C HIS D 209 16.76 -27.72 9.30
N ILE D 210 16.94 -26.67 10.13
CA ILE D 210 16.13 -26.56 11.35
C ILE D 210 14.66 -26.42 10.94
N LEU D 211 14.41 -25.70 9.85
CA LEU D 211 13.05 -25.43 9.41
C LEU D 211 12.42 -26.48 8.52
N SER D 212 13.18 -27.48 8.08
CA SER D 212 12.60 -28.46 7.18
C SER D 212 12.51 -29.79 7.88
N LEU D 213 11.32 -30.37 7.94
CA LEU D 213 11.10 -31.54 8.78
C LEU D 213 11.92 -32.73 8.43
N PRO D 214 12.11 -33.00 7.13
CA PRO D 214 12.86 -34.26 6.92
C PRO D 214 14.33 -34.15 7.30
N SER D 215 14.85 -32.94 7.50
CA SER D 215 16.21 -32.82 7.97
C SER D 215 16.31 -33.05 9.48
N ARG D 216 15.20 -32.97 10.20
CA ARG D 216 15.31 -32.72 11.61
C ARG D 216 15.85 -33.84 12.40
N SER D 217 15.53 -35.06 11.98
CA SER D 217 16.14 -36.25 12.62
C SER D 217 17.62 -36.52 12.27
N LEU D 218 18.31 -35.57 11.67
CA LEU D 218 19.60 -35.94 11.17
C LEU D 218 20.65 -35.19 11.92
N PHE D 219 20.22 -34.37 12.88
CA PHE D 219 21.18 -33.60 13.67
C PHE D 219 20.51 -33.26 14.98
N HIS D 220 21.27 -32.80 15.96
CA HIS D 220 20.70 -32.52 17.27
C HIS D 220 20.93 -31.08 17.73
N ARG D 221 22.05 -30.48 17.37
CA ARG D 221 22.31 -29.09 17.71
C ARG D 221 22.79 -28.34 16.45
N ALA D 222 22.96 -27.02 16.54
CA ALA D 222 23.19 -26.19 15.37
C ALA D 222 23.95 -24.86 15.67
N VAL D 223 24.93 -24.50 14.85
CA VAL D 223 25.59 -23.25 15.07
C VAL D 223 25.39 -22.47 13.79
N LEU D 224 24.77 -21.28 13.88
CA LEU D 224 24.70 -20.42 12.72
C LEU D 224 25.66 -19.25 12.84
N GLN D 225 26.70 -19.18 12.00
CA GLN D 225 27.60 -18.03 12.00
C GLN D 225 27.37 -16.97 10.92
N SER D 226 27.01 -15.75 11.35
CA SER D 226 26.84 -14.63 10.46
C SER D 226 25.93 -14.99 9.27
N GLY D 227 24.78 -15.62 9.50
CA GLY D 227 23.98 -16.04 8.38
C GLY D 227 22.78 -16.65 9.01
N THR D 228 21.59 -16.46 8.39
CA THR D 228 20.32 -16.97 8.94
C THR D 228 19.37 -17.35 7.80
N PRO D 229 18.41 -18.28 7.99
CA PRO D 229 17.47 -18.47 6.83
C PRO D 229 16.43 -17.32 6.61
N ASN D 230 16.03 -16.60 7.64
CA ASN D 230 15.18 -15.44 7.41
C ASN D 230 16.12 -14.38 6.92
N GLY D 231 15.57 -13.30 6.34
CA GLY D 231 16.38 -12.14 5.96
C GLY D 231 16.28 -11.78 4.51
N PRO D 232 16.99 -10.73 4.09
CA PRO D 232 16.64 -10.32 2.76
C PRO D 232 17.31 -11.16 1.62
N TRP D 233 18.30 -12.01 1.92
CA TRP D 233 19.09 -12.54 0.81
C TRP D 233 19.03 -14.04 0.66
N ALA D 234 18.57 -14.75 1.69
CA ALA D 234 18.70 -16.19 1.65
C ALA D 234 17.59 -16.97 0.96
N THR D 235 16.46 -16.34 0.61
CA THR D 235 15.42 -17.07 -0.15
C THR D 235 14.92 -16.19 -1.21
N VAL D 236 14.29 -16.75 -2.24
CA VAL D 236 13.44 -15.97 -3.18
C VAL D 236 12.02 -16.56 -3.23
N SER D 237 11.05 -15.80 -3.68
CA SER D 237 9.70 -16.36 -3.87
C SER D 237 9.67 -17.29 -5.10
N ALA D 238 8.69 -18.18 -5.21
CA ALA D 238 8.52 -19.03 -6.41
C ALA D 238 8.45 -18.18 -7.70
N GLY D 239 7.72 -17.07 -7.66
CA GLY D 239 7.58 -16.22 -8.86
C GLY D 239 8.94 -15.66 -9.26
N GLU D 240 9.73 -15.22 -8.28
CA GLU D 240 10.93 -14.50 -8.64
C GLU D 240 11.97 -15.54 -9.14
N ALA D 241 11.95 -16.73 -8.56
CA ALA D 241 12.80 -17.81 -9.02
C ALA D 241 12.42 -18.18 -10.46
N ARG D 242 11.10 -18.25 -10.76
CA ARG D 242 10.71 -18.58 -12.10
C ARG D 242 11.17 -17.51 -13.03
N ARG D 243 11.00 -16.25 -12.66
CA ARG D 243 11.52 -15.17 -13.49
C ARG D 243 13.04 -15.30 -13.79
N ARG D 244 13.86 -15.63 -12.78
CA ARG D 244 15.29 -15.70 -12.98
C ARG D 244 15.75 -16.92 -13.78
N ALA D 245 15.16 -18.10 -13.57
CA ALA D 245 15.47 -19.30 -14.36
C ALA D 245 15.17 -19.05 -15.84
N THR D 246 13.98 -18.53 -16.05
CA THR D 246 13.45 -18.22 -17.35
C THR D 246 14.32 -17.19 -18.09
N LEU D 247 14.73 -16.13 -17.40
CA LEU D 247 15.69 -15.16 -17.95
C LEU D 247 17.05 -15.78 -18.29
N LEU D 248 17.60 -16.57 -17.37
CA LEU D 248 18.86 -17.22 -17.63
C LEU D 248 18.76 -18.14 -18.86
N ALA D 249 17.79 -19.02 -18.88
CA ALA D 249 17.58 -19.84 -20.08
C ALA D 249 17.52 -18.99 -21.37
N ARG D 250 16.76 -17.89 -21.36
CA ARG D 250 16.59 -17.03 -22.53
C ARG D 250 17.91 -16.53 -23.00
N LEU D 251 18.79 -16.15 -22.07
CA LEU D 251 20.05 -15.57 -22.42
C LEU D 251 20.97 -16.67 -22.94
N VAL D 252 20.65 -17.92 -22.72
CA VAL D 252 21.54 -18.90 -23.35
C VAL D 252 20.82 -19.60 -24.48
N GLY D 253 19.82 -18.90 -24.98
CA GLY D 253 19.11 -19.28 -26.14
C GLY D 253 18.24 -20.46 -25.91
N CYS D 254 17.72 -20.66 -24.71
CA CYS D 254 16.99 -21.89 -24.43
C CYS D 254 15.79 -22.23 -25.25
N PRO D 255 14.55 -22.39 -24.70
CA PRO D 255 13.74 -22.91 -25.86
C PRO D 255 13.98 -21.92 -27.10
N PRO D 256 14.59 -22.43 -28.23
CA PRO D 256 15.03 -21.50 -29.32
C PRO D 256 13.84 -20.74 -29.89
N GLY D 257 14.00 -19.42 -30.18
CA GLY D 257 12.89 -18.55 -30.61
C GLY D 257 11.62 -18.31 -29.79
N GLY D 258 11.49 -18.91 -28.60
CA GLY D 258 10.17 -19.11 -27.91
C GLY D 258 9.28 -20.36 -28.28
N ALA D 259 9.18 -21.31 -27.34
CA ALA D 259 8.34 -22.53 -27.52
C ALA D 259 7.28 -22.69 -26.34
N GLY D 260 7.45 -21.77 -25.37
CA GLY D 260 6.45 -21.43 -24.37
C GLY D 260 6.11 -22.44 -23.31
N GLY D 261 5.53 -23.58 -23.70
CA GLY D 261 5.18 -24.62 -22.76
C GLY D 261 6.49 -25.33 -22.50
N ASN D 262 6.56 -26.62 -22.75
CA ASN D 262 7.55 -27.42 -22.08
C ASN D 262 8.60 -26.59 -21.22
N ASP D 263 8.28 -26.41 -19.95
CA ASP D 263 9.35 -26.25 -19.01
C ASP D 263 10.27 -27.43 -19.16
N THR D 264 9.67 -28.53 -19.58
CA THR D 264 10.46 -29.69 -19.69
C THR D 264 11.38 -29.61 -20.89
N GLU D 265 10.91 -29.02 -21.97
CA GLU D 265 11.84 -28.68 -23.04
C GLU D 265 12.87 -27.64 -22.66
N LEU D 266 12.44 -26.60 -21.92
CA LEU D 266 13.32 -25.51 -21.54
C LEU D 266 14.48 -26.11 -20.82
N ILE D 267 14.18 -27.00 -19.88
CA ILE D 267 15.20 -27.62 -19.07
C ILE D 267 16.07 -28.64 -19.80
N ALA D 268 15.46 -29.42 -20.70
CA ALA D 268 16.22 -30.31 -21.57
C ALA D 268 17.21 -29.45 -22.30
N CYS D 269 16.77 -28.34 -22.89
CA CYS D 269 17.69 -27.51 -23.64
C CYS D 269 18.86 -27.00 -22.74
N LEU D 270 18.53 -26.45 -21.58
CA LEU D 270 19.54 -25.98 -20.63
C LEU D 270 20.54 -27.08 -20.26
N ARG D 271 20.08 -28.33 -20.17
CA ARG D 271 20.97 -29.43 -19.88
C ARG D 271 21.99 -29.67 -20.99
N THR D 272 21.83 -29.09 -22.17
CA THR D 272 22.81 -29.32 -23.23
C THR D 272 23.93 -28.26 -23.15
N ARG D 273 23.76 -27.21 -22.36
CA ARG D 273 24.75 -26.13 -22.38
C ARG D 273 25.93 -26.45 -21.51
N PRO D 274 27.15 -26.16 -22.00
CA PRO D 274 28.33 -26.29 -21.11
C PRO D 274 28.13 -25.51 -19.82
N ALA D 275 28.73 -26.01 -18.74
CA ALA D 275 28.62 -25.38 -17.43
C ALA D 275 28.92 -23.87 -17.47
N GLN D 276 30.03 -23.48 -18.11
CA GLN D 276 30.44 -22.07 -18.09
C GLN D 276 29.44 -21.16 -18.87
N ASP D 277 28.63 -21.76 -19.75
CA ASP D 277 27.61 -20.96 -20.42
C ASP D 277 26.60 -20.47 -19.43
N LEU D 278 26.23 -21.29 -18.46
CA LEU D 278 25.30 -20.85 -17.42
C LEU D 278 26.04 -19.84 -16.51
N VAL D 279 27.28 -20.15 -16.09
CA VAL D 279 27.94 -19.26 -15.16
C VAL D 279 28.23 -17.90 -15.82
N ASP D 280 28.45 -17.83 -17.12
CA ASP D 280 28.60 -16.54 -17.81
C ASP D 280 27.42 -15.58 -17.69
N HIS D 281 26.25 -16.10 -17.36
CA HIS D 281 25.10 -15.24 -17.29
C HIS D 281 24.39 -15.12 -15.96
N GLU D 282 24.91 -15.74 -14.91
CA GLU D 282 24.09 -15.84 -13.73
C GLU D 282 23.94 -14.49 -13.06
N TRP D 283 24.82 -13.55 -13.31
CA TRP D 283 24.74 -12.28 -12.62
C TRP D 283 23.85 -11.31 -13.33
N HIS D 284 23.51 -11.60 -14.58
CA HIS D 284 22.56 -10.81 -15.30
C HIS D 284 21.12 -10.92 -14.83
N VAL D 285 20.79 -11.83 -13.91
CA VAL D 285 19.36 -12.00 -13.64
C VAL D 285 18.87 -11.21 -12.45
N LEU D 286 19.79 -10.64 -11.66
CA LEU D 286 19.33 -9.84 -10.51
C LEU D 286 18.43 -8.66 -10.95
N PRO D 287 17.36 -8.40 -10.16
CA PRO D 287 16.42 -7.32 -10.52
C PRO D 287 16.98 -5.89 -10.48
N GLN D 288 18.01 -5.55 -9.68
CA GLN D 288 18.59 -4.16 -9.63
C GLN D 288 20.06 -4.22 -9.24
N GLU D 289 20.76 -3.11 -9.38
CA GLU D 289 22.12 -3.06 -8.85
C GLU D 289 22.06 -3.21 -7.34
N SER D 290 22.95 -4.01 -6.75
CA SER D 290 22.86 -4.31 -5.32
C SER D 290 24.11 -4.97 -4.85
N ILE D 291 24.20 -5.19 -3.55
CA ILE D 291 25.23 -6.05 -2.96
C ILE D 291 24.51 -6.94 -1.94
N PHE D 292 25.16 -8.05 -1.56
CA PHE D 292 24.55 -9.05 -0.69
C PHE D 292 23.19 -9.48 -1.28
N ARG D 293 23.11 -9.55 -2.60
CA ARG D 293 22.01 -10.21 -3.26
C ARG D 293 22.62 -11.23 -4.20
N PHE D 294 22.04 -12.45 -4.19
CA PHE D 294 22.56 -13.57 -5.03
C PHE D 294 21.44 -14.11 -5.96
N SER D 295 21.81 -14.55 -7.15
CA SER D 295 20.88 -14.93 -8.17
C SER D 295 20.07 -16.18 -7.95
N PHE D 296 20.74 -17.27 -7.52
CA PHE D 296 20.08 -18.56 -7.35
C PHE D 296 20.33 -19.00 -5.94
N VAL D 297 19.27 -19.05 -5.16
CA VAL D 297 19.32 -19.25 -3.71
C VAL D 297 18.06 -20.10 -3.45
N PRO D 298 17.95 -20.68 -2.25
CA PRO D 298 16.84 -21.54 -1.90
C PRO D 298 15.51 -20.84 -2.24
N VAL D 299 14.52 -21.59 -2.70
CA VAL D 299 13.24 -21.04 -3.11
C VAL D 299 12.15 -21.46 -2.11
N VAL D 300 11.22 -20.55 -1.82
CA VAL D 300 10.10 -20.90 -0.98
C VAL D 300 9.14 -21.65 -1.90
N ASP D 301 9.24 -22.98 -1.91
CA ASP D 301 8.55 -23.84 -2.90
C ASP D 301 7.30 -24.54 -2.34
N GLY D 302 7.03 -24.41 -1.04
CA GLY D 302 6.02 -25.26 -0.43
C GLY D 302 6.42 -26.70 -0.16
N ASP D 303 7.70 -27.06 -0.38
CA ASP D 303 8.15 -28.43 -0.23
C ASP D 303 9.28 -28.49 0.82
N PHE D 304 10.53 -28.19 0.42
CA PHE D 304 11.62 -28.16 1.34
C PHE D 304 11.28 -27.11 2.38
N LEU D 305 10.86 -25.96 1.94
CA LEU D 305 10.31 -24.98 2.88
C LEU D 305 8.78 -24.90 2.76
N SER D 306 8.04 -25.27 3.79
CA SER D 306 6.57 -25.25 3.65
C SER D 306 6.02 -23.87 3.69
N ASP D 307 6.76 -22.87 4.16
CA ASP D 307 6.29 -21.49 4.14
C ASP D 307 7.54 -20.67 4.16
N THR D 308 7.48 -19.36 4.32
CA THR D 308 8.68 -18.57 4.35
C THR D 308 9.42 -18.81 5.67
N PRO D 309 10.75 -18.56 5.68
CA PRO D 309 11.42 -18.76 6.96
C PRO D 309 10.83 -17.83 8.02
N GLU D 310 10.48 -16.60 7.64
CA GLU D 310 9.92 -15.69 8.61
C GLU D 310 8.64 -16.28 9.20
N ALA D 311 7.69 -16.70 8.40
CA ALA D 311 6.60 -17.47 8.97
C ALA D 311 7.02 -18.68 9.84
N LEU D 312 7.97 -19.52 9.39
CA LEU D 312 8.27 -20.74 10.14
C LEU D 312 8.98 -20.42 11.42
N ILE D 313 9.80 -19.40 11.49
CA ILE D 313 10.41 -19.10 12.80
C ILE D 313 9.41 -18.47 13.77
N ASN D 314 8.34 -17.84 13.28
CA ASN D 314 7.34 -17.22 14.14
C ASN D 314 6.41 -18.29 14.66
N THR D 315 6.31 -19.45 14.05
CA THR D 315 5.38 -20.40 14.60
C THR D 315 5.87 -21.82 14.91
N GLY D 316 7.13 -22.14 14.69
CA GLY D 316 7.62 -23.49 15.03
C GLY D 316 7.60 -23.81 16.54
N ASP D 317 7.80 -25.09 16.88
CA ASP D 317 7.94 -25.49 18.26
C ASP D 317 9.41 -25.93 18.44
N PHE D 318 10.22 -25.07 19.06
CA PHE D 318 11.66 -25.28 19.12
C PHE D 318 12.15 -25.72 20.51
N GLN D 319 11.22 -26.08 21.38
CA GLN D 319 11.44 -26.93 22.55
C GLN D 319 12.73 -27.75 22.61
N ASP D 320 12.92 -28.68 21.68
CA ASP D 320 13.99 -29.70 21.83
C ASP D 320 15.30 -29.27 21.17
N LEU D 321 15.58 -27.97 21.16
CA LEU D 321 16.54 -27.42 20.23
C LEU D 321 17.49 -26.47 20.83
N GLN D 322 18.76 -26.72 20.58
CA GLN D 322 19.79 -25.89 21.13
C GLN D 322 20.62 -25.30 20.03
N VAL D 323 20.80 -23.99 20.06
CA VAL D 323 21.38 -23.28 18.94
C VAL D 323 22.42 -22.34 19.44
N LEU D 324 23.47 -22.12 18.66
CA LEU D 324 24.41 -21.08 19.03
C LEU D 324 24.59 -20.20 17.82
N VAL D 325 24.57 -18.89 17.97
CA VAL D 325 24.53 -18.00 16.79
C VAL D 325 25.28 -16.71 17.07
N GLY D 326 25.82 -16.08 16.05
CA GLY D 326 26.51 -14.83 16.30
C GLY D 326 27.01 -14.18 15.04
N VAL D 327 27.73 -13.08 15.21
CA VAL D 327 28.10 -12.25 14.08
C VAL D 327 29.51 -11.76 14.35
N VAL D 328 30.18 -11.21 13.34
CA VAL D 328 31.48 -10.56 13.51
C VAL D 328 31.30 -9.05 13.62
N LYS D 329 32.35 -8.33 14.02
CA LYS D 329 32.26 -6.93 14.35
C LYS D 329 31.85 -6.10 13.15
N ASP D 330 32.28 -6.48 11.97
CA ASP D 330 32.10 -5.62 10.81
C ASP D 330 31.59 -6.41 9.65
N GLU D 331 30.49 -7.14 9.87
CA GLU D 331 29.79 -7.86 8.81
C GLU D 331 29.76 -7.15 7.48
N GLY D 332 29.56 -5.85 7.50
CA GLY D 332 29.36 -5.22 6.22
C GLY D 332 30.55 -4.77 5.38
N SER D 333 31.78 -4.79 5.89
CA SER D 333 32.81 -4.04 5.16
C SER D 333 33.24 -4.67 3.83
N TYR D 334 33.35 -5.99 3.76
CA TYR D 334 33.78 -6.61 2.54
C TYR D 334 32.89 -6.21 1.41
N PHE D 335 31.58 -6.15 1.71
CA PHE D 335 30.56 -5.91 0.68
C PHE D 335 30.66 -4.54 0.08
N LEU D 336 31.12 -3.56 0.87
CA LEU D 336 31.24 -2.24 0.35
C LEU D 336 32.34 -2.17 -0.67
N VAL D 337 33.51 -2.73 -0.32
CA VAL D 337 34.63 -2.76 -1.31
C VAL D 337 34.20 -3.65 -2.46
N TYR D 338 33.52 -4.74 -2.18
CA TYR D 338 33.03 -5.50 -3.30
C TYR D 338 32.19 -4.67 -4.30
N GLY D 339 31.25 -3.84 -3.91
CA GLY D 339 30.24 -3.40 -4.91
C GLY D 339 29.62 -2.01 -4.74
N VAL D 340 30.15 -1.22 -3.79
CA VAL D 340 29.70 0.15 -3.55
C VAL D 340 30.76 1.24 -3.92
N PRO D 341 30.44 2.09 -4.94
CA PRO D 341 31.36 3.17 -5.33
C PRO D 341 31.90 3.96 -4.12
N GLY D 342 33.24 4.04 -4.05
CA GLY D 342 33.97 4.82 -3.05
C GLY D 342 34.75 3.97 -2.10
N PHE D 343 34.51 2.65 -2.11
CA PHE D 343 35.20 1.82 -1.14
C PHE D 343 36.32 0.98 -1.74
N SER D 344 37.46 0.95 -1.04
CA SER D 344 38.65 0.24 -1.50
C SER D 344 39.51 -0.29 -0.38
N LYS D 345 40.16 -1.43 -0.65
CA LYS D 345 41.14 -2.00 0.26
C LYS D 345 42.40 -1.14 0.30
N ASP D 346 42.57 -0.31 -0.72
CA ASP D 346 43.81 0.42 -0.90
C ASP D 346 43.83 1.82 -0.24
N ASN D 347 42.77 2.62 -0.41
CA ASN D 347 42.56 3.93 0.25
C ASN D 347 41.74 3.78 1.55
N GLU D 348 41.40 4.86 2.21
CA GLU D 348 40.80 4.72 3.56
C GLU D 348 39.27 4.87 3.50
N SER D 349 38.82 4.95 2.26
CA SER D 349 37.45 4.87 1.89
C SER D 349 36.68 5.94 2.62
N LEU D 350 37.23 7.15 2.69
CA LEU D 350 36.49 8.23 3.34
C LEU D 350 35.56 8.82 2.31
N ILE D 351 34.28 8.52 2.41
CA ILE D 351 33.33 8.90 1.36
C ILE D 351 32.57 10.22 1.61
N SER D 352 31.96 10.74 0.55
CA SER D 352 31.11 11.92 0.66
C SER D 352 29.70 11.58 1.06
N ARG D 353 28.91 12.57 1.38
CA ARG D 353 27.51 12.30 1.60
C ARG D 353 26.83 11.72 0.35
N ALA D 354 27.20 12.15 -0.85
CA ALA D 354 26.50 11.63 -2.00
C ALA D 354 26.79 10.13 -2.16
N GLN D 355 28.00 9.72 -1.81
CA GLN D 355 28.37 8.36 -2.04
C GLN D 355 27.59 7.48 -1.08
N PHE D 356 27.40 8.02 0.13
CA PHE D 356 26.60 7.38 1.17
C PHE D 356 25.14 7.25 0.77
N LEU D 357 24.50 8.32 0.27
CA LEU D 357 23.12 8.18 -0.22
C LEU D 357 23.02 7.11 -1.30
N ALA D 358 23.88 7.16 -2.30
CA ALA D 358 23.96 6.16 -3.36
C ALA D 358 24.16 4.72 -2.83
N GLY D 359 25.08 4.62 -1.88
CA GLY D 359 25.37 3.39 -1.20
C GLY D 359 24.13 2.75 -0.66
N VAL D 360 23.36 3.52 0.10
CA VAL D 360 22.13 3.07 0.69
C VAL D 360 21.25 2.47 -0.36
N ARG D 361 21.16 3.07 -1.55
CA ARG D 361 20.29 2.47 -2.57
C ARG D 361 20.76 1.12 -3.06
N ILE D 362 22.07 0.90 -3.09
CA ILE D 362 22.64 -0.36 -3.47
C ILE D 362 22.61 -1.40 -2.34
N GLY D 363 22.81 -0.94 -1.12
CA GLY D 363 22.72 -1.80 0.04
C GLY D 363 21.34 -2.23 0.43
N VAL D 364 20.33 -1.44 0.07
CA VAL D 364 18.92 -1.72 0.39
C VAL D 364 18.14 -1.60 -0.89
N PRO D 365 18.41 -2.53 -1.81
CA PRO D 365 17.92 -2.41 -3.18
C PRO D 365 16.39 -2.48 -3.32
N GLN D 366 15.70 -3.09 -2.34
CA GLN D 366 14.21 -3.08 -2.28
C GLN D 366 13.59 -1.76 -1.84
N ALA D 367 14.34 -0.88 -1.17
CA ALA D 367 13.75 0.33 -0.58
C ALA D 367 13.10 1.20 -1.59
N SER D 368 11.87 1.60 -1.32
CA SER D 368 11.25 2.74 -1.98
C SER D 368 12.01 4.00 -1.62
N ASP D 369 11.69 5.11 -2.24
CA ASP D 369 12.39 6.31 -1.83
C ASP D 369 12.27 6.67 -0.33
N LEU D 370 11.08 6.46 0.22
CA LEU D 370 10.74 6.80 1.58
C LEU D 370 11.48 5.89 2.53
N ALA D 371 11.48 4.59 2.19
CA ALA D 371 12.19 3.59 2.98
C ALA D 371 13.67 3.94 3.04
N ALA D 372 14.23 4.37 1.91
CA ALA D 372 15.65 4.71 1.86
C ALA D 372 15.88 5.92 2.73
N GLU D 373 14.93 6.85 2.64
CA GLU D 373 15.00 7.99 3.50
C GLU D 373 15.00 7.63 4.99
N ALA D 374 14.17 6.69 5.42
CA ALA D 374 14.24 6.16 6.78
C ALA D 374 15.63 5.60 7.22
N VAL D 375 16.33 4.90 6.34
CA VAL D 375 17.61 4.29 6.65
C VAL D 375 18.60 5.42 6.77
N VAL D 376 18.64 6.30 5.78
CA VAL D 376 19.54 7.44 5.85
C VAL D 376 19.20 8.20 7.10
N LEU D 377 17.92 8.27 7.35
CA LEU D 377 17.59 9.23 8.33
C LEU D 377 17.63 8.54 9.63
N HIS D 378 18.34 7.39 9.81
CA HIS D 378 18.54 6.61 11.08
C HIS D 378 20.04 6.47 11.34
N TYR D 379 20.84 6.48 10.26
CA TYR D 379 22.26 6.24 10.34
C TYR D 379 23.07 7.54 10.20
N THR D 380 22.47 8.59 9.63
CA THR D 380 23.15 9.88 9.63
C THR D 380 23.39 10.40 11.05
N ASP D 381 24.57 10.97 11.35
CA ASP D 381 24.77 11.72 12.59
C ASP D 381 24.46 13.12 12.21
N TRP D 382 23.30 13.62 12.65
CA TRP D 382 22.81 14.93 12.18
C TRP D 382 23.63 16.09 12.75
N LEU D 383 24.37 15.84 13.83
CA LEU D 383 25.35 16.82 14.27
C LEU D 383 26.51 16.98 13.27
N HIS D 384 26.78 15.96 12.47
CA HIS D 384 28.00 15.89 11.64
C HIS D 384 27.67 15.13 10.38
N PRO D 385 26.62 15.56 9.64
CA PRO D 385 26.10 14.76 8.53
C PRO D 385 27.07 14.49 7.38
N GLU D 386 28.19 15.23 7.25
CA GLU D 386 29.17 15.00 6.18
C GLU D 386 30.54 14.45 6.65
N ASP D 387 30.69 14.12 7.93
CA ASP D 387 31.94 13.50 8.37
C ASP D 387 32.17 12.19 7.64
N PRO D 388 33.20 12.16 6.75
CA PRO D 388 33.51 11.03 5.86
C PRO D 388 33.78 9.72 6.63
N THR D 389 34.46 9.83 7.76
CA THR D 389 34.69 8.68 8.59
C THR D 389 33.37 8.13 9.12
N HIS D 390 32.51 9.01 9.60
CA HIS D 390 31.26 8.55 10.15
C HIS D 390 30.46 7.86 9.04
N LEU D 391 30.50 8.45 7.83
CA LEU D 391 29.73 7.95 6.71
C LEU D 391 30.24 6.59 6.29
N ARG D 392 31.55 6.40 6.27
CA ARG D 392 32.14 5.15 5.87
C ARG D 392 31.66 4.03 6.82
N ASP D 393 31.73 4.27 8.12
CA ASP D 393 31.34 3.32 9.12
C ASP D 393 29.84 3.03 9.18
N ALA D 394 29.06 4.05 8.88
CA ALA D 394 27.61 3.98 8.79
C ALA D 394 27.16 3.11 7.58
N MET D 395 27.87 3.31 6.47
CA MET D 395 27.59 2.57 5.25
C MET D 395 27.86 1.07 5.55
N SER D 396 28.99 0.79 6.25
CA SER D 396 29.28 -0.58 6.60
C SER D 396 28.20 -1.13 7.49
N ALA D 397 27.82 -0.40 8.53
CA ALA D 397 26.77 -0.85 9.46
C ALA D 397 25.41 -1.01 8.77
N VAL D 398 25.07 -0.15 7.79
CA VAL D 398 23.83 -0.40 7.05
C VAL D 398 23.80 -1.81 6.45
N VAL D 399 24.76 -2.10 5.62
CA VAL D 399 24.78 -3.33 4.92
C VAL D 399 24.87 -4.48 5.91
N GLY D 400 25.78 -4.33 6.91
CA GLY D 400 25.95 -5.35 7.95
C GLY D 400 24.67 -5.65 8.77
N ASP D 401 23.93 -4.60 9.21
CA ASP D 401 22.85 -4.83 10.14
C ASP D 401 21.69 -5.39 9.36
N HIS D 402 21.51 -4.87 8.14
CA HIS D 402 20.41 -5.23 7.33
C HIS D 402 20.49 -6.72 6.97
N ASN D 403 21.70 -7.20 6.67
CA ASN D 403 21.87 -8.50 6.06
C ASN D 403 22.20 -9.64 7.01
N VAL D 404 22.84 -9.31 8.13
CA VAL D 404 23.30 -10.28 9.08
C VAL D 404 22.87 -9.99 10.51
N VAL D 405 23.28 -8.86 11.07
CA VAL D 405 23.10 -8.68 12.50
C VAL D 405 21.62 -8.63 12.81
N CYS D 406 20.86 -7.87 12.07
CA CYS D 406 19.46 -7.85 12.47
C CYS D 406 18.69 -9.13 12.17
N PRO D 407 18.95 -9.80 11.01
CA PRO D 407 18.39 -11.13 10.87
C PRO D 407 18.84 -12.09 12.01
N VAL D 408 20.09 -11.98 12.45
CA VAL D 408 20.52 -12.88 13.52
C VAL D 408 19.74 -12.56 14.79
N ALA D 409 19.50 -11.28 15.06
CA ALA D 409 18.79 -10.91 16.30
C ALA D 409 17.37 -11.37 16.28
N GLN D 410 16.75 -11.27 15.11
CA GLN D 410 15.38 -11.74 14.97
C GLN D 410 15.23 -13.24 15.20
N LEU D 411 16.22 -13.99 14.69
CA LEU D 411 16.23 -15.43 14.80
C LEU D 411 16.46 -15.84 16.26
N ALA D 412 17.41 -15.19 16.94
CA ALA D 412 17.74 -15.54 18.34
C ALA D 412 16.49 -15.32 19.16
N GLY D 413 15.89 -14.14 19.02
CA GLY D 413 14.62 -13.80 19.65
C GLY D 413 13.48 -14.76 19.38
N ARG D 414 13.12 -14.96 18.12
CA ARG D 414 12.07 -15.90 17.77
C ARG D 414 12.32 -17.32 18.32
N LEU D 415 13.51 -17.88 18.10
CA LEU D 415 13.82 -19.22 18.63
C LEU D 415 13.75 -19.25 20.17
N ALA D 416 14.40 -18.28 20.79
CA ALA D 416 14.38 -18.16 22.25
C ALA D 416 12.95 -18.12 22.76
N ALA D 417 12.06 -17.43 22.06
CA ALA D 417 10.66 -17.33 22.49
C ALA D 417 9.89 -18.57 22.27
N GLN D 418 10.18 -19.30 21.20
CA GLN D 418 9.34 -20.40 20.79
C GLN D 418 9.84 -21.67 21.47
N GLY D 419 10.70 -21.47 22.46
CA GLY D 419 11.10 -22.55 23.30
C GLY D 419 12.52 -22.99 23.26
N ALA D 420 13.32 -22.47 22.34
CA ALA D 420 14.71 -23.00 22.17
C ALA D 420 15.70 -22.53 23.20
N ARG D 421 16.84 -23.20 23.31
CA ARG D 421 17.92 -22.70 24.13
C ARG D 421 18.92 -22.08 23.22
N VAL D 422 19.25 -20.82 23.41
CA VAL D 422 20.01 -20.07 22.41
C VAL D 422 21.23 -19.44 23.07
N TYR D 423 22.40 -19.44 22.43
CA TYR D 423 23.55 -18.74 22.94
C TYR D 423 24.09 -17.84 21.86
N ALA D 424 24.43 -16.59 22.16
CA ALA D 424 24.78 -15.62 21.11
C ALA D 424 26.09 -14.91 21.40
N TYR D 425 26.81 -14.58 20.34
CA TYR D 425 28.12 -13.93 20.53
C TYR D 425 28.32 -12.83 19.48
N ILE D 426 29.22 -11.91 19.75
CA ILE D 426 29.76 -11.10 18.67
C ILE D 426 31.29 -11.35 18.74
N PHE D 427 31.87 -11.73 17.63
CA PHE D 427 33.28 -12.05 17.59
C PHE D 427 34.01 -10.74 17.23
N GLU D 428 34.85 -10.23 18.15
CA GLU D 428 35.49 -8.91 17.94
C GLU D 428 37.00 -8.88 17.62
N HIS D 429 37.65 -10.06 17.55
CA HIS D 429 39.06 -10.15 17.34
C HIS D 429 39.48 -9.99 15.92
N ARG D 430 40.37 -9.06 15.69
CA ARG D 430 40.90 -8.90 14.36
C ARG D 430 42.29 -9.57 14.25
N ALA D 431 42.36 -10.64 13.45
CA ALA D 431 43.60 -11.42 13.23
C ALA D 431 44.90 -10.61 12.95
N SER D 432 45.89 -10.81 13.80
CA SER D 432 47.25 -10.26 13.57
C SER D 432 47.80 -10.53 12.15
N THR D 433 47.41 -11.63 11.49
CA THR D 433 47.81 -11.91 10.08
C THR D 433 47.02 -11.21 8.97
N LEU D 434 45.95 -10.51 9.34
CA LEU D 434 44.98 -10.07 8.33
C LEU D 434 45.55 -9.06 7.35
N THR D 435 45.31 -9.26 6.07
CA THR D 435 45.87 -8.35 5.08
C THR D 435 44.94 -7.22 4.60
N TRP D 436 43.64 -7.28 4.96
CA TRP D 436 42.68 -6.24 4.63
C TRP D 436 42.93 -5.03 5.53
N PRO D 437 42.72 -3.83 5.00
CA PRO D 437 43.06 -2.65 5.79
C PRO D 437 42.28 -2.51 7.06
N LEU D 438 42.87 -1.75 7.97
CA LEU D 438 42.30 -1.43 9.28
C LEU D 438 40.82 -0.93 9.29
N TRP D 439 40.46 -0.10 8.32
CA TRP D 439 39.12 0.43 8.33
C TRP D 439 38.07 -0.66 8.29
N MET D 440 38.33 -1.76 7.58
CA MET D 440 37.36 -2.85 7.53
C MET D 440 37.19 -3.67 8.80
N GLY D 441 38.02 -3.45 9.84
CA GLY D 441 37.79 -4.06 11.17
C GLY D 441 37.79 -5.58 11.09
N VAL D 442 37.00 -6.33 11.87
CA VAL D 442 36.88 -7.79 11.63
C VAL D 442 35.91 -8.14 10.50
N PRO D 443 36.37 -8.47 9.29
CA PRO D 443 35.28 -8.66 8.28
C PRO D 443 34.64 -10.01 8.31
N HIS D 444 33.52 -10.05 7.57
CA HIS D 444 32.68 -11.23 7.34
C HIS D 444 33.54 -12.47 7.04
N GLY D 445 33.43 -13.55 7.81
CA GLY D 445 34.20 -14.79 7.58
C GLY D 445 35.49 -14.93 8.38
N TYR D 446 36.01 -13.82 8.91
CA TYR D 446 37.32 -13.93 9.56
C TYR D 446 37.33 -14.45 11.00
N GLU D 447 36.23 -15.06 11.42
CA GLU D 447 36.26 -15.77 12.65
C GLU D 447 36.46 -17.24 12.37
N ILE D 448 36.27 -17.69 11.12
CA ILE D 448 36.33 -19.11 10.78
C ILE D 448 37.72 -19.70 11.10
N GLU D 449 38.78 -19.04 10.62
CA GLU D 449 40.14 -19.51 10.89
C GLU D 449 40.35 -19.74 12.38
N PHE D 450 39.89 -18.85 13.26
CA PHE D 450 39.91 -19.18 14.68
C PHE D 450 39.07 -20.36 15.15
N ILE D 451 37.80 -20.49 14.78
CA ILE D 451 37.04 -21.66 15.24
C ILE D 451 37.72 -22.99 14.85
N PHE D 452 38.29 -23.04 13.65
CA PHE D 452 38.85 -24.31 13.14
C PHE D 452 40.25 -24.66 13.75
N GLY D 453 40.90 -23.66 14.35
CA GLY D 453 42.10 -23.87 15.13
C GLY D 453 43.32 -23.59 14.29
N LEU D 454 43.14 -22.95 13.15
CA LEU D 454 44.32 -22.56 12.35
C LEU D 454 45.48 -21.98 13.16
N PRO D 455 45.18 -21.11 14.15
CA PRO D 455 46.30 -20.56 14.93
C PRO D 455 47.23 -21.57 15.61
N LEU D 456 46.78 -22.83 15.82
CA LEU D 456 47.60 -23.86 16.47
C LEU D 456 48.79 -24.32 15.63
N ASP D 457 48.73 -24.05 14.35
CA ASP D 457 49.81 -24.34 13.45
C ASP D 457 50.89 -23.24 13.55
N PRO D 458 52.10 -23.61 14.06
CA PRO D 458 53.11 -22.60 14.42
C PRO D 458 53.74 -21.94 13.18
N SER D 459 53.67 -22.62 12.03
CA SER D 459 54.15 -22.03 10.81
C SER D 459 53.19 -20.96 10.25
N LEU D 460 52.07 -20.72 10.94
CA LEU D 460 51.10 -19.77 10.38
C LEU D 460 51.25 -18.40 10.94
N ASN D 461 52.07 -18.27 11.97
CA ASN D 461 52.57 -16.94 12.39
C ASN D 461 51.49 -16.14 13.19
N TYR D 462 50.54 -16.87 13.75
CA TYR D 462 49.61 -16.26 14.68
C TYR D 462 50.33 -16.01 15.98
N THR D 463 50.03 -14.90 16.65
CA THR D 463 50.58 -14.66 17.99
C THR D 463 50.13 -15.70 19.00
N THR D 464 50.74 -15.66 20.17
CA THR D 464 50.53 -16.63 21.24
C THR D 464 49.14 -16.57 21.90
N GLU D 465 48.53 -15.38 22.07
CA GLU D 465 47.16 -15.36 22.64
C GLU D 465 46.21 -15.76 21.58
N GLU D 466 46.53 -15.44 20.34
CA GLU D 466 45.74 -15.94 19.26
C GLU D 466 45.69 -17.46 19.36
N ARG D 467 46.84 -18.08 19.61
CA ARG D 467 46.90 -19.52 19.82
C ARG D 467 46.05 -19.94 21.04
N ILE D 468 46.10 -19.17 22.13
CA ILE D 468 45.33 -19.53 23.33
C ILE D 468 43.86 -19.26 23.11
N PHE D 469 43.55 -18.15 22.43
CA PHE D 469 42.16 -17.74 22.01
C PHE D 469 41.53 -18.85 21.13
N ALA D 470 42.22 -19.24 20.07
CA ALA D 470 41.70 -20.26 19.22
C ALA D 470 41.28 -21.45 20.06
N GLN D 471 42.05 -21.82 21.07
CA GLN D 471 41.60 -23.02 21.76
C GLN D 471 40.43 -22.79 22.70
N ARG D 472 40.21 -21.55 23.09
CA ARG D 472 39.06 -21.27 23.94
C ARG D 472 37.84 -21.51 23.04
N LEU D 473 37.92 -20.92 21.84
CA LEU D 473 36.87 -21.06 20.85
C LEU D 473 36.63 -22.52 20.57
N MET D 474 37.70 -23.28 20.30
CA MET D 474 37.49 -24.69 20.00
C MET D 474 36.81 -25.40 21.12
N LYS D 475 37.00 -24.89 22.35
CA LYS D 475 36.39 -25.54 23.49
C LYS D 475 34.95 -25.20 23.57
N TYR D 476 34.63 -23.92 23.32
CA TYR D 476 33.24 -23.50 23.33
C TYR D 476 32.43 -24.27 22.27
N TRP D 477 32.95 -24.39 21.04
CA TRP D 477 32.19 -25.06 19.99
C TRP D 477 31.98 -26.55 20.30
N THR D 478 33.06 -27.26 20.61
CA THR D 478 32.93 -28.68 21.02
C THR D 478 32.22 -28.87 22.38
N ASN D 479 32.34 -27.93 23.29
CA ASN D 479 31.46 -28.03 24.46
C ASN D 479 30.03 -28.03 24.05
N PHE D 480 29.68 -27.04 23.22
CA PHE D 480 28.34 -26.91 22.70
C PHE D 480 27.95 -28.15 21.88
N ALA D 481 28.89 -28.72 21.13
CA ALA D 481 28.60 -29.90 20.33
C ALA D 481 28.21 -31.08 21.20
N ARG D 482 28.99 -31.31 22.26
CA ARG D 482 28.74 -32.41 23.19
C ARG D 482 27.48 -32.25 24.04
N THR D 483 27.19 -31.04 24.52
CA THR D 483 26.13 -30.87 25.53
C THR D 483 24.97 -29.91 25.17
N GLY D 484 25.21 -28.99 24.23
CA GLY D 484 24.22 -27.97 23.87
C GLY D 484 24.43 -26.77 24.74
N ASP D 485 25.62 -26.70 25.36
CA ASP D 485 26.02 -25.66 26.32
C ASP D 485 27.48 -25.35 26.08
N PRO D 486 27.80 -24.10 25.75
CA PRO D 486 29.16 -23.82 25.38
C PRO D 486 30.06 -23.74 26.59
N ASN D 487 29.44 -23.88 27.77
CA ASN D 487 30.10 -23.63 29.04
C ASN D 487 30.78 -24.85 29.55
N ASP D 488 31.98 -24.63 30.06
CA ASP D 488 32.74 -25.67 30.72
C ASP D 488 31.97 -26.25 31.94
N PRO D 489 31.75 -27.60 31.96
CA PRO D 489 30.88 -28.19 33.02
C PRO D 489 31.42 -27.95 34.45
N ARG D 490 30.50 -27.87 35.42
CA ARG D 490 30.63 -27.12 36.74
C ARG D 490 31.66 -25.92 36.89
N ASP D 491 32.88 -26.09 36.33
CA ASP D 491 34.01 -25.09 36.33
C ASP D 491 34.17 -24.04 37.48
N SER D 492 33.65 -22.80 37.28
CA SER D 492 33.97 -21.61 38.14
C SER D 492 35.19 -20.82 37.54
N LYS D 493 35.40 -19.54 37.94
CA LYS D 493 36.50 -18.68 37.39
C LYS D 493 35.89 -17.92 36.17
N SER D 494 36.21 -18.42 34.95
CA SER D 494 35.41 -18.24 33.69
C SER D 494 35.40 -16.86 32.94
N PRO D 495 34.27 -16.11 32.89
CA PRO D 495 32.94 -16.31 33.48
C PRO D 495 31.96 -17.09 32.55
N GLN D 496 30.70 -17.20 32.97
CA GLN D 496 29.69 -17.99 32.26
C GLN D 496 29.21 -17.30 31.02
N TRP D 497 28.74 -18.09 30.07
CA TRP D 497 28.07 -17.61 28.90
C TRP D 497 26.58 -17.87 29.14
N PRO D 498 25.83 -16.80 29.40
CA PRO D 498 24.43 -17.04 29.65
C PRO D 498 23.65 -17.21 28.33
N PRO D 499 22.57 -18.00 28.35
CA PRO D 499 21.64 -18.12 27.23
C PRO D 499 21.01 -16.78 26.92
N TYR D 500 20.99 -16.40 25.62
CA TYR D 500 20.16 -15.32 25.10
C TYR D 500 18.67 -15.59 25.39
N THR D 501 17.93 -14.57 25.83
CA THR D 501 16.48 -14.67 26.10
C THR D 501 15.81 -13.38 25.65
N THR D 502 14.51 -13.41 25.35
CA THR D 502 13.92 -12.16 24.89
C THR D 502 13.93 -11.17 26.02
N ALA D 503 13.73 -11.69 27.23
CA ALA D 503 13.72 -10.86 28.45
C ALA D 503 15.02 -10.04 28.58
N ALA D 504 16.17 -10.70 28.61
CA ALA D 504 17.40 -10.00 28.96
C ALA D 504 18.35 -9.78 27.79
N GLN D 505 18.09 -10.45 26.68
CA GLN D 505 18.86 -10.28 25.45
C GLN D 505 20.39 -10.29 25.65
N GLN D 506 20.83 -11.31 26.38
CA GLN D 506 22.26 -11.45 26.77
C GLN D 506 23.11 -12.16 25.74
N TYR D 507 24.25 -11.61 25.45
CA TYR D 507 25.11 -12.27 24.48
C TYR D 507 26.58 -12.02 24.88
N VAL D 508 27.53 -12.86 24.49
CA VAL D 508 28.86 -12.60 25.03
C VAL D 508 29.76 -12.00 23.99
N SER D 509 30.92 -11.56 24.42
CA SER D 509 31.82 -10.95 23.49
C SER D 509 33.01 -11.87 23.30
N LEU D 510 33.38 -12.21 22.07
CA LEU D 510 34.52 -13.12 21.83
C LEU D 510 35.72 -12.35 21.30
N ASN D 511 36.68 -12.08 22.18
CA ASN D 511 37.90 -11.34 21.85
C ASN D 511 39.01 -11.89 22.73
N LEU D 512 40.13 -11.16 22.77
CA LEU D 512 41.29 -11.64 23.54
C LEU D 512 41.04 -11.62 25.03
N LYS D 513 40.23 -10.64 25.52
CA LYS D 513 39.89 -10.53 26.96
C LYS D 513 39.05 -11.72 27.37
N PRO D 514 38.85 -11.95 28.67
CA PRO D 514 37.94 -13.12 28.91
C PRO D 514 36.48 -12.71 28.61
N LEU D 515 35.56 -13.66 28.52
CA LEU D 515 34.18 -13.36 28.15
C LEU D 515 33.58 -12.16 28.86
N GLU D 516 33.07 -11.17 28.11
CA GLU D 516 32.24 -10.12 28.72
C GLU D 516 30.77 -10.33 28.32
N VAL D 517 29.83 -10.30 29.27
CA VAL D 517 28.42 -10.39 28.91
C VAL D 517 27.90 -9.01 28.51
N ARG D 518 27.03 -8.97 27.49
CA ARG D 518 26.40 -7.74 26.99
C ARG D 518 24.91 -7.95 26.84
N ARG D 519 24.19 -6.84 26.80
CA ARG D 519 22.75 -6.92 26.77
C ARG D 519 22.17 -6.16 25.56
N GLY D 520 21.54 -6.88 24.64
CA GLY D 520 20.80 -6.20 23.58
C GLY D 520 21.64 -6.11 22.33
N LEU D 521 21.29 -6.95 21.36
CA LEU D 521 22.08 -7.07 20.19
C LEU D 521 21.63 -6.01 19.20
N ARG D 522 22.28 -4.84 19.20
CA ARG D 522 21.84 -3.68 18.42
CA ARG D 522 21.84 -3.68 18.42
C ARG D 522 20.34 -3.53 18.55
N ALA D 523 19.87 -3.58 19.78
CA ALA D 523 18.45 -3.55 20.08
C ALA D 523 17.60 -2.47 19.37
N GLN D 524 18.06 -1.21 19.35
CA GLN D 524 17.25 -0.10 18.77
C GLN D 524 17.23 -0.19 17.25
N THR D 525 18.43 -0.44 16.66
CA THR D 525 18.60 -0.52 15.21
C THR D 525 17.85 -1.71 14.62
N CYS D 526 17.93 -2.82 15.34
CA CYS D 526 17.23 -3.95 14.88
C CYS D 526 15.73 -3.82 14.96
N ALA D 527 15.20 -3.00 15.86
CA ALA D 527 13.75 -2.79 15.91
C ALA D 527 13.31 -2.06 14.64
N PHE D 528 14.19 -1.18 14.17
CA PHE D 528 14.01 -0.47 12.95
C PHE D 528 13.93 -1.44 11.79
N TRP D 529 14.91 -2.33 11.61
CA TRP D 529 14.96 -3.17 10.44
C TRP D 529 13.96 -4.30 10.56
N ASN D 530 13.72 -4.80 11.75
CA ASN D 530 12.86 -5.98 11.87
C ASN D 530 11.39 -5.68 12.05
N ARG D 531 11.05 -4.56 12.68
CA ARG D 531 9.66 -4.26 13.00
C ARG D 531 9.06 -3.14 12.12
N PHE D 532 9.80 -2.06 11.88
CA PHE D 532 9.21 -0.90 11.31
C PHE D 532 9.41 -0.87 9.84
N LEU D 533 10.63 -1.07 9.40
CA LEU D 533 10.94 -0.95 7.99
C LEU D 533 10.09 -1.81 7.05
N PRO D 534 9.69 -3.01 7.47
CA PRO D 534 8.80 -3.77 6.64
C PRO D 534 7.45 -3.11 6.50
N LYS D 535 6.95 -2.44 7.54
CA LYS D 535 5.67 -1.70 7.40
C LYS D 535 5.84 -0.58 6.42
N LEU D 536 6.99 0.07 6.47
CA LEU D 536 7.27 1.18 5.61
C LEU D 536 7.53 0.72 4.19
N LEU D 537 8.32 -0.33 3.96
CA LEU D 537 8.43 -0.99 2.62
C LEU D 537 7.06 -1.33 2.08
N SER D 538 6.24 -2.01 2.87
CA SER D 538 4.95 -2.43 2.40
C SER D 538 3.96 -1.28 2.11
N ALA D 539 3.99 -0.21 2.92
CA ALA D 539 3.00 0.92 2.76
C ALA D 539 3.41 1.92 1.69
N THR D 540 4.62 1.72 1.16
CA THR D 540 5.24 2.57 0.14
C THR D 540 5.67 1.82 -1.18
N ALA D 541 5.98 2.45 -2.23
#